data_5U6K
#
_entry.id   5U6K
#
_cell.length_a   98.164
_cell.length_b   96.817
_cell.length_c   127.050
_cell.angle_alpha   90.000
_cell.angle_beta   94.250
_cell.angle_gamma   90.000
#
_symmetry.space_group_name_H-M   'P 1 21 1'
#
loop_
_entity.id
_entity.type
_entity.pdbx_description
1 polymer 'DNA topoisomerase 2-binding protein 1'
2 polymer 'Bloom Sydrome recQ helicase like protein (BLM)'
#
loop_
_entity_poly.entity_id
_entity_poly.type
_entity_poly.pdbx_seq_one_letter_code
_entity_poly.pdbx_strand_id
1 'polypeptide(L)'
;GPLGSMEGLFSQKSFLVLGFSVENKCNIVDIIREHAGKIVSLPSRIVADYAVVPLLGCEVDVTVGEVVTNTWLVTCIDNQ
TLVDPKSNPLFTPVSVMSGVTPLEDCVISFSQCVGAERDSLVFLANHLGASVQEFFVRKANAKKGMLASTHLIVKEPTGS
KYEAAKKWSLPAVNISWLLETARIGKRADENHFLVDNAPK
;
A,B,C,D,E,F,G,H
2 'polypeptide(L)' DTDFVPP(SEP)PEEII L,M,N,O
#
# COMPACT_ATOMS: atom_id res chain seq x y z
N GLY A 8 6.18 10.31 27.91
CA GLY A 8 5.61 10.76 26.66
C GLY A 8 6.30 11.98 26.07
N LEU A 9 6.15 12.18 24.76
CA LEU A 9 6.84 13.28 24.08
C LEU A 9 6.39 14.63 24.63
N PHE A 10 5.08 14.86 24.71
CA PHE A 10 4.51 16.10 25.21
C PHE A 10 4.16 16.04 26.70
N SER A 11 4.81 15.15 27.44
CA SER A 11 4.52 15.02 28.87
C SER A 11 4.78 16.33 29.60
N GLN A 12 3.91 16.65 30.56
CA GLN A 12 3.94 17.90 31.32
C GLN A 12 3.77 19.12 30.42
N LYS A 13 3.03 18.98 29.31
CA LYS A 13 2.73 20.07 28.40
C LYS A 13 1.22 20.17 28.20
N SER A 14 0.70 21.39 28.23
CA SER A 14 -0.72 21.64 28.04
C SER A 14 -0.92 22.39 26.73
N PHE A 15 -2.00 22.07 26.03
CA PHE A 15 -2.24 22.54 24.68
C PHE A 15 -3.65 23.09 24.55
N LEU A 16 -3.79 24.07 23.67
CA LEU A 16 -5.07 24.52 23.14
C LEU A 16 -5.05 24.24 21.64
N VAL A 17 -6.18 23.78 21.11
CA VAL A 17 -6.32 23.51 19.69
C VAL A 17 -7.42 24.44 19.19
N LEU A 18 -7.06 25.38 18.31
CA LEU A 18 -7.96 26.41 17.85
C LEU A 18 -7.92 26.54 16.34
N GLY A 19 -9.07 26.91 15.77
CA GLY A 19 -9.16 27.30 14.38
C GLY A 19 -9.36 26.18 13.39
N PHE A 20 -9.55 24.95 13.86
CA PHE A 20 -9.71 23.80 12.96
C PHE A 20 -11.17 23.36 12.90
N SER A 21 -11.48 22.57 11.88
CA SER A 21 -12.80 21.97 11.79
C SER A 21 -12.94 20.86 12.82
N VAL A 22 -14.16 20.33 12.93
CA VAL A 22 -14.45 19.29 13.93
C VAL A 22 -13.57 18.06 13.71
N GLU A 23 -13.43 17.62 12.45
CA GLU A 23 -12.64 16.42 12.20
C GLU A 23 -11.16 16.66 12.44
N ASN A 24 -10.62 17.78 11.95
CA ASN A 24 -9.19 18.06 12.14
C ASN A 24 -8.86 18.25 13.60
N LYS A 25 -9.76 18.87 14.37
CA LYS A 25 -9.51 19.07 15.79
C LYS A 25 -9.38 17.74 16.51
N CYS A 26 -10.23 16.77 16.17
CA CYS A 26 -10.14 15.46 16.82
C CYS A 26 -8.83 14.77 16.50
N ASN A 27 -8.38 14.84 15.25
CA ASN A 27 -7.12 14.21 14.88
C ASN A 27 -5.97 14.86 15.62
N ILE A 28 -6.00 16.18 15.76
CA ILE A 28 -4.94 16.89 16.48
C ILE A 28 -5.03 16.60 17.98
N VAL A 29 -6.24 16.51 18.51
CA VAL A 29 -6.43 16.23 19.94
C VAL A 29 -5.91 14.84 20.29
N ASP A 30 -6.28 13.83 19.49
CA ASP A 30 -5.83 12.47 19.77
C ASP A 30 -4.31 12.35 19.63
N ILE A 31 -3.73 13.00 18.63
CA ILE A 31 -2.28 12.97 18.46
C ILE A 31 -1.58 13.51 19.70
N ILE A 32 -2.10 14.59 20.27
CA ILE A 32 -1.50 15.19 21.46
C ILE A 32 -1.64 14.24 22.66
N ARG A 33 -2.82 13.66 22.85
CA ARG A 33 -3.03 12.78 24.00
C ARG A 33 -2.20 11.52 23.90
N GLU A 34 -2.01 11.00 22.68
CA GLU A 34 -1.20 9.81 22.49
C GLU A 34 0.27 10.04 22.84
N HIS A 35 0.69 11.29 23.03
CA HIS A 35 2.04 11.61 23.43
C HIS A 35 2.08 12.33 24.77
N ALA A 36 1.14 11.98 25.66
CA ALA A 36 1.08 12.44 27.04
C ALA A 36 0.76 13.93 27.19
N GLY A 37 0.24 14.57 26.14
CA GLY A 37 -0.09 15.98 26.23
C GLY A 37 -1.42 16.22 26.92
N LYS A 38 -1.53 17.38 27.55
CA LYS A 38 -2.73 17.78 28.28
C LYS A 38 -3.50 18.83 27.47
N ILE A 39 -4.82 18.72 27.48
CA ILE A 39 -5.69 19.61 26.70
C ILE A 39 -6.50 20.50 27.62
N VAL A 40 -6.30 21.81 27.49
CA VAL A 40 -7.03 22.80 28.28
C VAL A 40 -8.37 23.05 27.60
N SER A 41 -9.46 22.91 28.36
CA SER A 41 -10.80 23.21 27.86
C SER A 41 -11.15 24.65 28.17
N LEU A 42 -11.34 25.47 27.14
CA LEU A 42 -11.73 26.85 27.36
C LEU A 42 -13.21 26.94 27.75
N PRO A 43 -13.57 27.96 28.57
CA PRO A 43 -12.68 28.89 29.28
C PRO A 43 -12.07 28.27 30.52
N SER A 44 -10.87 28.71 30.89
CA SER A 44 -10.15 28.13 32.01
C SER A 44 -9.30 29.20 32.69
N ARG A 45 -8.79 28.85 33.87
CA ARG A 45 -7.76 29.63 34.53
C ARG A 45 -6.35 29.17 34.17
N ILE A 46 -6.23 28.08 33.42
CA ILE A 46 -4.93 27.53 33.07
C ILE A 46 -4.37 28.30 31.88
N VAL A 47 -3.15 28.82 32.01
CA VAL A 47 -2.44 29.39 30.88
C VAL A 47 -1.72 28.23 30.20
N ALA A 48 -2.22 27.81 29.04
CA ALA A 48 -1.66 26.67 28.33
C ALA A 48 -0.26 26.97 27.82
N ASP A 49 0.56 25.92 27.73
CA ASP A 49 1.91 26.12 27.20
C ASP A 49 1.84 26.49 25.72
N TYR A 50 0.99 25.82 24.97
CA TYR A 50 0.92 26.00 23.53
C TYR A 50 -0.53 26.16 23.08
N ALA A 51 -0.70 26.88 21.97
CA ALA A 51 -1.96 26.96 21.25
C ALA A 51 -1.67 26.55 19.81
N VAL A 52 -2.17 25.39 19.40
CA VAL A 52 -1.98 24.89 18.05
C VAL A 52 -3.02 25.51 17.14
N VAL A 53 -2.57 26.24 16.12
CA VAL A 53 -3.48 26.96 15.21
C VAL A 53 -3.15 26.60 13.76
N PRO A 54 -4.02 26.91 12.80
CA PRO A 54 -3.68 26.64 11.40
C PRO A 54 -2.48 27.47 10.94
N LEU A 55 -1.94 27.08 9.78
CA LEU A 55 -0.73 27.73 9.28
C LEU A 55 -0.88 29.23 9.15
N LEU A 56 -2.02 29.70 8.61
CA LEU A 56 -2.25 31.14 8.52
C LEU A 56 -2.81 31.73 9.81
N GLY A 57 -2.95 30.93 10.86
CA GLY A 57 -3.39 31.44 12.14
C GLY A 57 -4.89 31.55 12.29
N CYS A 58 -5.29 31.99 13.48
CA CYS A 58 -6.68 32.20 13.80
C CYS A 58 -6.75 33.16 14.98
N GLU A 59 -7.97 33.42 15.43
CA GLU A 59 -8.19 34.31 16.56
C GLU A 59 -7.80 33.59 17.84
N VAL A 60 -6.89 34.18 18.61
CA VAL A 60 -6.48 33.64 19.90
C VAL A 60 -6.73 34.74 20.93
N ASP A 61 -7.74 34.55 21.78
CA ASP A 61 -8.13 35.56 22.76
C ASP A 61 -7.70 35.20 24.17
N VAL A 62 -7.00 34.08 24.35
CA VAL A 62 -6.51 33.64 25.65
C VAL A 62 -5.00 33.75 25.66
N THR A 63 -4.45 34.21 26.77
CA THR A 63 -3.00 34.25 26.95
C THR A 63 -2.47 32.82 26.97
N VAL A 64 -1.42 32.59 26.18
CA VAL A 64 -0.73 31.30 26.15
C VAL A 64 0.77 31.54 26.19
N GLY A 65 1.53 30.44 26.29
CA GLY A 65 2.98 30.56 26.28
C GLY A 65 3.52 30.85 24.88
N GLU A 66 3.11 30.06 23.90
CA GLU A 66 3.52 30.24 22.50
C GLU A 66 2.39 29.82 21.58
N VAL A 67 2.15 30.59 20.52
CA VAL A 67 1.21 30.17 19.49
C VAL A 67 1.99 29.46 18.40
N VAL A 68 1.62 28.20 18.15
CA VAL A 68 2.33 27.35 17.19
C VAL A 68 1.31 26.76 16.23
N THR A 69 1.83 26.25 15.12
CA THR A 69 1.00 25.69 14.06
C THR A 69 0.93 24.17 14.16
N ASN A 70 -0.06 23.63 13.46
CA ASN A 70 -0.14 22.19 13.28
C ASN A 70 1.13 21.63 12.64
N THR A 71 1.83 22.43 11.83
CA THR A 71 3.05 21.96 11.18
C THR A 71 4.16 21.71 12.20
N TRP A 72 4.29 22.61 13.19
CA TRP A 72 5.26 22.38 14.26
C TRP A 72 4.93 21.10 15.01
N LEU A 73 3.65 20.87 15.28
CA LEU A 73 3.24 19.68 16.03
C LEU A 73 3.62 18.41 15.28
N VAL A 74 3.21 18.30 14.02
CA VAL A 74 3.48 17.11 13.24
C VAL A 74 4.97 16.90 13.05
N THR A 75 5.74 18.00 12.96
CA THR A 75 7.19 17.89 12.84
C THR A 75 7.81 17.28 14.11
N CYS A 76 7.28 17.64 15.28
CA CYS A 76 7.77 17.09 16.54
C CYS A 76 7.56 15.58 16.60
N ILE A 77 6.40 15.10 16.12
CA ILE A 77 6.10 13.68 16.16
C ILE A 77 6.96 12.91 15.16
N ASP A 78 7.15 13.46 13.96
CA ASP A 78 7.91 12.75 12.93
C ASP A 78 9.36 12.58 13.35
N ASN A 79 9.89 13.49 14.16
CA ASN A 79 11.27 13.41 14.64
C ASN A 79 11.40 12.94 16.08
N GLN A 80 10.29 12.69 16.76
CA GLN A 80 10.31 12.22 18.16
C GLN A 80 11.14 13.16 19.02
N THR A 81 11.01 14.45 18.77
CA THR A 81 11.81 15.47 19.42
C THR A 81 10.98 16.74 19.58
N LEU A 82 11.11 17.39 20.74
CA LEU A 82 10.44 18.66 20.98
C LEU A 82 11.25 19.74 20.27
N VAL A 83 10.84 20.09 19.06
CA VAL A 83 11.57 21.03 18.21
C VAL A 83 11.26 22.46 18.63
N ASP A 84 12.27 23.35 18.51
CA ASP A 84 12.05 24.76 18.85
C ASP A 84 11.07 25.42 17.89
N PRO A 85 9.97 25.99 18.37
CA PRO A 85 9.04 26.68 17.46
C PRO A 85 9.66 27.87 16.77
N LYS A 86 10.75 28.42 17.32
CA LYS A 86 11.40 29.57 16.72
C LYS A 86 12.41 29.21 15.65
N SER A 87 12.57 27.92 15.33
CA SER A 87 13.59 27.51 14.38
C SER A 87 13.06 27.39 12.96
N ASN A 88 11.82 27.78 12.72
CA ASN A 88 11.26 27.72 11.37
C ASN A 88 10.04 28.64 11.29
N PRO A 89 9.97 29.49 10.26
CA PRO A 89 8.82 30.41 10.14
C PRO A 89 7.49 29.70 9.97
N LEU A 90 7.49 28.44 9.51
CA LEU A 90 6.28 27.64 9.37
C LEU A 90 5.78 27.05 10.69
N PHE A 91 6.56 27.18 11.76
CA PHE A 91 6.14 26.67 13.07
C PHE A 91 5.29 27.65 13.84
N THR A 92 5.31 28.92 13.46
CA THR A 92 4.44 29.95 13.99
C THR A 92 3.57 30.52 12.86
N PRO A 93 2.44 31.15 13.19
CA PRO A 93 1.51 31.63 12.15
C PRO A 93 2.17 32.50 11.09
N VAL A 94 1.87 32.20 9.82
CA VAL A 94 2.47 32.90 8.68
C VAL A 94 1.54 34.02 8.26
N SER A 95 2.06 35.24 8.23
CA SER A 95 1.29 36.41 7.81
C SER A 95 1.17 36.41 6.30
N VAL A 96 -0.06 36.42 5.79
CA VAL A 96 -0.35 36.37 4.37
C VAL A 96 -1.38 37.44 4.06
N MET A 97 -1.09 38.29 3.10
CA MET A 97 -2.06 39.30 2.69
C MET A 97 -3.22 38.63 1.96
N SER A 98 -4.42 38.81 2.48
CA SER A 98 -5.57 38.10 1.91
C SER A 98 -6.09 38.79 0.65
N GLY A 99 -6.79 38.00 -0.17
CA GLY A 99 -7.44 38.53 -1.35
C GLY A 99 -6.55 38.66 -2.57
N VAL A 100 -5.28 38.33 -2.45
CA VAL A 100 -4.31 38.50 -3.55
C VAL A 100 -3.75 37.14 -3.93
N THR A 101 -3.44 36.97 -5.21
CA THR A 101 -2.77 35.78 -5.73
C THR A 101 -1.55 36.25 -6.50
N PRO A 102 -0.47 36.62 -5.80
CA PRO A 102 0.68 37.23 -6.48
C PRO A 102 1.54 36.28 -7.29
N LEU A 103 1.41 34.97 -7.11
CA LEU A 103 2.24 34.01 -7.82
C LEU A 103 1.47 33.23 -8.89
N GLU A 104 0.34 33.78 -9.36
CA GLU A 104 -0.47 33.08 -10.33
C GLU A 104 0.28 32.79 -11.63
N ASP A 105 1.31 33.57 -11.91
CA ASP A 105 2.09 33.45 -13.13
C ASP A 105 3.28 32.51 -12.99
N CYS A 106 3.42 31.84 -11.84
CA CYS A 106 4.59 31.04 -11.54
C CYS A 106 4.30 29.55 -11.57
N VAL A 107 5.34 28.77 -11.88
CA VAL A 107 5.32 27.31 -11.82
C VAL A 107 6.48 26.91 -10.92
N ILE A 108 6.17 26.47 -9.70
CA ILE A 108 7.16 26.28 -8.65
C ILE A 108 7.46 24.80 -8.45
N SER A 109 8.74 24.47 -8.30
CA SER A 109 9.19 23.14 -7.91
C SER A 109 10.02 23.24 -6.63
N PHE A 110 9.86 22.25 -5.75
CA PHE A 110 10.57 22.27 -4.47
C PHE A 110 11.69 21.24 -4.46
N SER A 111 12.75 21.56 -3.71
CA SER A 111 13.87 20.65 -3.51
C SER A 111 14.39 20.81 -2.09
N GLN A 112 14.83 19.68 -1.52
CA GLN A 112 15.35 19.61 -0.15
C GLN A 112 14.28 19.91 0.89
N CYS A 113 13.01 19.72 0.54
CA CYS A 113 11.89 19.92 1.45
C CYS A 113 11.15 18.60 1.61
N VAL A 114 10.98 18.16 2.86
CA VAL A 114 10.45 16.85 3.16
C VAL A 114 9.36 16.97 4.22
N GLY A 115 8.34 16.13 4.12
CA GLY A 115 7.40 15.96 5.21
C GLY A 115 6.42 17.10 5.39
N ALA A 116 6.09 17.41 6.65
CA ALA A 116 5.11 18.45 6.93
C ALA A 116 5.58 19.81 6.46
N GLU A 117 6.89 20.04 6.44
CA GLU A 117 7.41 21.30 5.91
C GLU A 117 7.08 21.44 4.42
N ARG A 118 7.19 20.34 3.66
CA ARG A 118 6.87 20.38 2.25
C ARG A 118 5.39 20.61 2.02
N ASP A 119 4.53 19.96 2.81
CA ASP A 119 3.09 20.11 2.63
C ASP A 119 2.64 21.55 2.90
N SER A 120 3.16 22.17 3.96
CA SER A 120 2.80 23.56 4.23
C SER A 120 3.30 24.48 3.13
N LEU A 121 4.51 24.21 2.62
CA LEU A 121 5.04 25.04 1.54
C LEU A 121 4.19 24.89 0.27
N VAL A 122 3.78 23.67 -0.05
CA VAL A 122 2.89 23.46 -1.19
C VAL A 122 1.55 24.14 -0.95
N PHE A 123 1.10 24.17 0.31
CA PHE A 123 -0.14 24.89 0.63
C PHE A 123 0.01 26.38 0.36
N LEU A 124 1.13 26.97 0.80
CA LEU A 124 1.33 28.41 0.57
C LEU A 124 1.41 28.72 -0.92
N ALA A 125 2.15 27.91 -1.67
CA ALA A 125 2.32 28.20 -3.09
C ALA A 125 0.98 28.14 -3.82
N ASN A 126 0.16 27.14 -3.55
CA ASN A 126 -1.15 27.07 -4.18
C ASN A 126 -2.08 28.19 -3.68
N HIS A 127 -1.98 28.54 -2.39
CA HIS A 127 -2.80 29.61 -1.85
C HIS A 127 -2.46 30.97 -2.47
N LEU A 128 -1.24 31.14 -2.96
CA LEU A 128 -0.82 32.37 -3.59
C LEU A 128 -1.01 32.35 -5.10
N GLY A 129 -1.68 31.32 -5.63
CA GLY A 129 -2.00 31.25 -7.04
C GLY A 129 -1.03 30.46 -7.88
N ALA A 130 0.05 29.96 -7.30
CA ALA A 130 1.07 29.27 -8.08
C ALA A 130 0.63 27.86 -8.43
N SER A 131 1.27 27.32 -9.46
CA SER A 131 1.13 25.93 -9.88
C SER A 131 2.37 25.19 -9.43
N VAL A 132 2.20 24.12 -8.66
CA VAL A 132 3.30 23.36 -8.08
C VAL A 132 3.44 22.04 -8.84
N GLN A 133 4.66 21.75 -9.30
CA GLN A 133 4.95 20.53 -10.04
C GLN A 133 6.06 19.75 -9.36
N GLU A 134 5.90 18.42 -9.34
CA GLU A 134 6.94 17.55 -8.81
C GLU A 134 8.20 17.58 -9.66
N PHE A 135 8.07 17.92 -10.95
CA PHE A 135 9.19 17.98 -11.87
C PHE A 135 9.64 19.42 -12.10
N PHE A 136 10.93 19.58 -12.34
CA PHE A 136 11.56 20.86 -12.65
C PHE A 136 12.07 20.75 -14.08
N VAL A 137 11.25 21.18 -15.04
CA VAL A 137 11.46 20.85 -16.44
C VAL A 137 12.07 22.05 -17.17
N ARG A 138 12.78 21.75 -18.26
CA ARG A 138 13.31 22.78 -19.14
C ARG A 138 12.16 23.55 -19.79
N LYS A 139 11.53 22.94 -20.78
CA LYS A 139 10.44 23.55 -21.52
C LYS A 139 9.15 22.80 -21.27
N ALA A 140 8.04 23.37 -21.73
CA ALA A 140 6.74 22.79 -21.50
C ALA A 140 6.54 21.55 -22.38
N ASN A 141 5.93 20.52 -21.79
CA ASN A 141 5.60 19.28 -22.50
C ASN A 141 4.14 18.97 -22.22
N ALA A 142 3.27 19.37 -23.16
CA ALA A 142 1.83 19.15 -22.98
C ALA A 142 1.47 17.67 -23.03
N LYS A 143 2.25 16.87 -23.77
CA LYS A 143 1.95 15.45 -23.89
C LYS A 143 2.18 14.69 -22.59
N LYS A 144 2.92 15.25 -21.65
CA LYS A 144 3.15 14.63 -20.35
C LYS A 144 2.38 15.29 -19.23
N GLY A 145 1.60 16.33 -19.52
CA GLY A 145 0.91 17.07 -18.49
C GLY A 145 1.77 18.04 -17.72
N MET A 146 3.01 18.26 -18.15
CA MET A 146 3.94 19.15 -17.47
C MET A 146 3.97 20.51 -18.15
N LEU A 147 4.05 21.57 -17.35
CA LEU A 147 4.23 22.91 -17.86
C LEU A 147 5.67 23.35 -17.62
N ALA A 148 6.06 24.43 -18.30
CA ALA A 148 7.42 24.93 -18.11
C ALA A 148 7.58 25.46 -16.69
N SER A 149 8.78 25.33 -16.16
CA SER A 149 9.07 25.75 -14.79
C SER A 149 9.59 27.18 -14.77
N THR A 150 9.26 27.90 -13.70
CA THR A 150 9.69 29.28 -13.55
C THR A 150 10.54 29.53 -12.31
N HIS A 151 10.30 28.80 -11.22
CA HIS A 151 11.06 29.02 -10.00
C HIS A 151 11.42 27.70 -9.34
N LEU A 152 12.57 27.68 -8.69
CA LEU A 152 13.00 26.55 -7.87
C LEU A 152 13.24 27.07 -6.46
N ILE A 153 12.64 26.40 -5.48
CA ILE A 153 12.76 26.77 -4.09
C ILE A 153 13.62 25.70 -3.40
N VAL A 154 14.84 26.06 -3.01
CA VAL A 154 15.76 25.15 -2.34
C VAL A 154 16.30 25.80 -1.07
N LYS A 155 16.82 24.95 -0.19
CA LYS A 155 17.39 25.39 1.08
C LYS A 155 18.88 25.75 0.97
N GLU A 156 19.66 24.89 0.33
CA GLU A 156 21.10 25.06 0.19
C GLU A 156 21.47 24.86 -1.27
N PRO A 157 22.66 25.36 -1.69
CA PRO A 157 23.13 25.07 -3.05
C PRO A 157 23.36 23.57 -3.25
N THR A 158 23.88 23.20 -4.43
CA THR A 158 24.07 21.81 -4.84
C THR A 158 22.74 21.08 -4.95
N GLY A 159 22.76 19.93 -5.62
CA GLY A 159 21.57 19.15 -5.91
C GLY A 159 21.25 19.15 -7.40
N SER A 160 20.50 18.13 -7.81
CA SER A 160 20.19 17.94 -9.22
C SER A 160 19.39 19.12 -9.77
N LYS A 161 18.33 19.51 -9.05
CA LYS A 161 17.52 20.62 -9.52
C LYS A 161 18.26 21.95 -9.45
N TYR A 162 19.13 22.13 -8.47
CA TYR A 162 19.86 23.39 -8.34
C TYR A 162 20.85 23.58 -9.48
N GLU A 163 21.60 22.52 -9.82
CA GLU A 163 22.55 22.65 -10.93
C GLU A 163 21.83 22.93 -12.24
N ALA A 164 20.59 22.46 -12.38
CA ALA A 164 19.83 22.78 -13.58
C ALA A 164 19.30 24.20 -13.55
N ALA A 165 19.07 24.76 -12.36
CA ALA A 165 18.57 26.13 -12.28
C ALA A 165 19.63 27.13 -12.72
N LYS A 166 20.88 26.92 -12.31
CA LYS A 166 21.95 27.79 -12.81
C LYS A 166 22.22 27.55 -14.28
N LYS A 167 22.01 26.32 -14.75
CA LYS A 167 22.28 25.98 -16.14
C LYS A 167 21.20 26.50 -17.08
N TRP A 168 19.95 26.56 -16.63
CA TRP A 168 18.83 27.01 -17.45
C TRP A 168 18.44 28.45 -17.14
N SER A 169 19.24 29.15 -16.34
CA SER A 169 19.00 30.56 -15.99
C SER A 169 17.61 30.77 -15.36
N LEU A 170 17.21 29.82 -14.51
CA LEU A 170 15.97 29.93 -13.75
C LEU A 170 16.29 30.24 -12.29
N PRO A 171 15.54 31.12 -11.64
CA PRO A 171 15.88 31.55 -10.28
C PRO A 171 15.70 30.44 -9.25
N ALA A 172 16.77 30.16 -8.50
CA ALA A 172 16.74 29.25 -7.36
C ALA A 172 16.79 30.11 -6.11
N VAL A 173 15.69 30.10 -5.33
CA VAL A 173 15.53 31.04 -4.24
C VAL A 173 15.32 30.28 -2.93
N ASN A 174 15.40 31.02 -1.83
CA ASN A 174 15.14 30.48 -0.53
C ASN A 174 13.62 30.38 -0.30
N ILE A 175 13.25 29.73 0.80
CA ILE A 175 11.86 29.70 1.22
C ILE A 175 11.38 31.10 1.59
N SER A 176 12.29 31.95 2.07
CA SER A 176 11.90 33.30 2.48
C SER A 176 11.36 34.14 1.33
N TRP A 177 11.71 33.81 0.08
CA TRP A 177 11.09 34.49 -1.06
C TRP A 177 9.60 34.18 -1.12
N LEU A 178 9.22 32.94 -0.80
CA LEU A 178 7.81 32.57 -0.79
C LEU A 178 7.10 33.27 0.35
N LEU A 179 7.77 33.41 1.51
CA LEU A 179 7.15 34.05 2.67
C LEU A 179 7.05 35.56 2.49
N GLU A 180 8.10 36.19 1.95
CA GLU A 180 8.04 37.62 1.69
C GLU A 180 6.97 37.94 0.66
N THR A 181 6.82 37.08 -0.35
CA THR A 181 5.74 37.26 -1.31
C THR A 181 4.40 37.23 -0.62
N ALA A 182 4.22 36.28 0.32
CA ALA A 182 2.93 36.12 0.99
C ALA A 182 2.62 37.30 1.88
N ARG A 183 3.64 37.94 2.46
CA ARG A 183 3.40 39.05 3.37
C ARG A 183 3.06 40.33 2.62
N ILE A 184 3.78 40.62 1.53
CA ILE A 184 3.56 41.88 0.82
C ILE A 184 2.36 41.80 -0.11
N GLY A 185 2.02 40.60 -0.58
CA GLY A 185 1.00 40.45 -1.58
C GLY A 185 1.49 40.69 -2.99
N LYS A 186 2.77 40.99 -3.17
CA LYS A 186 3.39 41.15 -4.48
C LYS A 186 4.55 40.17 -4.61
N ARG A 187 4.81 39.75 -5.85
CA ARG A 187 5.92 38.85 -6.11
C ARG A 187 7.23 39.51 -5.74
N ALA A 188 7.92 38.93 -4.76
CA ALA A 188 9.14 39.53 -4.25
C ALA A 188 10.29 39.36 -5.24
N ASP A 189 11.27 40.26 -5.13
CA ASP A 189 12.43 40.26 -6.01
C ASP A 189 13.30 39.03 -5.72
N GLU A 190 13.47 38.17 -6.72
CA GLU A 190 14.24 36.95 -6.52
C GLU A 190 15.70 37.25 -6.21
N ASN A 191 16.24 38.36 -6.71
CA ASN A 191 17.65 38.68 -6.47
C ASN A 191 17.96 38.91 -5.00
N HIS A 192 16.96 39.27 -4.20
CA HIS A 192 17.11 39.45 -2.76
C HIS A 192 17.06 38.13 -2.01
N PHE A 193 16.80 37.02 -2.69
CA PHE A 193 16.62 35.73 -2.01
C PHE A 193 17.33 34.61 -2.76
N LEU A 194 18.34 34.93 -3.55
CA LEU A 194 19.07 33.89 -4.25
C LEU A 194 19.80 32.99 -3.26
N VAL A 195 19.97 31.73 -3.65
CA VAL A 195 20.58 30.75 -2.76
C VAL A 195 22.10 30.94 -2.71
N ASP A 196 22.70 31.39 -3.80
CA ASP A 196 24.14 31.63 -3.83
C ASP A 196 24.57 32.73 -2.87
N ASN A 197 23.64 33.58 -2.43
CA ASN A 197 23.93 34.68 -1.53
C ASN A 197 23.29 34.47 -0.16
N GLY B 8 -10.87 -68.56 49.74
CA GLY B 8 -11.41 -68.06 48.48
C GLY B 8 -10.69 -66.85 47.94
N LEU B 9 -10.82 -66.63 46.64
CA LEU B 9 -10.12 -65.52 45.99
C LEU B 9 -10.59 -64.17 46.54
N PHE B 10 -11.90 -63.96 46.60
CA PHE B 10 -12.46 -62.72 47.11
C PHE B 10 -12.81 -62.78 48.58
N SER B 11 -12.17 -63.66 49.35
CA SER B 11 -12.45 -63.78 50.77
C SER B 11 -12.17 -62.47 51.49
N GLN B 12 -13.03 -62.15 52.47
CA GLN B 12 -12.95 -60.92 53.25
C GLN B 12 -13.12 -59.67 52.39
N LYS B 13 -13.89 -59.79 51.30
CA LYS B 13 -14.18 -58.69 50.40
C LYS B 13 -15.69 -58.55 50.23
N SER B 14 -16.18 -57.32 50.22
CA SER B 14 -17.60 -57.02 50.04
C SER B 14 -17.79 -56.29 48.72
N PHE B 15 -18.89 -56.58 48.03
CA PHE B 15 -19.12 -56.09 46.69
C PHE B 15 -20.52 -55.49 46.56
N LEU B 16 -20.64 -54.52 45.67
CA LEU B 16 -21.90 -54.05 45.16
C LEU B 16 -21.94 -54.33 43.66
N VAL B 17 -23.11 -54.75 43.17
CA VAL B 17 -23.29 -55.04 41.75
C VAL B 17 -24.39 -54.12 41.25
N LEU B 18 -24.03 -53.19 40.37
CA LEU B 18 -24.90 -52.14 39.90
C LEU B 18 -24.86 -52.03 38.38
N GLY B 19 -26.00 -51.67 37.79
CA GLY B 19 -26.05 -51.32 36.39
C GLY B 19 -26.25 -52.47 35.42
N PHE B 20 -26.46 -53.68 35.90
CA PHE B 20 -26.64 -54.85 35.04
C PHE B 20 -28.11 -55.23 35.01
N SER B 21 -28.48 -56.02 34.00
CA SER B 21 -29.82 -56.57 33.96
C SER B 21 -29.97 -57.67 35.01
N VAL B 22 -31.21 -58.14 35.19
CA VAL B 22 -31.48 -59.15 36.22
C VAL B 22 -30.66 -60.40 35.97
N GLU B 23 -30.59 -60.85 34.72
CA GLU B 23 -29.84 -62.06 34.42
C GLU B 23 -28.35 -61.85 34.63
N ASN B 24 -27.82 -60.72 34.16
CA ASN B 24 -26.38 -60.47 34.30
C ASN B 24 -25.99 -60.30 35.76
N LYS B 25 -26.83 -59.63 36.56
CA LYS B 25 -26.51 -59.43 37.96
C LYS B 25 -26.45 -60.76 38.71
N CYS B 26 -27.37 -61.67 38.42
CA CYS B 26 -27.37 -62.97 39.10
C CYS B 26 -26.11 -63.75 38.77
N ASN B 27 -25.68 -63.73 37.51
CA ASN B 27 -24.47 -64.46 37.14
C ASN B 27 -23.25 -63.86 37.82
N ILE B 28 -23.19 -62.53 37.93
CA ILE B 28 -22.06 -61.89 38.59
C ILE B 28 -22.11 -62.12 40.09
N VAL B 29 -23.31 -62.09 40.68
CA VAL B 29 -23.44 -62.27 42.12
C VAL B 29 -22.98 -63.67 42.53
N ASP B 30 -23.42 -64.68 41.77
CA ASP B 30 -23.03 -66.06 42.08
C ASP B 30 -21.53 -66.25 41.89
N ILE B 31 -20.97 -65.63 40.85
CA ILE B 31 -19.53 -65.71 40.62
C ILE B 31 -18.75 -65.17 41.82
N ILE B 32 -19.23 -64.06 42.39
CA ILE B 32 -18.56 -63.49 43.55
C ILE B 32 -18.69 -64.42 44.75
N ARG B 33 -19.88 -64.97 44.97
CA ARG B 33 -20.10 -65.85 46.12
C ARG B 33 -19.31 -67.14 45.99
N GLU B 34 -19.15 -67.66 44.78
CA GLU B 34 -18.39 -68.89 44.57
C GLU B 34 -16.92 -68.72 44.91
N HIS B 35 -16.44 -67.49 45.08
CA HIS B 35 -15.06 -67.21 45.45
C HIS B 35 -14.97 -66.49 46.79
N ALA B 36 -15.88 -66.82 47.71
CA ALA B 36 -15.90 -66.35 49.09
C ALA B 36 -16.19 -64.86 49.23
N GLY B 37 -16.73 -64.23 48.18
CA GLY B 37 -17.06 -62.82 48.26
C GLY B 37 -18.41 -62.58 48.94
N LYS B 38 -18.53 -61.41 49.56
CA LYS B 38 -19.73 -61.00 50.27
C LYS B 38 -20.47 -59.94 49.46
N ILE B 39 -21.81 -60.02 49.45
CA ILE B 39 -22.65 -59.12 48.67
C ILE B 39 -23.37 -58.19 49.64
N VAL B 40 -23.15 -56.89 49.47
CA VAL B 40 -23.83 -55.88 50.27
C VAL B 40 -25.20 -55.58 49.67
N SER B 41 -26.25 -55.67 50.48
CA SER B 41 -27.60 -55.32 50.04
C SER B 41 -27.86 -53.85 50.34
N LEU B 42 -28.14 -53.06 49.30
CA LEU B 42 -28.48 -51.67 49.49
C LEU B 42 -29.96 -51.52 49.83
N PRO B 43 -30.31 -50.51 50.63
CA PRO B 43 -29.40 -49.57 51.32
C PRO B 43 -28.75 -50.21 52.55
N SER B 44 -27.54 -49.78 52.88
CA SER B 44 -26.82 -50.39 54.00
C SER B 44 -25.91 -49.36 54.64
N ARG B 45 -25.48 -49.69 55.86
CA ARG B 45 -24.49 -48.92 56.57
C ARG B 45 -23.06 -49.31 56.22
N ILE B 46 -22.90 -50.39 55.45
CA ILE B 46 -21.59 -50.96 55.16
C ILE B 46 -21.03 -50.27 53.92
N VAL B 47 -19.79 -49.78 54.03
CA VAL B 47 -19.06 -49.26 52.89
C VAL B 47 -18.38 -50.44 52.20
N ALA B 48 -18.90 -50.84 51.04
CA ALA B 48 -18.37 -51.99 50.32
C ALA B 48 -16.97 -51.74 49.79
N ASP B 49 -16.19 -52.81 49.67
CA ASP B 49 -14.85 -52.69 49.10
C ASP B 49 -14.90 -52.33 47.62
N TYR B 50 -15.79 -52.97 46.86
CA TYR B 50 -15.87 -52.78 45.42
C TYR B 50 -17.32 -52.58 44.99
N ALA B 51 -17.48 -51.88 43.87
CA ALA B 51 -18.76 -51.77 43.17
C ALA B 51 -18.54 -52.21 41.74
N VAL B 52 -19.10 -53.35 41.37
CA VAL B 52 -18.93 -53.88 40.02
C VAL B 52 -19.95 -53.22 39.11
N VAL B 53 -19.48 -52.53 38.09
CA VAL B 53 -20.35 -51.78 37.18
C VAL B 53 -19.99 -52.17 35.75
N PRO B 54 -20.86 -51.85 34.79
CA PRO B 54 -20.53 -52.12 33.39
C PRO B 54 -19.33 -51.31 32.91
N LEU B 55 -18.81 -51.71 31.75
CA LEU B 55 -17.59 -51.09 31.24
C LEU B 55 -17.75 -49.60 31.06
N LEU B 56 -18.87 -49.15 30.50
CA LEU B 56 -19.13 -47.72 30.34
C LEU B 56 -19.68 -47.07 31.59
N GLY B 57 -19.79 -47.81 32.69
CA GLY B 57 -20.18 -47.24 33.97
C GLY B 57 -21.68 -47.09 34.14
N CYS B 58 -22.04 -46.64 35.34
CA CYS B 58 -23.42 -46.36 35.67
C CYS B 58 -23.44 -45.42 36.88
N GLU B 59 -24.63 -45.12 37.36
CA GLU B 59 -24.79 -44.25 38.51
C GLU B 59 -24.41 -44.98 39.78
N VAL B 60 -23.49 -44.41 40.56
CA VAL B 60 -23.08 -44.96 41.84
C VAL B 60 -23.32 -43.88 42.87
N ASP B 61 -24.30 -44.09 43.75
CA ASP B 61 -24.67 -43.09 44.75
C ASP B 61 -24.21 -43.47 46.15
N VAL B 62 -23.50 -44.59 46.29
CA VAL B 62 -23.01 -45.05 47.58
C VAL B 62 -21.50 -44.95 47.58
N THR B 63 -20.93 -44.47 48.68
CA THR B 63 -19.48 -44.41 48.82
C THR B 63 -18.92 -45.82 48.89
N VAL B 64 -17.91 -46.09 48.06
CA VAL B 64 -17.24 -47.38 48.05
C VAL B 64 -15.73 -47.14 48.03
N GLY B 65 -14.98 -48.23 48.18
CA GLY B 65 -13.52 -48.12 48.14
C GLY B 65 -13.00 -47.91 46.73
N GLU B 66 -13.43 -48.76 45.80
CA GLU B 66 -13.03 -48.66 44.40
C GLU B 66 -14.18 -49.11 43.52
N VAL B 67 -14.41 -48.37 42.44
CA VAL B 67 -15.39 -48.75 41.43
C VAL B 67 -14.66 -49.54 40.35
N VAL B 68 -15.10 -50.77 40.11
CA VAL B 68 -14.46 -51.66 39.16
C VAL B 68 -15.48 -52.17 38.16
N THR B 69 -14.97 -52.71 37.06
CA THR B 69 -15.81 -53.20 35.97
C THR B 69 -15.99 -54.71 36.09
N ASN B 70 -16.99 -55.21 35.35
CA ASN B 70 -17.13 -56.64 35.19
C ASN B 70 -15.89 -57.25 34.55
N THR B 71 -15.19 -56.49 33.70
CA THR B 71 -13.98 -56.99 33.04
C THR B 71 -12.87 -57.22 34.04
N TRP B 72 -12.74 -56.35 35.04
CA TRP B 72 -11.77 -56.58 36.10
C TRP B 72 -12.09 -57.84 36.88
N LEU B 73 -13.38 -58.04 37.18
CA LEU B 73 -13.80 -59.20 37.97
C LEU B 73 -13.45 -60.49 37.26
N VAL B 74 -13.84 -60.61 35.98
CA VAL B 74 -13.60 -61.82 35.22
C VAL B 74 -12.12 -62.08 35.05
N THR B 75 -11.32 -61.02 34.91
CA THR B 75 -9.86 -61.19 34.80
C THR B 75 -9.27 -61.78 36.08
N CYS B 76 -9.80 -61.42 37.24
CA CYS B 76 -9.31 -62.00 38.48
C CYS B 76 -9.56 -63.50 38.54
N ILE B 77 -10.72 -63.96 38.09
CA ILE B 77 -11.03 -65.38 38.18
C ILE B 77 -10.22 -66.16 37.15
N ASP B 78 -10.06 -65.62 35.94
CA ASP B 78 -9.33 -66.35 34.90
C ASP B 78 -7.85 -66.53 35.27
N ASN B 79 -7.27 -65.62 36.06
CA ASN B 79 -5.89 -65.74 36.49
C ASN B 79 -5.75 -66.18 37.94
N GLN B 80 -6.85 -66.36 38.66
CA GLN B 80 -6.82 -66.79 40.07
C GLN B 80 -5.97 -65.84 40.92
N THR B 81 -6.08 -64.55 40.65
CA THR B 81 -5.27 -63.53 41.32
C THR B 81 -6.08 -62.25 41.47
N LEU B 82 -5.97 -61.61 42.62
CA LEU B 82 -6.60 -60.31 42.85
C LEU B 82 -5.74 -59.25 42.17
N VAL B 83 -6.11 -58.90 40.96
CA VAL B 83 -5.34 -57.98 40.11
C VAL B 83 -5.61 -56.54 40.51
N ASP B 84 -4.59 -55.69 40.41
CA ASP B 84 -4.75 -54.28 40.73
C ASP B 84 -5.68 -53.60 39.72
N PRO B 85 -6.79 -53.00 40.15
CA PRO B 85 -7.67 -52.32 39.19
C PRO B 85 -7.01 -51.15 38.50
N LYS B 86 -5.92 -50.63 39.04
CA LYS B 86 -5.22 -49.51 38.45
C LYS B 86 -4.22 -49.92 37.37
N SER B 87 -4.12 -51.22 37.09
CA SER B 87 -3.16 -51.69 36.10
C SER B 87 -3.75 -51.82 34.70
N ASN B 88 -5.00 -51.41 34.50
CA ASN B 88 -5.60 -51.43 33.17
C ASN B 88 -6.83 -50.53 33.11
N PRO B 89 -6.91 -49.65 32.10
CA PRO B 89 -8.06 -48.73 32.02
C PRO B 89 -9.40 -49.42 31.83
N LEU B 90 -9.41 -50.66 31.35
CA LEU B 90 -10.66 -51.40 31.20
C LEU B 90 -11.16 -51.98 32.52
N PHE B 91 -10.39 -51.89 33.60
CA PHE B 91 -10.80 -52.39 34.90
C PHE B 91 -11.62 -51.38 35.69
N THR B 92 -11.55 -50.12 35.32
CA THR B 92 -12.38 -49.06 35.88
C THR B 92 -13.25 -48.46 34.77
N PRO B 93 -14.36 -47.82 35.12
CA PRO B 93 -15.30 -47.32 34.09
C PRO B 93 -14.62 -46.46 33.05
N VAL B 94 -14.94 -46.72 31.78
CA VAL B 94 -14.36 -46.02 30.64
C VAL B 94 -15.32 -44.92 30.21
N SER B 95 -14.82 -43.69 30.15
CA SER B 95 -15.63 -42.55 29.73
C SER B 95 -15.75 -42.55 28.21
N VAL B 96 -16.99 -42.54 27.71
CA VAL B 96 -17.26 -42.59 26.28
C VAL B 96 -18.28 -41.51 25.96
N MET B 97 -17.96 -40.65 24.99
CA MET B 97 -18.91 -39.64 24.54
C MET B 97 -20.06 -40.31 23.81
N SER B 98 -21.28 -40.10 24.29
CA SER B 98 -22.43 -40.77 23.71
C SER B 98 -22.91 -40.06 22.45
N GLY B 99 -23.61 -40.82 21.61
CA GLY B 99 -24.23 -40.27 20.42
C GLY B 99 -23.32 -40.15 19.22
N VAL B 100 -22.06 -40.52 19.36
CA VAL B 100 -21.08 -40.36 18.30
C VAL B 100 -20.53 -41.73 17.93
N THR B 101 -20.21 -41.90 16.65
CA THR B 101 -19.54 -43.09 16.14
C THR B 101 -18.32 -42.62 15.35
N PRO B 102 -17.24 -42.24 16.06
CA PRO B 102 -16.09 -41.63 15.37
C PRO B 102 -15.22 -42.59 14.58
N LEU B 103 -15.35 -43.91 14.80
CA LEU B 103 -14.50 -44.89 14.13
C LEU B 103 -15.25 -45.67 13.06
N GLU B 104 -16.36 -45.12 12.55
CA GLU B 104 -17.18 -45.85 11.60
C GLU B 104 -16.42 -46.15 10.31
N ASP B 105 -15.41 -45.36 9.98
CA ASP B 105 -14.65 -45.51 8.74
C ASP B 105 -13.45 -46.43 8.87
N CYS B 106 -13.28 -47.08 10.03
CA CYS B 106 -12.08 -47.86 10.32
C CYS B 106 -12.37 -49.35 10.32
N VAL B 107 -11.34 -50.13 10.02
CA VAL B 107 -11.38 -51.59 10.09
C VAL B 107 -10.22 -52.00 10.99
N ILE B 108 -10.54 -52.41 12.22
CA ILE B 108 -9.55 -52.63 13.27
C ILE B 108 -9.30 -54.11 13.48
N SER B 109 -8.02 -54.47 13.61
CA SER B 109 -7.61 -55.82 14.00
C SER B 109 -6.77 -55.72 15.27
N PHE B 110 -6.95 -56.68 16.17
CA PHE B 110 -6.27 -56.68 17.46
C PHE B 110 -5.16 -57.72 17.49
N SER B 111 -4.10 -57.41 18.25
CA SER B 111 -2.99 -58.32 18.46
C SER B 111 -2.46 -58.17 19.87
N GLN B 112 -1.99 -59.28 20.44
CA GLN B 112 -1.47 -59.35 21.81
C GLN B 112 -2.54 -59.04 22.86
N CYS B 113 -3.81 -59.24 22.52
CA CYS B 113 -4.91 -59.05 23.45
C CYS B 113 -5.68 -60.35 23.59
N VAL B 114 -5.85 -60.81 24.84
CA VAL B 114 -6.42 -62.13 25.11
C VAL B 114 -7.52 -61.98 26.16
N GLY B 115 -8.58 -62.77 26.02
CA GLY B 115 -9.55 -62.93 27.09
C GLY B 115 -10.50 -61.78 27.28
N ALA B 116 -10.80 -61.47 28.54
CA ALA B 116 -11.77 -60.42 28.85
C ALA B 116 -11.30 -59.07 28.34
N GLU B 117 -9.98 -58.85 28.28
CA GLU B 117 -9.47 -57.61 27.71
C GLU B 117 -9.80 -57.52 26.23
N ARG B 118 -9.58 -58.60 25.48
CA ARG B 118 -9.91 -58.62 24.06
C ARG B 118 -11.40 -58.38 23.84
N ASP B 119 -12.26 -59.01 24.64
CA ASP B 119 -13.70 -58.89 24.43
C ASP B 119 -14.17 -57.47 24.70
N SER B 120 -13.67 -56.84 25.77
CA SER B 120 -14.06 -55.46 26.06
C SER B 120 -13.57 -54.51 24.96
N LEU B 121 -12.35 -54.74 24.45
CA LEU B 121 -11.83 -53.88 23.39
C LEU B 121 -12.65 -54.00 22.12
N VAL B 122 -13.07 -55.22 21.76
CA VAL B 122 -13.94 -55.40 20.61
C VAL B 122 -15.29 -54.74 20.86
N PHE B 123 -15.76 -54.75 22.10
CA PHE B 123 -17.00 -54.06 22.43
C PHE B 123 -16.87 -52.56 22.20
N LEU B 124 -15.76 -51.96 22.65
CA LEU B 124 -15.56 -50.54 22.44
C LEU B 124 -15.45 -50.21 20.96
N ALA B 125 -14.68 -51.00 20.22
CA ALA B 125 -14.47 -50.71 18.81
C ALA B 125 -15.77 -50.78 18.03
N ASN B 126 -16.61 -51.79 18.31
CA ASN B 126 -17.91 -51.86 17.66
C ASN B 126 -18.83 -50.75 18.14
N HIS B 127 -18.72 -50.36 19.42
CA HIS B 127 -19.54 -49.29 19.95
C HIS B 127 -19.23 -47.95 19.29
N LEU B 128 -18.02 -47.78 18.77
CA LEU B 128 -17.65 -46.54 18.10
C LEU B 128 -17.86 -46.61 16.59
N GLY B 129 -18.49 -47.68 16.09
CA GLY B 129 -18.82 -47.80 14.70
C GLY B 129 -17.82 -48.55 13.85
N ALA B 130 -16.70 -48.98 14.43
CA ALA B 130 -15.67 -49.64 13.66
C ALA B 130 -16.04 -51.09 13.37
N SER B 131 -15.40 -51.64 12.35
CA SER B 131 -15.54 -53.04 11.97
C SER B 131 -14.29 -53.78 12.45
N VAL B 132 -14.49 -54.85 13.22
CA VAL B 132 -13.39 -55.60 13.81
C VAL B 132 -13.27 -56.92 13.07
N GLN B 133 -12.05 -57.23 12.63
CA GLN B 133 -11.78 -58.47 11.91
C GLN B 133 -10.66 -59.25 12.60
N GLU B 134 -10.78 -60.57 12.56
CA GLU B 134 -9.73 -61.42 13.12
C GLU B 134 -8.47 -61.36 12.26
N PHE B 135 -8.62 -61.15 10.96
CA PHE B 135 -7.49 -61.05 10.06
C PHE B 135 -7.01 -59.61 9.96
N PHE B 136 -5.81 -59.46 9.38
CA PHE B 136 -5.20 -58.15 9.13
C PHE B 136 -4.68 -58.22 7.69
N VAL B 137 -5.49 -57.76 6.74
CA VAL B 137 -5.28 -58.03 5.33
C VAL B 137 -4.60 -56.84 4.66
N ARG B 138 -3.97 -57.10 3.52
CA ARG B 138 -3.38 -56.07 2.68
C ARG B 138 -4.47 -55.23 2.04
N LYS B 139 -5.07 -55.75 0.97
CA LYS B 139 -6.14 -55.10 0.24
C LYS B 139 -7.46 -55.82 0.49
N ALA B 140 -8.54 -55.17 0.08
CA ALA B 140 -9.87 -55.75 0.26
C ALA B 140 -10.01 -57.02 -0.56
N ASN B 141 -10.82 -57.96 -0.04
CA ASN B 141 -11.01 -59.23 -0.72
C ASN B 141 -12.33 -59.84 -0.24
N ALA B 142 -13.18 -60.21 -1.19
CA ALA B 142 -14.44 -60.88 -0.89
C ALA B 142 -14.27 -62.39 -0.82
N LYS B 143 -13.24 -62.84 -0.11
CA LYS B 143 -12.98 -64.26 0.09
C LYS B 143 -14.15 -64.90 0.81
N LYS B 144 -14.24 -64.70 2.13
CA LYS B 144 -15.41 -65.08 2.89
C LYS B 144 -16.21 -63.87 3.33
N GLY B 145 -15.81 -62.67 2.92
CA GLY B 145 -16.47 -61.45 3.33
C GLY B 145 -15.51 -60.50 4.03
N MET B 146 -14.23 -60.55 3.66
CA MET B 146 -13.22 -59.73 4.30
C MET B 146 -13.22 -58.31 3.73
N LEU B 147 -12.69 -57.38 4.52
CA LEU B 147 -12.54 -56.00 4.10
C LEU B 147 -11.10 -55.57 4.32
N ALA B 148 -10.72 -54.47 3.68
CA ALA B 148 -9.37 -53.95 3.84
C ALA B 148 -9.16 -53.44 5.26
N SER B 149 -7.94 -53.58 5.75
CA SER B 149 -7.63 -53.17 7.12
C SER B 149 -7.12 -51.74 7.13
N THR B 150 -7.44 -51.02 8.21
CA THR B 150 -7.01 -49.64 8.37
C THR B 150 -6.19 -49.39 9.62
N HIS B 151 -6.42 -50.12 10.71
CA HIS B 151 -5.67 -49.91 11.95
C HIS B 151 -5.35 -51.24 12.60
N LEU B 152 -4.19 -51.26 13.27
CA LEU B 152 -3.77 -52.38 14.10
C LEU B 152 -3.55 -51.88 15.51
N ILE B 153 -4.17 -52.54 16.47
CA ILE B 153 -4.06 -52.18 17.88
C ILE B 153 -3.24 -53.26 18.56
N VAL B 154 -2.00 -52.92 18.96
CA VAL B 154 -1.09 -53.83 19.63
C VAL B 154 -0.56 -53.15 20.88
N LYS B 155 -0.01 -53.96 21.80
CA LYS B 155 0.53 -53.46 23.05
C LYS B 155 2.02 -53.10 22.92
N GLU B 156 2.81 -53.98 22.34
CA GLU B 156 4.25 -53.81 22.20
C GLU B 156 4.64 -54.12 20.76
N PRO B 157 5.82 -53.65 20.31
CA PRO B 157 6.30 -54.03 18.97
C PRO B 157 6.52 -55.53 18.82
N THR B 158 7.07 -55.93 17.67
CA THR B 158 7.26 -57.33 17.28
C THR B 158 5.92 -58.05 17.13
N GLY B 159 5.94 -59.21 16.48
CA GLY B 159 4.74 -59.96 16.18
C GLY B 159 4.44 -59.98 14.69
N SER B 160 3.67 -60.99 14.27
CA SER B 160 3.38 -61.17 12.85
C SER B 160 2.58 -59.99 12.30
N LYS B 161 1.51 -59.59 13.00
CA LYS B 161 0.70 -58.48 12.50
C LYS B 161 1.46 -57.16 12.57
N TYR B 162 2.34 -56.99 13.57
CA TYR B 162 3.07 -55.74 13.68
C TYR B 162 4.06 -55.58 12.53
N GLU B 163 4.82 -56.63 12.22
CA GLU B 163 5.79 -56.54 11.13
C GLU B 163 5.09 -56.28 9.81
N ALA B 164 3.84 -56.74 9.66
CA ALA B 164 3.09 -56.44 8.45
C ALA B 164 2.58 -55.01 8.44
N ALA B 165 2.36 -54.42 9.61
CA ALA B 165 1.87 -53.05 9.68
C ALA B 165 2.93 -52.06 9.20
N LYS B 166 4.20 -52.28 9.56
CA LYS B 166 5.25 -51.40 9.07
C LYS B 166 5.50 -51.57 7.59
N LYS B 167 5.30 -52.78 7.05
CA LYS B 167 5.55 -53.01 5.64
C LYS B 167 4.44 -52.44 4.75
N TRP B 168 3.20 -52.43 5.24
CA TRP B 168 2.06 -51.97 4.46
C TRP B 168 1.68 -50.53 4.80
N SER B 169 2.52 -49.84 5.58
CA SER B 169 2.30 -48.44 5.96
C SER B 169 0.95 -48.25 6.64
N LEU B 170 0.56 -49.20 7.48
CA LEU B 170 -0.67 -49.05 8.24
C LEU B 170 -0.35 -48.75 9.70
N PRO B 171 -1.07 -47.82 10.33
CA PRO B 171 -0.71 -47.41 11.69
C PRO B 171 -0.97 -48.49 12.72
N ALA B 172 0.07 -48.84 13.48
CA ALA B 172 -0.05 -49.73 14.63
C ALA B 172 -0.01 -48.87 15.89
N VAL B 173 -1.13 -48.86 16.63
CA VAL B 173 -1.32 -47.92 17.73
C VAL B 173 -1.55 -48.69 19.03
N ASN B 174 -1.48 -47.94 20.13
CA ASN B 174 -1.76 -48.49 21.45
C ASN B 174 -3.26 -48.60 21.66
N ILE B 175 -3.64 -49.23 22.78
CA ILE B 175 -5.03 -49.25 23.18
C ILE B 175 -5.50 -47.85 23.54
N SER B 176 -4.60 -47.00 24.05
CA SER B 176 -4.96 -45.65 24.45
C SER B 176 -5.47 -44.81 23.29
N TRP B 177 -5.09 -45.15 22.06
CA TRP B 177 -5.70 -44.49 20.90
C TRP B 177 -7.18 -44.79 20.81
N LEU B 178 -7.58 -46.02 21.13
CA LEU B 178 -8.98 -46.38 21.14
C LEU B 178 -9.72 -45.67 22.27
N LEU B 179 -9.08 -45.54 23.43
CA LEU B 179 -9.73 -44.89 24.58
C LEU B 179 -9.81 -43.38 24.38
N GLU B 180 -8.74 -42.77 23.88
CA GLU B 180 -8.77 -41.33 23.62
C GLU B 180 -9.82 -40.98 22.58
N THR B 181 -9.99 -41.84 21.58
CA THR B 181 -11.07 -41.63 20.60
C THR B 181 -12.42 -41.66 21.28
N ALA B 182 -12.61 -42.60 22.21
CA ALA B 182 -13.90 -42.75 22.87
C ALA B 182 -14.22 -41.56 23.77
N ARG B 183 -13.20 -40.93 24.34
CA ARG B 183 -13.44 -39.81 25.25
C ARG B 183 -13.77 -38.52 24.49
N ILE B 184 -13.05 -38.25 23.40
CA ILE B 184 -13.22 -36.99 22.67
C ILE B 184 -14.41 -37.06 21.71
N GLY B 185 -14.76 -38.25 21.23
CA GLY B 185 -15.77 -38.36 20.20
C GLY B 185 -15.26 -38.11 18.79
N LYS B 186 -13.97 -37.83 18.63
CA LYS B 186 -13.32 -37.66 17.34
C LYS B 186 -12.19 -38.68 17.21
N ARG B 187 -11.91 -39.06 15.97
CA ARG B 187 -10.82 -39.99 15.70
C ARG B 187 -9.49 -39.37 16.12
N ALA B 188 -8.83 -40.02 17.08
CA ALA B 188 -7.61 -39.46 17.65
C ALA B 188 -6.43 -39.60 16.69
N ASP B 189 -5.43 -38.75 16.90
CA ASP B 189 -4.23 -38.75 16.07
C ASP B 189 -3.40 -40.00 16.35
N GLU B 190 -3.18 -40.81 15.31
CA GLU B 190 -2.43 -42.05 15.50
C GLU B 190 -0.97 -41.77 15.87
N ASN B 191 -0.41 -40.66 15.40
CA ASN B 191 0.98 -40.36 15.67
C ASN B 191 1.27 -40.14 17.14
N HIS B 192 0.27 -39.77 17.93
CA HIS B 192 0.41 -39.61 19.37
C HIS B 192 0.33 -40.93 20.12
N PHE B 193 0.04 -42.03 19.43
CA PHE B 193 -0.15 -43.31 20.10
C PHE B 193 0.55 -44.44 19.35
N LEU B 194 1.60 -44.13 18.61
CA LEU B 194 2.31 -45.19 17.91
C LEU B 194 2.99 -46.13 18.88
N VAL B 195 3.10 -47.39 18.47
CA VAL B 195 3.68 -48.42 19.33
C VAL B 195 5.21 -48.35 19.34
N ASP B 196 5.83 -47.91 18.25
CA ASP B 196 7.28 -47.87 18.18
C ASP B 196 7.88 -46.91 19.21
N ASN B 197 7.09 -45.97 19.72
CA ASN B 197 7.59 -45.01 20.71
C ASN B 197 6.90 -45.19 22.06
N GLY C 8 -5.89 54.98 -18.52
CA GLY C 8 -4.54 55.24 -18.95
C GLY C 8 -4.24 54.87 -20.40
N LEU C 9 -3.20 55.47 -20.96
CA LEU C 9 -2.86 55.21 -22.35
C LEU C 9 -2.52 53.74 -22.56
N PHE C 10 -1.67 53.17 -21.69
CA PHE C 10 -1.27 51.77 -21.79
C PHE C 10 -2.14 50.84 -20.96
N SER C 11 -3.38 51.23 -20.68
CA SER C 11 -4.29 50.40 -19.90
C SER C 11 -4.54 49.07 -20.61
N GLN C 12 -4.64 48.00 -19.81
CA GLN C 12 -4.82 46.64 -20.33
C GLN C 12 -3.69 46.21 -21.25
N LYS C 13 -2.48 46.73 -21.01
CA LYS C 13 -1.28 46.38 -21.76
C LYS C 13 -0.17 45.96 -20.81
N SER C 14 0.53 44.88 -21.17
CA SER C 14 1.64 44.37 -20.38
C SER C 14 2.93 44.53 -21.15
N PHE C 15 4.03 44.82 -20.43
CA PHE C 15 5.29 45.18 -21.02
C PHE C 15 6.42 44.38 -20.39
N LEU C 16 7.47 44.15 -21.17
CA LEU C 16 8.77 43.72 -20.69
C LEU C 16 9.76 44.82 -21.03
N VAL C 17 10.67 45.09 -20.12
CA VAL C 17 11.71 46.09 -20.32
C VAL C 17 13.04 45.35 -20.26
N LEU C 18 13.74 45.28 -21.40
CA LEU C 18 14.94 44.49 -21.54
C LEU C 18 16.02 45.32 -22.22
N GLY C 19 17.28 45.04 -21.85
CA GLY C 19 18.44 45.56 -22.55
C GLY C 19 18.92 46.93 -22.11
N PHE C 20 18.34 47.50 -21.08
CA PHE C 20 18.75 48.83 -20.61
C PHE C 20 19.59 48.70 -19.34
N SER C 21 20.28 49.78 -19.01
CA SER C 21 20.97 49.83 -17.72
C SER C 21 19.95 50.00 -16.60
N VAL C 22 20.44 49.94 -15.36
CA VAL C 22 19.55 50.05 -14.20
C VAL C 22 18.80 51.37 -14.22
N GLU C 23 19.49 52.47 -14.51
CA GLU C 23 18.83 53.77 -14.48
C GLU C 23 17.81 53.90 -15.61
N ASN C 24 18.19 53.51 -16.83
CA ASN C 24 17.25 53.63 -17.95
C ASN C 24 16.06 52.70 -17.77
N LYS C 25 16.27 51.50 -17.23
CA LYS C 25 15.17 50.57 -17.04
C LYS C 25 14.15 51.13 -16.05
N CYS C 26 14.62 51.77 -14.98
CA CYS C 26 13.71 52.34 -13.99
C CYS C 26 12.90 53.48 -14.57
N ASN C 27 13.54 54.37 -15.35
CA ASN C 27 12.81 55.49 -15.93
C ASN C 27 11.74 55.00 -16.90
N ILE C 28 12.05 53.95 -17.66
CA ILE C 28 11.09 53.38 -18.61
C ILE C 28 9.96 52.68 -17.85
N VAL C 29 10.30 52.02 -16.73
CA VAL C 29 9.30 51.32 -15.95
C VAL C 29 8.29 52.29 -15.36
N ASP C 30 8.78 53.40 -14.77
CA ASP C 30 7.89 54.39 -14.18
C ASP C 30 7.01 55.04 -15.24
N ILE C 31 7.57 55.33 -16.42
CA ILE C 31 6.79 55.92 -17.50
C ILE C 31 5.63 55.01 -17.87
N ILE C 32 5.87 53.70 -17.93
CA ILE C 32 4.81 52.76 -18.29
C ILE C 32 3.75 52.73 -17.19
N ARG C 33 4.17 52.69 -15.93
CA ARG C 33 3.20 52.61 -14.83
C ARG C 33 2.38 53.88 -14.71
N GLU C 34 3.00 55.04 -14.96
CA GLU C 34 2.27 56.30 -14.90
C GLU C 34 1.16 56.39 -15.95
N HIS C 35 1.15 55.48 -16.93
CA HIS C 35 0.11 55.44 -17.94
C HIS C 35 -0.64 54.10 -17.91
N ALA C 36 -0.80 53.54 -16.72
CA ALA C 36 -1.61 52.34 -16.46
C ALA C 36 -1.05 51.06 -17.07
N GLY C 37 0.23 51.04 -17.43
CA GLY C 37 0.81 49.84 -18.00
C GLY C 37 1.19 48.81 -16.96
N LYS C 38 1.17 47.55 -17.37
CA LYS C 38 1.49 46.41 -16.52
C LYS C 38 2.87 45.86 -16.88
N ILE C 39 3.64 45.48 -15.86
CA ILE C 39 5.01 44.98 -16.03
C ILE C 39 5.07 43.50 -15.69
N VAL C 40 5.49 42.69 -16.66
CA VAL C 40 5.69 41.27 -16.45
C VAL C 40 7.09 41.05 -15.86
N SER C 41 7.15 40.34 -14.74
CA SER C 41 8.44 39.96 -14.14
C SER C 41 8.87 38.60 -14.66
N LEU C 42 10.02 38.55 -15.31
CA LEU C 42 10.56 37.28 -15.78
C LEU C 42 11.16 36.49 -14.61
N PRO C 43 11.09 35.15 -14.67
CA PRO C 43 10.31 34.34 -15.62
C PRO C 43 8.82 34.26 -15.26
N SER C 44 7.97 34.11 -16.27
CA SER C 44 6.53 34.09 -16.03
C SER C 44 5.85 33.20 -17.07
N ARG C 45 4.56 32.99 -16.86
CA ARG C 45 3.69 32.38 -17.86
C ARG C 45 3.02 33.40 -18.76
N ILE C 46 2.94 34.65 -18.31
CA ILE C 46 2.24 35.69 -19.06
C ILE C 46 3.02 36.05 -20.31
N VAL C 47 2.34 36.03 -21.46
CA VAL C 47 2.89 36.53 -22.72
C VAL C 47 2.63 38.03 -22.76
N ALA C 48 3.67 38.83 -22.56
CA ALA C 48 3.52 40.27 -22.55
C ALA C 48 3.11 40.80 -23.92
N ASP C 49 2.34 41.89 -23.92
CA ASP C 49 1.96 42.51 -25.19
C ASP C 49 3.17 43.11 -25.89
N TYR C 50 4.04 43.76 -25.14
CA TYR C 50 5.18 44.46 -25.71
C TYR C 50 6.45 44.11 -24.95
N ALA C 51 7.58 44.20 -25.64
CA ALA C 51 8.90 44.15 -25.04
C ALA C 51 9.65 45.39 -25.48
N VAL C 52 9.88 46.31 -24.54
CA VAL C 52 10.58 47.55 -24.84
C VAL C 52 12.08 47.28 -24.81
N VAL C 53 12.75 47.50 -25.95
CA VAL C 53 14.17 47.21 -26.10
C VAL C 53 14.87 48.44 -26.65
N PRO C 54 16.21 48.50 -26.56
CA PRO C 54 16.95 49.62 -27.14
C PRO C 54 16.78 49.67 -28.66
N LEU C 55 17.19 50.81 -29.24
CA LEU C 55 16.98 51.04 -30.66
C LEU C 55 17.61 49.95 -31.51
N LEU C 56 18.84 49.54 -31.18
CA LEU C 56 19.48 48.45 -31.91
C LEU C 56 19.06 47.07 -31.39
N GLY C 57 18.17 47.01 -30.41
CA GLY C 57 17.67 45.74 -29.94
C GLY C 57 18.58 45.05 -28.94
N CYS C 58 18.10 43.92 -28.45
CA CYS C 58 18.85 43.09 -27.52
C CYS C 58 18.28 41.69 -27.58
N GLU C 59 18.80 40.83 -26.70
CA GLU C 59 18.37 39.44 -26.66
C GLU C 59 16.99 39.35 -26.01
N VAL C 60 16.04 38.76 -26.73
CA VAL C 60 14.67 38.55 -26.23
C VAL C 60 14.42 37.05 -26.36
N ASP C 61 14.37 36.35 -25.23
CA ASP C 61 14.20 34.91 -25.23
C ASP C 61 12.82 34.47 -24.81
N VAL C 62 11.91 35.41 -24.56
CA VAL C 62 10.55 35.13 -24.16
C VAL C 62 9.64 35.53 -25.31
N THR C 63 8.63 34.70 -25.58
CA THR C 63 7.64 35.01 -26.58
C THR C 63 6.83 36.23 -26.15
N VAL C 64 6.69 37.21 -27.05
CA VAL C 64 5.90 38.40 -26.80
C VAL C 64 5.01 38.67 -28.00
N GLY C 65 4.13 39.66 -27.85
CA GLY C 65 3.28 40.05 -28.95
C GLY C 65 4.04 40.85 -30.00
N GLU C 66 4.74 41.89 -29.57
CA GLU C 66 5.51 42.76 -30.44
C GLU C 66 6.75 43.24 -29.72
N VAL C 67 7.89 43.23 -30.41
CA VAL C 67 9.11 43.82 -29.87
C VAL C 67 9.19 45.25 -30.36
N VAL C 68 9.21 46.21 -29.44
CA VAL C 68 9.22 47.61 -29.76
C VAL C 68 10.40 48.28 -29.07
N THR C 69 10.72 49.48 -29.54
CA THR C 69 11.85 50.24 -29.03
C THR C 69 11.39 51.26 -28.00
N ASN C 70 12.37 51.77 -27.24
CA ASN C 70 12.11 52.89 -26.36
C ASN C 70 11.61 54.10 -27.14
N THR C 71 12.01 54.24 -28.42
CA THR C 71 11.57 55.37 -29.24
C THR C 71 10.07 55.29 -29.52
N TRP C 72 9.56 54.07 -29.77
CA TRP C 72 8.13 53.92 -29.95
C TRP C 72 7.38 54.32 -28.69
N LEU C 73 7.91 53.93 -27.52
CA LEU C 73 7.23 54.24 -26.27
C LEU C 73 7.10 55.74 -26.08
N VAL C 74 8.22 56.47 -26.19
CA VAL C 74 8.21 57.91 -25.96
C VAL C 74 7.32 58.62 -26.98
N THR C 75 7.28 58.12 -28.22
CA THR C 75 6.41 58.72 -29.22
C THR C 75 4.94 58.59 -28.84
N CYS C 76 4.56 57.46 -28.23
CA CYS C 76 3.18 57.30 -27.80
C CYS C 76 2.80 58.33 -26.74
N ILE C 77 3.71 58.59 -25.80
CA ILE C 77 3.42 59.54 -24.72
C ILE C 77 3.41 60.96 -25.26
N ASP C 78 4.33 61.30 -26.16
CA ASP C 78 4.40 62.66 -26.68
C ASP C 78 3.15 63.02 -27.48
N ASN C 79 2.50 62.03 -28.09
CA ASN C 79 1.28 62.27 -28.86
C ASN C 79 0.01 61.84 -28.14
N GLN C 80 0.12 61.23 -26.95
CA GLN C 80 -1.04 60.77 -26.19
C GLN C 80 -1.89 59.83 -27.04
N THR C 81 -1.23 58.97 -27.80
CA THR C 81 -1.88 58.08 -28.75
C THR C 81 -1.09 56.77 -28.85
N LEU C 82 -1.81 55.66 -28.89
CA LEU C 82 -1.16 54.35 -29.09
C LEU C 82 -0.88 54.20 -30.58
N VAL C 83 0.35 54.57 -30.97
CA VAL C 83 0.76 54.60 -32.37
C VAL C 83 1.13 53.20 -32.84
N ASP C 84 0.83 52.90 -34.11
CA ASP C 84 1.17 51.58 -34.64
C ASP C 84 2.69 51.40 -34.73
N PRO C 85 3.24 50.36 -34.11
CA PRO C 85 4.69 50.13 -34.22
C PRO C 85 5.15 49.84 -35.64
N LYS C 86 4.25 49.42 -36.52
CA LYS C 86 4.63 49.11 -37.89
C LYS C 86 4.65 50.34 -38.79
N SER C 87 4.37 51.51 -38.25
CA SER C 87 4.31 52.73 -39.06
C SER C 87 5.64 53.48 -39.12
N ASN C 88 6.72 52.94 -38.52
CA ASN C 88 8.01 53.59 -38.57
C ASN C 88 9.13 52.59 -38.27
N PRO C 89 10.17 52.55 -39.09
CA PRO C 89 11.28 51.60 -38.85
C PRO C 89 12.00 51.81 -37.53
N LEU C 90 11.91 53.01 -36.94
CA LEU C 90 12.53 53.29 -35.66
C LEU C 90 11.74 52.75 -34.47
N PHE C 91 10.53 52.24 -34.69
CA PHE C 91 9.72 51.71 -33.60
C PHE C 91 10.02 50.26 -33.28
N THR C 92 10.65 49.55 -34.19
CA THR C 92 11.15 48.20 -33.98
C THR C 92 12.67 48.18 -34.14
N PRO C 93 13.34 47.16 -33.57
CA PRO C 93 14.82 47.14 -33.60
C PRO C 93 15.40 47.31 -35.01
N VAL C 94 16.39 48.17 -35.12
CA VAL C 94 17.05 48.50 -36.38
C VAL C 94 18.30 47.64 -36.50
N SER C 95 18.41 46.89 -37.59
CA SER C 95 19.57 46.02 -37.82
C SER C 95 20.74 46.87 -38.26
N VAL C 96 21.86 46.79 -37.53
CA VAL C 96 23.04 47.58 -37.79
C VAL C 96 24.26 46.65 -37.79
N MET C 97 25.02 46.68 -38.87
CA MET C 97 26.25 45.90 -38.93
C MET C 97 27.27 46.51 -37.99
N SER C 98 27.76 45.72 -37.03
CA SER C 98 28.66 46.22 -36.01
C SER C 98 30.09 46.31 -36.53
N GLY C 99 30.89 47.16 -35.87
CA GLY C 99 32.31 47.27 -36.14
C GLY C 99 32.68 48.16 -37.31
N VAL C 100 31.71 48.75 -37.99
CA VAL C 100 31.95 49.56 -39.17
C VAL C 100 31.41 50.97 -38.92
N THR C 101 32.09 51.97 -39.50
CA THR C 101 31.62 53.35 -39.48
C THR C 101 31.59 53.86 -40.92
N PRO C 102 30.56 53.50 -41.69
CA PRO C 102 30.55 53.82 -43.12
C PRO C 102 30.30 55.28 -43.46
N LEU C 103 29.83 56.10 -42.51
CA LEU C 103 29.54 57.50 -42.78
C LEU C 103 30.55 58.45 -42.13
N GLU C 104 31.75 57.95 -41.82
CA GLU C 104 32.74 58.76 -41.11
C GLU C 104 33.13 60.00 -41.88
N ASP C 105 33.01 59.98 -43.22
CA ASP C 105 33.36 61.13 -44.03
C ASP C 105 32.16 62.04 -44.33
N CYS C 106 31.01 61.81 -43.68
CA CYS C 106 29.78 62.56 -43.99
C CYS C 106 29.46 63.60 -42.93
N VAL C 107 28.77 64.65 -43.35
CA VAL C 107 28.24 65.70 -42.48
C VAL C 107 26.76 65.80 -42.77
N ILE C 108 25.94 65.30 -41.84
CA ILE C 108 24.51 65.11 -42.06
C ILE C 108 23.71 66.20 -41.36
N SER C 109 22.73 66.75 -42.06
CA SER C 109 21.75 67.67 -41.49
C SER C 109 20.35 67.09 -41.69
N PHE C 110 19.50 67.28 -40.69
CA PHE C 110 18.14 66.73 -40.71
C PHE C 110 17.11 67.83 -40.94
N SER C 111 16.01 67.46 -41.60
CA SER C 111 14.89 68.35 -41.81
C SER C 111 13.59 67.57 -41.73
N GLN C 112 12.55 68.22 -41.19
CA GLN C 112 11.22 67.65 -41.02
C GLN C 112 11.21 66.47 -40.03
N CYS C 113 12.19 66.42 -39.13
CA CYS C 113 12.29 65.39 -38.10
C CYS C 113 12.25 66.03 -36.73
N VAL C 114 11.33 65.59 -35.88
CA VAL C 114 11.10 66.20 -34.58
C VAL C 114 11.04 65.11 -33.51
N GLY C 115 11.55 65.43 -32.32
CA GLY C 115 11.33 64.60 -31.16
C GLY C 115 12.12 63.31 -31.08
N ALA C 116 11.47 62.25 -30.58
CA ALA C 116 12.16 60.98 -30.40
C ALA C 116 12.63 60.39 -31.73
N GLU C 117 11.91 60.67 -32.81
CA GLU C 117 12.38 60.24 -34.13
C GLU C 117 13.69 60.94 -34.48
N ARG C 118 13.77 62.25 -34.23
CA ARG C 118 15.01 62.98 -34.49
C ARG C 118 16.15 62.47 -33.62
N ASP C 119 15.88 62.26 -32.32
CA ASP C 119 16.93 61.81 -31.42
C ASP C 119 17.47 60.45 -31.84
N SER C 120 16.59 59.52 -32.21
CA SER C 120 17.06 58.22 -32.68
C SER C 120 17.83 58.35 -33.99
N LEU C 121 17.37 59.23 -34.89
CA LEU C 121 18.10 59.42 -36.14
C LEU C 121 19.47 60.01 -35.89
N VAL C 122 19.56 60.97 -34.97
CA VAL C 122 20.87 61.53 -34.62
C VAL C 122 21.74 60.46 -33.96
N PHE C 123 21.13 59.55 -33.20
CA PHE C 123 21.89 58.45 -32.60
C PHE C 123 22.50 57.54 -33.67
N LEU C 124 21.70 57.18 -34.68
CA LEU C 124 22.21 56.33 -35.76
C LEU C 124 23.30 57.03 -36.55
N ALA C 125 23.10 58.30 -36.87
CA ALA C 125 24.08 59.00 -37.69
C ALA C 125 25.43 59.09 -36.98
N ASN C 126 25.41 59.40 -35.68
CA ASN C 126 26.68 59.43 -34.94
C ASN C 126 27.26 58.04 -34.77
N HIS C 127 26.40 57.03 -34.58
CA HIS C 127 26.86 55.65 -34.45
C HIS C 127 27.52 55.12 -35.72
N LEU C 128 27.19 55.68 -36.89
CA LEU C 128 27.81 55.25 -38.13
C LEU C 128 29.02 56.10 -38.49
N GLY C 129 29.44 57.00 -37.61
CA GLY C 129 30.62 57.80 -37.83
C GLY C 129 30.35 59.18 -38.37
N ALA C 130 29.10 59.51 -38.66
CA ALA C 130 28.81 60.80 -39.28
C ALA C 130 28.85 61.92 -38.25
N SER C 131 29.02 63.13 -38.75
CA SER C 131 28.97 64.35 -37.97
C SER C 131 27.63 65.03 -38.27
N VAL C 132 26.84 65.29 -37.24
CA VAL C 132 25.49 65.81 -37.39
C VAL C 132 25.48 67.29 -37.02
N GLN C 133 24.96 68.12 -37.93
CA GLN C 133 24.83 69.56 -37.73
C GLN C 133 23.38 69.96 -37.96
N GLU C 134 22.84 70.77 -37.06
CA GLU C 134 21.50 71.31 -37.27
C GLU C 134 21.47 72.40 -38.33
N PHE C 135 22.63 72.91 -38.74
CA PHE C 135 22.73 73.87 -39.82
C PHE C 135 23.10 73.14 -41.10
N PHE C 136 22.52 73.59 -42.21
CA PHE C 136 22.80 73.06 -43.54
C PHE C 136 23.50 74.16 -44.31
N VAL C 137 24.82 74.05 -44.45
CA VAL C 137 25.65 75.15 -44.93
C VAL C 137 26.35 74.74 -46.23
N ARG C 138 26.54 75.73 -47.11
CA ARG C 138 27.34 75.54 -48.32
C ARG C 138 28.78 75.22 -47.99
N LYS C 139 29.61 76.25 -47.94
CA LYS C 139 31.03 76.10 -47.65
C LYS C 139 31.27 76.05 -46.15
N ALA C 140 32.37 75.42 -45.76
CA ALA C 140 32.72 75.31 -44.36
C ALA C 140 32.96 76.68 -43.74
N ASN C 141 33.02 76.70 -42.41
CA ASN C 141 33.31 77.92 -41.67
C ASN C 141 33.92 77.53 -40.34
N ALA C 142 35.24 77.70 -40.21
CA ALA C 142 35.96 77.38 -38.99
C ALA C 142 35.66 78.36 -37.85
N LYS C 143 34.52 79.04 -37.91
CA LYS C 143 34.14 79.96 -36.83
C LYS C 143 33.98 79.23 -35.51
N LYS C 144 33.56 77.96 -35.55
CA LYS C 144 33.37 77.18 -34.33
C LYS C 144 33.34 75.70 -34.67
N GLY C 145 33.76 75.34 -35.88
CA GLY C 145 33.70 73.98 -36.35
C GLY C 145 32.55 73.68 -37.27
N MET C 146 31.92 74.69 -37.88
CA MET C 146 30.82 74.48 -38.81
C MET C 146 31.35 73.89 -40.12
N LEU C 147 31.49 72.57 -40.19
CA LEU C 147 32.01 71.96 -41.40
C LEU C 147 31.00 72.06 -42.53
N ALA C 148 31.49 71.85 -43.75
CA ALA C 148 30.60 71.88 -44.90
C ALA C 148 29.66 70.68 -44.84
N SER C 149 28.45 70.87 -45.37
CA SER C 149 27.45 69.80 -45.31
C SER C 149 27.57 68.91 -46.54
N THR C 150 27.28 67.64 -46.34
CA THR C 150 27.37 66.65 -47.41
C THR C 150 26.05 65.98 -47.74
N HIS C 151 25.16 65.80 -46.76
CA HIS C 151 23.89 65.16 -47.00
C HIS C 151 22.78 65.88 -46.25
N LEU C 152 21.60 65.88 -46.83
CA LEU C 152 20.38 66.34 -46.19
C LEU C 152 19.38 65.19 -46.18
N ILE C 153 18.86 64.87 -45.01
CA ILE C 153 17.92 63.77 -44.82
C ILE C 153 16.55 64.38 -44.52
N VAL C 154 15.63 64.26 -45.47
CA VAL C 154 14.28 64.81 -45.35
C VAL C 154 13.25 63.75 -45.67
N LYS C 155 12.02 64.01 -45.24
CA LYS C 155 10.90 63.09 -45.47
C LYS C 155 10.19 63.37 -46.80
N GLU C 156 9.88 64.63 -47.07
CA GLU C 156 9.14 65.06 -48.24
C GLU C 156 9.90 66.20 -48.90
N PRO C 157 9.63 66.47 -50.19
CA PRO C 157 10.21 67.66 -50.83
C PRO C 157 9.74 68.95 -50.15
N THR C 158 10.12 70.10 -50.72
CA THR C 158 9.85 71.42 -50.14
C THR C 158 10.53 71.61 -48.78
N GLY C 159 10.60 72.85 -48.33
CA GLY C 159 11.29 73.23 -47.12
C GLY C 159 12.53 74.07 -47.42
N SER C 160 12.95 74.83 -46.41
CA SER C 160 14.08 75.75 -46.59
C SER C 160 15.36 74.99 -46.91
N LYS C 161 15.66 73.95 -46.15
CA LYS C 161 16.88 73.19 -46.39
C LYS C 161 16.81 72.41 -47.69
N TYR C 162 15.62 71.93 -48.08
CA TYR C 162 15.50 71.15 -49.30
C TYR C 162 15.76 72.00 -50.54
N GLU C 163 15.19 73.20 -50.59
CA GLU C 163 15.39 74.07 -51.74
C GLU C 163 16.87 74.44 -51.89
N ALA C 164 17.60 74.47 -50.78
CA ALA C 164 19.04 74.71 -50.86
C ALA C 164 19.80 73.47 -51.32
N ALA C 165 19.26 72.29 -51.06
CA ALA C 165 19.94 71.06 -51.47
C ALA C 165 19.96 70.90 -52.98
N LYS C 166 18.85 71.23 -53.66
CA LYS C 166 18.86 71.21 -55.11
C LYS C 166 19.71 72.32 -55.69
N LYS C 167 19.79 73.46 -54.98
CA LYS C 167 20.57 74.59 -55.49
C LYS C 167 22.06 74.38 -55.30
N TRP C 168 22.46 73.68 -54.25
CA TRP C 168 23.88 73.46 -53.95
C TRP C 168 24.36 72.08 -54.40
N SER C 169 23.53 71.34 -55.15
CA SER C 169 23.88 70.03 -55.69
C SER C 169 24.30 69.04 -54.59
N LEU C 170 23.63 69.11 -53.47
CA LEU C 170 23.85 68.16 -52.38
C LEU C 170 22.68 67.18 -52.32
N PRO C 171 22.96 65.90 -52.08
CA PRO C 171 21.89 64.90 -52.13
C PRO C 171 20.90 65.05 -50.98
N ALA C 172 19.63 65.15 -51.34
CA ALA C 172 18.53 65.12 -50.36
C ALA C 172 17.92 63.72 -50.44
N VAL C 173 18.07 62.96 -49.36
CA VAL C 173 17.73 61.54 -49.36
C VAL C 173 16.70 61.26 -48.28
N ASN C 174 16.12 60.06 -48.35
CA ASN C 174 15.18 59.61 -47.35
C ASN C 174 15.91 59.14 -46.10
N ILE C 175 15.12 58.87 -45.06
CA ILE C 175 15.63 58.21 -43.87
C ILE C 175 16.07 56.79 -44.20
N SER C 176 15.42 56.18 -45.19
CA SER C 176 15.76 54.81 -45.58
C SER C 176 17.18 54.71 -46.12
N TRP C 177 17.74 55.80 -46.63
CA TRP C 177 19.16 55.79 -47.00
C TRP C 177 20.04 55.61 -45.78
N LEU C 178 19.66 56.22 -44.65
CA LEU C 178 20.42 56.02 -43.43
C LEU C 178 20.27 54.60 -42.92
N LEU C 179 19.06 54.03 -43.05
CA LEU C 179 18.82 52.68 -42.56
C LEU C 179 19.48 51.64 -43.46
N GLU C 180 19.40 51.81 -44.77
CA GLU C 180 20.08 50.89 -45.68
C GLU C 180 21.58 50.94 -45.49
N THR C 181 22.12 52.15 -45.25
CA THR C 181 23.54 52.26 -44.94
C THR C 181 23.89 51.49 -43.68
N ALA C 182 23.03 51.58 -42.66
CA ALA C 182 23.32 50.92 -41.40
C ALA C 182 23.23 49.41 -41.51
N ARG C 183 22.38 48.90 -42.40
CA ARG C 183 22.20 47.45 -42.53
C ARG C 183 23.35 46.82 -43.30
N ILE C 184 23.80 47.47 -44.38
CA ILE C 184 24.83 46.87 -45.21
C ILE C 184 26.22 47.12 -44.64
N GLY C 185 26.40 48.18 -43.87
CA GLY C 185 27.72 48.57 -43.42
C GLY C 185 28.51 49.36 -44.44
N LYS C 186 27.91 49.65 -45.59
CA LYS C 186 28.52 50.46 -46.64
C LYS C 186 27.63 51.66 -46.90
N ARG C 187 28.24 52.76 -47.33
CA ARG C 187 27.49 53.95 -47.67
C ARG C 187 26.56 53.65 -48.85
N ALA C 188 25.26 53.77 -48.61
CA ALA C 188 24.29 53.41 -49.64
C ALA C 188 24.25 54.45 -50.74
N ASP C 189 23.83 54.01 -51.93
CA ASP C 189 23.75 54.88 -53.09
C ASP C 189 22.62 55.89 -52.89
N GLU C 190 22.97 57.18 -52.92
CA GLU C 190 21.97 58.22 -52.69
C GLU C 190 20.91 58.25 -53.79
N ASN C 191 21.28 57.88 -55.02
CA ASN C 191 20.33 57.92 -56.14
C ASN C 191 19.16 56.96 -55.96
N HIS C 192 19.33 55.90 -55.16
CA HIS C 192 18.25 54.97 -54.88
C HIS C 192 17.32 55.49 -53.80
N PHE C 193 17.64 56.63 -53.18
CA PHE C 193 16.87 57.12 -52.05
C PHE C 193 16.62 58.62 -52.15
N LEU C 194 16.64 59.16 -53.36
CA LEU C 194 16.35 60.58 -53.51
C LEU C 194 14.91 60.86 -53.13
N VAL C 195 14.68 62.08 -52.65
CA VAL C 195 13.34 62.44 -52.20
C VAL C 195 12.44 62.78 -53.38
N ASP C 196 13.00 63.35 -54.45
CA ASP C 196 12.22 63.68 -55.64
C ASP C 196 11.65 62.44 -56.32
N ASN C 197 12.22 61.27 -56.05
CA ASN C 197 11.79 60.02 -56.67
C ASN C 197 11.15 59.07 -55.66
N GLY D 8 -22.67 -23.79 3.43
CA GLY D 8 -21.28 -23.57 3.07
C GLY D 8 -20.93 -23.92 1.64
N LEU D 9 -19.85 -23.34 1.13
CA LEU D 9 -19.46 -23.56 -0.27
C LEU D 9 -19.13 -25.03 -0.51
N PHE D 10 -18.30 -25.62 0.33
CA PHE D 10 -17.90 -27.02 0.19
C PHE D 10 -18.78 -27.96 0.99
N SER D 11 -20.00 -27.56 1.30
CA SER D 11 -20.91 -28.41 2.07
C SER D 11 -21.18 -29.72 1.33
N GLN D 12 -21.26 -30.81 2.11
CA GLN D 12 -21.46 -32.16 1.58
C GLN D 12 -20.31 -32.59 0.67
N LYS D 13 -19.11 -32.07 0.91
CA LYS D 13 -17.90 -32.41 0.18
C LYS D 13 -16.80 -32.84 1.14
N SER D 14 -16.08 -33.89 0.77
CA SER D 14 -14.98 -34.41 1.56
C SER D 14 -13.67 -34.23 0.81
N PHE D 15 -12.60 -33.95 1.53
CA PHE D 15 -11.32 -33.57 0.94
C PHE D 15 -10.17 -34.35 1.56
N LEU D 16 -9.14 -34.56 0.75
CA LEU D 16 -7.82 -34.97 1.21
C LEU D 16 -6.81 -33.90 0.84
N VAL D 17 -5.87 -33.65 1.74
CA VAL D 17 -4.82 -32.67 1.53
C VAL D 17 -3.50 -33.44 1.57
N LEU D 18 -2.82 -33.50 0.43
CA LEU D 18 -1.61 -34.31 0.26
C LEU D 18 -0.52 -33.49 -0.39
N GLY D 19 0.73 -33.80 -0.03
CA GLY D 19 1.88 -33.25 -0.69
C GLY D 19 2.35 -31.91 -0.19
N PHE D 20 1.73 -31.38 0.85
CA PHE D 20 2.10 -30.07 1.38
C PHE D 20 2.92 -30.24 2.65
N SER D 21 3.61 -29.16 3.04
CA SER D 21 4.31 -29.18 4.31
C SER D 21 3.29 -29.11 5.46
N VAL D 22 3.79 -29.24 6.68
CA VAL D 22 2.92 -29.24 7.85
C VAL D 22 2.14 -27.93 7.93
N GLU D 23 2.81 -26.80 7.74
CA GLU D 23 2.14 -25.51 7.87
C GLU D 23 1.16 -25.29 6.73
N ASN D 24 1.58 -25.60 5.49
CA ASN D 24 0.69 -25.39 4.35
C ASN D 24 -0.54 -26.29 4.42
N LYS D 25 -0.37 -27.52 4.91
CA LYS D 25 -1.52 -28.41 5.03
C LYS D 25 -2.54 -27.85 6.01
N CYS D 26 -2.07 -27.29 7.14
CA CYS D 26 -3.00 -26.74 8.12
C CYS D 26 -3.77 -25.55 7.56
N ASN D 27 -3.08 -24.68 6.81
CA ASN D 27 -3.76 -23.53 6.24
C ASN D 27 -4.82 -23.97 5.23
N ILE D 28 -4.53 -25.01 4.46
CA ILE D 28 -5.50 -25.53 3.50
C ILE D 28 -6.64 -26.24 4.22
N VAL D 29 -6.33 -26.97 5.30
CA VAL D 29 -7.37 -27.70 6.03
C VAL D 29 -8.36 -26.73 6.69
N ASP D 30 -7.85 -25.68 7.33
CA ASP D 30 -8.73 -24.72 7.97
C ASP D 30 -9.56 -23.97 6.93
N ILE D 31 -8.96 -23.63 5.79
CA ILE D 31 -9.71 -22.98 4.72
C ILE D 31 -10.88 -23.84 4.28
N ILE D 32 -10.66 -25.15 4.15
CA ILE D 32 -11.73 -26.06 3.73
C ILE D 32 -12.82 -26.13 4.80
N ARG D 33 -12.43 -26.24 6.07
CA ARG D 33 -13.42 -26.36 7.13
C ARG D 33 -14.24 -25.07 7.27
N GLU D 34 -13.62 -23.92 7.06
CA GLU D 34 -14.34 -22.66 7.15
C GLU D 34 -15.42 -22.53 6.08
N HIS D 35 -15.43 -23.41 5.08
CA HIS D 35 -16.43 -23.42 4.05
C HIS D 35 -17.22 -24.73 4.05
N ALA D 36 -17.43 -25.28 5.25
CA ALA D 36 -18.27 -26.45 5.51
C ALA D 36 -17.70 -27.73 4.92
N GLY D 37 -16.41 -27.76 4.61
CA GLY D 37 -15.80 -28.97 4.07
C GLY D 37 -15.46 -29.99 5.14
N LYS D 38 -15.46 -31.25 4.74
CA LYS D 38 -15.13 -32.38 5.60
C LYS D 38 -13.76 -32.92 5.23
N ILE D 39 -12.98 -33.30 6.23
CA ILE D 39 -11.61 -33.78 6.03
C ILE D 39 -11.56 -35.27 6.32
N VAL D 40 -11.13 -36.06 5.33
CA VAL D 40 -10.98 -37.49 5.51
C VAL D 40 -9.63 -37.78 6.16
N SER D 41 -9.65 -38.52 7.27
CA SER D 41 -8.41 -38.93 7.94
C SER D 41 -7.95 -40.28 7.41
N LEU D 42 -6.82 -40.28 6.72
CA LEU D 42 -6.25 -41.53 6.21
C LEU D 42 -5.49 -42.27 7.31
N PRO D 43 -5.50 -43.62 7.26
CA PRO D 43 -6.24 -44.46 6.32
C PRO D 43 -7.73 -44.54 6.65
N SER D 44 -8.57 -44.69 5.64
CA SER D 44 -10.02 -44.72 5.85
C SER D 44 -10.68 -45.59 4.80
N ARG D 45 -11.97 -45.84 5.01
CA ARG D 45 -12.81 -46.47 3.99
C ARG D 45 -13.52 -45.45 3.12
N ILE D 46 -13.58 -44.19 3.56
CA ILE D 46 -14.25 -43.15 2.79
C ILE D 46 -13.44 -42.83 1.55
N VAL D 47 -14.09 -42.87 0.39
CA VAL D 47 -13.51 -42.38 -0.85
C VAL D 47 -13.80 -40.88 -0.92
N ALA D 48 -12.77 -40.07 -0.70
CA ALA D 48 -12.96 -38.63 -0.66
C ALA D 48 -13.39 -38.08 -2.02
N ASP D 49 -14.17 -36.99 -1.97
CA ASP D 49 -14.59 -36.35 -3.21
C ASP D 49 -13.40 -35.73 -3.93
N TYR D 50 -12.51 -35.07 -3.19
CA TYR D 50 -11.38 -34.37 -3.77
C TYR D 50 -10.12 -34.69 -3.01
N ALA D 51 -8.99 -34.61 -3.71
CA ALA D 51 -7.66 -34.66 -3.10
C ALA D 51 -6.90 -33.43 -3.56
N VAL D 52 -6.67 -32.50 -2.63
CA VAL D 52 -5.96 -31.26 -2.94
C VAL D 52 -4.45 -31.52 -2.87
N VAL D 53 -3.76 -31.30 -3.98
CA VAL D 53 -2.33 -31.58 -4.09
C VAL D 53 -1.64 -30.34 -4.64
N PRO D 54 -0.32 -30.27 -4.53
CA PRO D 54 0.42 -29.14 -5.10
C PRO D 54 0.25 -29.06 -6.61
N LEU D 55 0.67 -27.92 -7.16
CA LEU D 55 0.48 -27.65 -8.59
C LEU D 55 1.12 -28.72 -9.46
N LEU D 56 2.34 -29.14 -9.14
CA LEU D 56 3.00 -30.20 -9.89
C LEU D 56 2.60 -31.59 -9.41
N GLY D 57 1.68 -31.71 -8.45
CA GLY D 57 1.19 -33.00 -8.03
C GLY D 57 2.08 -33.70 -7.03
N CYS D 58 1.60 -34.85 -6.59
CA CYS D 58 2.32 -35.70 -5.64
C CYS D 58 1.76 -37.11 -5.74
N GLU D 59 2.28 -37.99 -4.90
CA GLU D 59 1.85 -39.38 -4.89
C GLU D 59 0.49 -39.50 -4.22
N VAL D 60 -0.47 -40.08 -4.94
CA VAL D 60 -1.81 -40.32 -4.42
C VAL D 60 -2.04 -41.82 -4.54
N ASP D 61 -2.10 -42.51 -3.40
CA ASP D 61 -2.28 -43.96 -3.38
C ASP D 61 -3.67 -44.38 -2.95
N VAL D 62 -4.56 -43.43 -2.69
CA VAL D 62 -5.93 -43.70 -2.29
C VAL D 62 -6.84 -43.26 -3.42
N THR D 63 -7.86 -44.07 -3.71
CA THR D 63 -8.84 -43.74 -4.73
C THR D 63 -9.65 -42.53 -4.29
N VAL D 64 -9.77 -41.54 -5.18
CA VAL D 64 -10.57 -40.35 -4.95
C VAL D 64 -11.42 -40.08 -6.18
N GLY D 65 -12.33 -39.11 -6.06
CA GLY D 65 -13.16 -38.74 -7.20
C GLY D 65 -12.40 -37.93 -8.24
N GLU D 66 -11.71 -36.87 -7.80
CA GLU D 66 -10.92 -36.02 -8.67
C GLU D 66 -9.71 -35.51 -7.90
N VAL D 67 -8.55 -35.51 -8.54
CA VAL D 67 -7.35 -34.91 -7.98
C VAL D 67 -7.30 -33.47 -8.46
N VAL D 68 -7.29 -32.53 -7.52
CA VAL D 68 -7.31 -31.11 -7.82
C VAL D 68 -6.15 -30.43 -7.11
N THR D 69 -5.83 -29.23 -7.57
CA THR D 69 -4.71 -28.46 -7.04
C THR D 69 -5.19 -27.45 -6.00
N ASN D 70 -4.23 -26.95 -5.23
CA ASN D 70 -4.51 -25.83 -4.34
C ASN D 70 -4.99 -24.62 -5.11
N THR D 71 -4.55 -24.48 -6.37
CA THR D 71 -4.98 -23.36 -7.20
C THR D 71 -6.47 -23.44 -7.51
N TRP D 72 -6.99 -24.65 -7.73
CA TRP D 72 -8.43 -24.81 -7.92
C TRP D 72 -9.20 -24.43 -6.66
N LEU D 73 -8.69 -24.83 -5.50
CA LEU D 73 -9.39 -24.57 -4.24
C LEU D 73 -9.54 -23.07 -4.02
N VAL D 74 -8.42 -22.33 -4.12
CA VAL D 74 -8.45 -20.89 -3.88
C VAL D 74 -9.34 -20.18 -4.89
N THR D 75 -9.39 -20.70 -6.13
CA THR D 75 -10.27 -20.10 -7.13
C THR D 75 -11.74 -20.25 -6.75
N CYS D 76 -12.11 -21.37 -6.11
CA CYS D 76 -13.48 -21.54 -5.67
C CYS D 76 -13.85 -20.53 -4.58
N ILE D 77 -12.94 -20.27 -3.63
CA ILE D 77 -13.27 -19.35 -2.54
C ILE D 77 -13.32 -17.92 -3.04
N ASP D 78 -12.40 -17.54 -3.93
CA ASP D 78 -12.34 -16.16 -4.41
C ASP D 78 -13.59 -15.79 -5.23
N ASN D 79 -14.22 -16.76 -5.88
CA ASN D 79 -15.43 -16.50 -6.66
C ASN D 79 -16.71 -16.97 -5.97
N GLN D 80 -16.59 -17.60 -4.80
CA GLN D 80 -17.75 -18.11 -4.06
C GLN D 80 -18.59 -19.05 -4.92
N THR D 81 -17.91 -19.87 -5.70
CA THR D 81 -18.56 -20.78 -6.65
C THR D 81 -17.74 -22.05 -6.77
N LEU D 82 -18.43 -23.19 -6.83
CA LEU D 82 -17.75 -24.46 -7.04
C LEU D 82 -17.42 -24.59 -8.52
N VAL D 83 -16.19 -24.25 -8.87
CA VAL D 83 -15.74 -24.20 -10.26
C VAL D 83 -15.41 -25.61 -10.76
N ASP D 84 -15.71 -25.87 -12.03
CA ASP D 84 -15.38 -27.17 -12.63
C ASP D 84 -13.87 -27.35 -12.72
N PRO D 85 -13.30 -28.40 -12.11
CA PRO D 85 -11.85 -28.59 -12.20
C PRO D 85 -11.36 -28.84 -13.61
N LYS D 86 -12.22 -29.27 -14.53
CA LYS D 86 -11.81 -29.53 -15.89
C LYS D 86 -11.83 -28.28 -16.76
N SER D 87 -12.15 -27.12 -16.20
CA SER D 87 -12.24 -25.90 -16.98
C SER D 87 -10.93 -25.12 -17.00
N ASN D 88 -9.86 -25.67 -16.42
CA ASN D 88 -8.56 -25.02 -16.46
C ASN D 88 -7.45 -26.02 -16.15
N PRO D 89 -6.40 -26.07 -16.97
CA PRO D 89 -5.31 -27.03 -16.72
C PRO D 89 -4.59 -26.82 -15.39
N LEU D 90 -4.67 -25.62 -14.80
CA LEU D 90 -4.05 -25.37 -13.51
C LEU D 90 -4.86 -25.93 -12.34
N PHE D 91 -6.07 -26.42 -12.58
CA PHE D 91 -6.89 -26.97 -11.51
C PHE D 91 -6.58 -28.43 -11.22
N THR D 92 -5.91 -29.11 -12.13
CA THR D 92 -5.42 -30.47 -11.96
C THR D 92 -3.89 -30.47 -12.06
N PRO D 93 -3.23 -31.50 -11.52
CA PRO D 93 -1.76 -31.50 -11.53
C PRO D 93 -1.20 -31.28 -12.92
N VAL D 94 -0.20 -30.40 -13.00
CA VAL D 94 0.43 -30.03 -14.27
C VAL D 94 1.67 -30.90 -14.44
N SER D 95 1.75 -31.61 -15.56
CA SER D 95 2.88 -32.47 -15.84
C SER D 95 4.06 -31.62 -16.29
N VAL D 96 5.19 -31.73 -15.59
CA VAL D 96 6.38 -30.96 -15.87
C VAL D 96 7.57 -31.91 -15.88
N MET D 97 8.35 -31.88 -16.97
CA MET D 97 9.55 -32.69 -17.04
C MET D 97 10.59 -32.13 -16.07
N SER D 98 11.05 -32.96 -15.14
CA SER D 98 11.95 -32.48 -14.11
C SER D 98 13.39 -32.41 -14.63
N GLY D 99 14.19 -31.58 -13.97
CA GLY D 99 15.61 -31.48 -14.27
C GLY D 99 15.96 -30.56 -15.41
N VAL D 100 14.98 -29.93 -16.06
CA VAL D 100 15.22 -29.10 -17.22
C VAL D 100 14.74 -27.69 -16.91
N THR D 101 15.43 -26.71 -17.48
CA THR D 101 15.02 -25.30 -17.42
C THR D 101 14.98 -24.77 -18.84
N PRO D 102 13.92 -25.10 -19.60
CA PRO D 102 13.88 -24.75 -21.02
C PRO D 102 13.63 -23.29 -21.34
N LEU D 103 13.17 -22.49 -20.38
CA LEU D 103 12.85 -21.09 -20.64
C LEU D 103 13.87 -20.15 -20.02
N GLU D 104 15.08 -20.63 -19.74
CA GLU D 104 16.08 -19.82 -19.05
C GLU D 104 16.46 -18.58 -19.85
N ASP D 105 16.32 -18.62 -21.17
CA ASP D 105 16.68 -17.48 -22.00
C ASP D 105 15.50 -16.55 -22.29
N CYS D 106 14.36 -16.76 -21.64
CA CYS D 106 13.15 -16.00 -21.94
C CYS D 106 12.86 -15.00 -20.84
N VAL D 107 12.20 -13.91 -21.22
CA VAL D 107 11.72 -12.90 -20.30
C VAL D 107 10.22 -12.74 -20.57
N ILE D 108 9.41 -13.26 -19.64
CA ILE D 108 7.97 -13.41 -19.84
C ILE D 108 7.22 -12.33 -19.07
N SER D 109 6.22 -11.74 -19.72
CA SER D 109 5.29 -10.84 -19.07
C SER D 109 3.87 -11.37 -19.27
N PHE D 110 3.04 -11.23 -18.24
CA PHE D 110 1.68 -11.76 -18.27
C PHE D 110 0.66 -10.64 -18.43
N SER D 111 -0.44 -10.96 -19.11
CA SER D 111 -1.56 -10.04 -19.26
C SER D 111 -2.84 -10.83 -19.22
N GLN D 112 -3.88 -10.22 -18.64
CA GLN D 112 -5.20 -10.82 -18.46
C GLN D 112 -5.17 -12.01 -17.50
N CYS D 113 -4.19 -12.06 -16.60
CA CYS D 113 -4.09 -13.11 -15.59
C CYS D 113 -4.11 -12.47 -14.21
N VAL D 114 -5.02 -12.92 -13.35
CA VAL D 114 -5.27 -12.31 -12.05
C VAL D 114 -5.34 -13.42 -11.01
N GLY D 115 -4.83 -13.13 -9.81
CA GLY D 115 -5.09 -13.97 -8.65
C GLY D 115 -4.32 -15.27 -8.63
N ALA D 116 -4.99 -16.34 -8.16
CA ALA D 116 -4.32 -17.62 -8.00
C ALA D 116 -3.85 -18.18 -9.35
N GLU D 117 -4.58 -17.88 -10.43
CA GLU D 117 -4.14 -18.30 -11.75
C GLU D 117 -2.83 -17.62 -12.12
N ARG D 118 -2.73 -16.31 -11.90
CA ARG D 118 -1.49 -15.59 -12.17
C ARG D 118 -0.36 -16.13 -11.32
N ASP D 119 -0.60 -16.33 -10.02
CA ASP D 119 0.46 -16.81 -9.14
C ASP D 119 0.97 -18.18 -9.58
N SER D 120 0.07 -19.08 -9.97
CA SER D 120 0.51 -20.38 -10.45
C SER D 120 1.29 -20.25 -11.75
N LEU D 121 0.84 -19.35 -12.64
CA LEU D 121 1.55 -19.15 -13.90
C LEU D 121 2.95 -18.58 -13.67
N VAL D 122 3.09 -17.63 -12.74
CA VAL D 122 4.41 -17.11 -12.42
C VAL D 122 5.28 -18.20 -11.79
N PHE D 123 4.68 -19.09 -11.00
CA PHE D 123 5.44 -20.19 -10.43
C PHE D 123 5.97 -21.11 -11.53
N LEU D 124 5.13 -21.44 -12.51
CA LEU D 124 5.58 -22.28 -13.61
C LEU D 124 6.68 -21.61 -14.41
N ALA D 125 6.52 -20.33 -14.71
CA ALA D 125 7.49 -19.62 -15.54
C ALA D 125 8.87 -19.59 -14.86
N ASN D 126 8.90 -19.29 -13.55
CA ASN D 126 10.18 -19.30 -12.84
C ASN D 126 10.73 -20.71 -12.69
N HIS D 127 9.86 -21.70 -12.52
CA HIS D 127 10.32 -23.08 -12.37
C HIS D 127 10.99 -23.59 -13.64
N LEU D 128 10.64 -23.02 -14.80
CA LEU D 128 11.24 -23.40 -16.07
C LEU D 128 12.43 -22.52 -16.44
N GLY D 129 12.89 -21.66 -15.52
CA GLY D 129 14.07 -20.86 -15.72
C GLY D 129 13.83 -19.46 -16.24
N ALA D 130 12.58 -19.11 -16.54
CA ALA D 130 12.29 -17.82 -17.15
C ALA D 130 12.30 -16.70 -16.11
N SER D 131 12.49 -15.48 -16.61
CA SER D 131 12.43 -14.27 -15.83
C SER D 131 11.11 -13.57 -16.10
N VAL D 132 10.35 -13.28 -15.05
CA VAL D 132 9.02 -12.69 -15.16
C VAL D 132 9.10 -11.23 -14.77
N GLN D 133 8.51 -10.37 -15.60
CA GLN D 133 8.46 -8.93 -15.34
C GLN D 133 7.01 -8.46 -15.33
N GLU D 134 6.70 -7.60 -14.37
CA GLU D 134 5.36 -7.05 -14.27
C GLU D 134 5.02 -6.20 -15.49
N PHE D 135 6.03 -5.63 -16.13
CA PHE D 135 5.86 -4.75 -17.28
C PHE D 135 6.35 -5.44 -18.55
N PHE D 136 5.99 -4.83 -19.69
CA PHE D 136 6.34 -5.33 -21.01
C PHE D 136 7.12 -4.23 -21.72
N VAL D 137 8.43 -4.40 -21.84
CA VAL D 137 9.32 -3.35 -22.30
C VAL D 137 9.83 -3.67 -23.70
N ARG D 138 10.20 -2.62 -24.42
CA ARG D 138 10.84 -2.75 -25.72
C ARG D 138 12.26 -3.28 -25.57
N LYS D 139 13.18 -2.41 -25.18
CA LYS D 139 14.58 -2.75 -24.98
C LYS D 139 14.93 -2.60 -23.50
N ALA D 140 16.02 -3.25 -23.10
CA ALA D 140 16.50 -3.14 -21.73
C ALA D 140 16.85 -1.69 -21.42
N ASN D 141 16.55 -1.27 -20.19
CA ASN D 141 16.66 0.14 -19.79
C ASN D 141 17.47 0.24 -18.50
N ALA D 142 18.78 0.15 -18.63
CA ALA D 142 19.74 0.46 -17.55
C ALA D 142 19.49 -0.36 -16.29
N LYS D 143 20.02 0.12 -15.17
CA LYS D 143 19.88 -0.55 -13.88
C LYS D 143 18.77 0.11 -13.08
N LYS D 144 17.54 -0.15 -13.51
CA LYS D 144 16.36 0.28 -12.77
C LYS D 144 15.31 -0.82 -12.73
N GLY D 145 15.76 -2.08 -12.72
CA GLY D 145 14.86 -3.21 -12.60
C GLY D 145 14.19 -3.64 -13.88
N MET D 146 14.68 -3.20 -15.04
CA MET D 146 14.05 -3.51 -16.31
C MET D 146 15.09 -4.05 -17.29
N LEU D 147 14.90 -5.28 -17.73
CA LEU D 147 15.62 -5.84 -18.87
C LEU D 147 14.63 -6.12 -19.99
N ALA D 148 15.15 -6.35 -21.19
CA ALA D 148 14.29 -6.52 -22.36
C ALA D 148 13.42 -7.76 -22.25
N SER D 149 12.21 -7.65 -22.81
CA SER D 149 11.21 -8.71 -22.80
C SER D 149 11.30 -9.56 -24.06
N THR D 150 10.94 -10.83 -23.92
CA THR D 150 10.97 -11.76 -25.05
C THR D 150 9.62 -12.38 -25.39
N HIS D 151 8.74 -12.58 -24.42
CA HIS D 151 7.45 -13.21 -24.69
C HIS D 151 6.34 -12.51 -23.91
N LEU D 152 5.15 -12.52 -24.49
CA LEU D 152 3.94 -12.06 -23.81
C LEU D 152 2.93 -13.19 -23.79
N ILE D 153 2.42 -13.50 -22.60
CA ILE D 153 1.45 -14.58 -22.43
C ILE D 153 0.11 -13.94 -22.06
N VAL D 154 -0.84 -14.01 -22.99
CA VAL D 154 -2.17 -13.45 -22.80
C VAL D 154 -3.22 -14.52 -23.11
N LYS D 155 -4.44 -14.28 -22.64
CA LYS D 155 -5.54 -15.19 -22.87
C LYS D 155 -6.29 -14.90 -24.17
N GLU D 156 -6.61 -13.64 -24.42
CA GLU D 156 -7.38 -13.20 -25.57
C GLU D 156 -6.67 -12.05 -26.26
N PRO D 157 -6.99 -11.77 -27.52
CA PRO D 157 -6.45 -10.56 -28.17
C PRO D 157 -6.88 -9.28 -27.48
N THR D 158 -6.51 -8.14 -28.06
CA THR D 158 -6.75 -6.80 -27.51
C THR D 158 -6.04 -6.62 -26.16
N GLY D 159 -5.96 -5.38 -25.70
CA GLY D 159 -5.24 -5.06 -24.48
C GLY D 159 -3.99 -4.23 -24.77
N SER D 160 -3.53 -3.52 -23.74
CA SER D 160 -2.40 -2.61 -23.90
C SER D 160 -1.13 -3.37 -24.26
N LYS D 161 -0.84 -4.45 -23.52
CA LYS D 161 0.38 -5.21 -23.81
C LYS D 161 0.27 -5.95 -25.14
N TYR D 162 -0.93 -6.40 -25.51
CA TYR D 162 -1.09 -7.15 -26.74
C TYR D 162 -0.84 -6.28 -27.97
N GLU D 163 -1.41 -5.08 -27.98
CA GLU D 163 -1.20 -4.20 -29.14
C GLU D 163 0.26 -3.82 -29.30
N ALA D 164 1.02 -3.77 -28.20
CA ALA D 164 2.44 -3.49 -28.30
C ALA D 164 3.24 -4.70 -28.78
N ALA D 165 2.73 -5.91 -28.54
CA ALA D 165 3.45 -7.10 -28.99
C ALA D 165 3.44 -7.21 -30.51
N LYS D 166 2.30 -6.90 -31.14
CA LYS D 166 2.26 -6.90 -32.60
C LYS D 166 3.09 -5.76 -33.19
N LYS D 167 3.18 -4.63 -32.47
CA LYS D 167 3.95 -3.50 -32.96
C LYS D 167 5.45 -3.72 -32.81
N TRP D 168 5.87 -4.44 -31.78
CA TRP D 168 7.27 -4.68 -31.51
C TRP D 168 7.74 -6.05 -31.99
N SER D 169 6.89 -6.76 -32.75
CA SER D 169 7.22 -8.06 -33.33
C SER D 169 7.65 -9.07 -32.26
N LEU D 170 6.97 -9.04 -31.11
CA LEU D 170 7.20 -10.01 -30.06
C LEU D 170 6.03 -10.99 -29.98
N PRO D 171 6.30 -12.27 -29.77
CA PRO D 171 5.23 -13.29 -29.79
C PRO D 171 4.30 -13.16 -28.60
N ALA D 172 3.00 -13.06 -28.88
CA ALA D 172 1.95 -13.13 -27.88
C ALA D 172 1.32 -14.51 -27.99
N VAL D 173 1.47 -15.32 -26.94
CA VAL D 173 1.09 -16.72 -26.99
C VAL D 173 0.07 -17.04 -25.91
N ASN D 174 -0.52 -18.20 -26.03
CA ASN D 174 -1.48 -18.68 -25.04
C ASN D 174 -0.74 -19.21 -23.82
N ILE D 175 -1.52 -19.50 -22.78
CA ILE D 175 -0.98 -20.18 -21.61
C ILE D 175 -0.55 -21.60 -21.97
N SER D 176 -1.20 -22.21 -22.96
CA SER D 176 -0.86 -23.55 -23.38
C SER D 176 0.55 -23.64 -23.93
N TRP D 177 1.13 -22.53 -24.41
CA TRP D 177 2.54 -22.52 -24.80
C TRP D 177 3.43 -22.75 -23.59
N LEU D 178 3.06 -22.18 -22.44
CA LEU D 178 3.82 -22.39 -21.22
C LEU D 178 3.68 -23.83 -20.75
N LEU D 179 2.49 -24.41 -20.88
CA LEU D 179 2.26 -25.78 -20.43
C LEU D 179 2.92 -26.79 -21.35
N GLU D 180 2.83 -26.57 -22.65
CA GLU D 180 3.49 -27.46 -23.61
C GLU D 180 5.00 -27.45 -23.42
N THR D 181 5.57 -26.28 -23.12
CA THR D 181 7.00 -26.22 -22.82
C THR D 181 7.33 -27.06 -21.59
N ALA D 182 6.51 -26.97 -20.54
CA ALA D 182 6.80 -27.68 -19.30
C ALA D 182 6.69 -29.19 -19.49
N ARG D 183 5.83 -29.65 -20.39
CA ARG D 183 5.65 -31.08 -20.58
C ARG D 183 6.79 -31.69 -21.39
N ILE D 184 7.24 -31.00 -22.45
CA ILE D 184 8.26 -31.54 -23.32
C ILE D 184 9.66 -31.31 -22.77
N GLY D 185 9.86 -30.25 -21.98
CA GLY D 185 11.19 -29.87 -21.56
C GLY D 185 11.94 -29.05 -22.57
N LYS D 186 11.34 -28.74 -23.71
CA LYS D 186 11.94 -27.89 -24.73
C LYS D 186 11.03 -26.70 -24.97
N ARG D 187 11.62 -25.59 -25.37
CA ARG D 187 10.86 -24.38 -25.68
C ARG D 187 9.93 -24.65 -26.86
N ALA D 188 8.63 -24.54 -26.63
CA ALA D 188 7.66 -24.88 -27.65
C ALA D 188 7.57 -23.79 -28.71
N ASP D 189 7.10 -24.19 -29.90
CA ASP D 189 6.98 -23.27 -31.02
C ASP D 189 5.86 -22.27 -30.76
N GLU D 190 6.22 -20.97 -30.75
CA GLU D 190 5.24 -19.93 -30.47
C GLU D 190 4.17 -19.84 -31.56
N ASN D 191 4.52 -20.17 -32.81
CA ASN D 191 3.55 -20.07 -33.90
C ASN D 191 2.38 -21.04 -33.73
N HIS D 192 2.57 -22.13 -32.98
CA HIS D 192 1.49 -23.06 -32.70
C HIS D 192 0.58 -22.60 -31.58
N PHE D 193 0.89 -21.48 -30.93
CA PHE D 193 0.14 -21.04 -29.76
C PHE D 193 -0.12 -19.54 -29.81
N LEU D 194 -0.17 -18.97 -31.01
CA LEU D 194 -0.45 -17.54 -31.12
C LEU D 194 -1.86 -17.23 -30.65
N VAL D 195 -2.03 -16.03 -30.11
CA VAL D 195 -3.32 -15.66 -29.54
C VAL D 195 -4.32 -15.27 -30.62
N ASP D 196 -3.85 -14.70 -31.74
CA ASP D 196 -4.77 -14.31 -32.81
C ASP D 196 -5.49 -15.50 -33.42
N ASN D 197 -4.94 -16.70 -33.28
CA ASN D 197 -5.56 -17.91 -33.81
C ASN D 197 -5.96 -18.86 -32.69
N GLU E 7 -6.07 40.20 8.17
CA GLU E 7 -6.70 39.97 9.47
C GLU E 7 -7.39 38.60 9.47
N GLY E 8 -8.48 38.49 10.24
CA GLY E 8 -9.19 37.23 10.33
C GLY E 8 -9.96 36.89 9.06
N LEU E 9 -10.22 35.59 8.91
CA LEU E 9 -10.87 35.09 7.70
C LEU E 9 -12.27 35.65 7.53
N PHE E 10 -13.10 35.58 8.58
CA PHE E 10 -14.45 36.11 8.56
C PHE E 10 -14.54 37.49 9.19
N SER E 11 -13.42 38.22 9.24
CA SER E 11 -13.42 39.54 9.83
C SER E 11 -14.40 40.45 9.10
N GLN E 12 -15.11 41.28 9.88
CA GLN E 12 -16.12 42.18 9.34
C GLN E 12 -17.26 41.41 8.66
N LYS E 13 -17.57 40.20 9.14
CA LYS E 13 -18.67 39.42 8.60
C LYS E 13 -19.58 38.96 9.74
N SER E 14 -20.87 39.04 9.51
CA SER E 14 -21.89 38.65 10.49
C SER E 14 -22.63 37.41 9.99
N PHE E 15 -23.00 36.53 10.91
CA PHE E 15 -23.52 35.21 10.58
C PHE E 15 -24.80 34.92 11.37
N LEU E 16 -25.67 34.14 10.75
CA LEU E 16 -26.77 33.46 11.41
C LEU E 16 -26.61 31.96 11.15
N VAL E 17 -26.91 31.15 12.17
CA VAL E 17 -26.82 29.69 12.05
C VAL E 17 -28.20 29.11 12.30
N LEU E 18 -28.76 28.45 11.29
CA LEU E 18 -30.14 27.97 11.32
C LEU E 18 -30.22 26.52 10.87
N GLY E 19 -31.15 25.78 11.47
CA GLY E 19 -31.52 24.46 11.01
C GLY E 19 -30.67 23.30 11.52
N PHE E 20 -29.73 23.55 12.43
CA PHE E 20 -28.87 22.48 12.92
C PHE E 20 -29.31 22.00 14.28
N SER E 21 -28.82 20.81 14.63
CA SER E 21 -29.05 20.28 15.96
C SER E 21 -28.27 21.08 16.98
N VAL E 22 -28.50 20.77 18.25
CA VAL E 22 -27.85 21.50 19.34
C VAL E 22 -26.33 21.40 19.20
N GLU E 23 -25.83 20.19 18.95
CA GLU E 23 -24.38 20.00 18.91
C GLU E 23 -23.76 20.66 17.69
N ASN E 24 -24.38 20.49 16.51
CA ASN E 24 -23.79 21.06 15.30
C ASN E 24 -23.78 22.58 15.35
N LYS E 25 -24.84 23.19 15.91
CA LYS E 25 -24.87 24.65 16.00
C LYS E 25 -23.74 25.18 16.86
N CYS E 26 -23.48 24.51 18.00
CA CYS E 26 -22.41 24.96 18.88
C CYS E 26 -21.06 24.86 18.19
N ASN E 27 -20.83 23.77 17.45
CA ASN E 27 -19.57 23.61 16.74
C ASN E 27 -19.41 24.67 15.66
N ILE E 28 -20.51 25.00 14.96
CA ILE E 28 -20.43 25.98 13.89
C ILE E 28 -20.17 27.38 14.45
N VAL E 29 -20.79 27.71 15.59
CA VAL E 29 -20.61 29.03 16.17
C VAL E 29 -19.17 29.22 16.65
N ASP E 30 -18.62 28.24 17.36
CA ASP E 30 -17.26 28.38 17.86
C ASP E 30 -16.29 28.47 16.69
N ILE E 31 -16.53 27.66 15.67
CA ILE E 31 -15.71 27.70 14.47
C ILE E 31 -15.73 29.09 13.85
N ILE E 32 -16.92 29.72 13.80
CA ILE E 32 -17.02 31.06 13.21
C ILE E 32 -16.27 32.08 14.06
N ARG E 33 -16.43 32.00 15.38
CA ARG E 33 -15.78 32.98 16.27
C ARG E 33 -14.28 32.83 16.26
N GLU E 34 -13.77 31.60 16.13
CA GLU E 34 -12.32 31.38 16.08
C GLU E 34 -11.68 32.02 14.86
N HIS E 35 -12.47 32.43 13.87
CA HIS E 35 -11.94 33.08 12.67
C HIS E 35 -12.44 34.51 12.55
N ALA E 36 -12.66 35.16 13.70
CA ALA E 36 -13.04 36.56 13.82
C ALA E 36 -14.45 36.85 13.33
N GLY E 37 -15.28 35.82 13.15
CA GLY E 37 -16.64 36.04 12.72
C GLY E 37 -17.55 36.46 13.86
N LYS E 38 -18.59 37.21 13.52
CA LYS E 38 -19.57 37.72 14.45
C LYS E 38 -20.90 36.98 14.29
N ILE E 39 -21.57 36.74 15.40
CA ILE E 39 -22.86 36.05 15.43
C ILE E 39 -23.92 37.09 15.78
N VAL E 40 -24.90 37.23 14.91
CA VAL E 40 -26.00 38.18 15.15
C VAL E 40 -27.00 37.56 16.10
N SER E 41 -27.32 38.27 17.18
CA SER E 41 -28.35 37.83 18.12
C SER E 41 -29.69 38.39 17.65
N LEU E 42 -30.66 37.49 17.46
CA LEU E 42 -31.99 37.88 17.01
C LEU E 42 -32.90 38.16 18.22
N PRO E 43 -33.87 39.07 18.07
CA PRO E 43 -34.19 39.82 16.83
C PRO E 43 -33.23 40.97 16.57
N SER E 44 -32.98 41.25 15.29
CA SER E 44 -32.08 42.31 14.90
C SER E 44 -32.52 42.84 13.55
N ARG E 45 -32.29 44.14 13.34
CA ARG E 45 -32.52 44.74 12.04
C ARG E 45 -31.27 44.75 11.17
N ILE E 46 -30.17 44.16 11.67
CA ILE E 46 -28.96 44.00 10.88
C ILE E 46 -29.17 42.89 9.85
N VAL E 47 -28.85 43.18 8.60
CA VAL E 47 -28.85 42.15 7.55
C VAL E 47 -27.51 41.43 7.63
N ALA E 48 -27.50 40.22 8.18
CA ALA E 48 -26.27 39.48 8.33
C ALA E 48 -25.70 39.12 6.95
N ASP E 49 -24.38 39.02 6.88
CA ASP E 49 -23.74 38.66 5.62
C ASP E 49 -24.11 37.25 5.19
N TYR E 50 -24.18 36.31 6.14
CA TYR E 50 -24.42 34.91 5.82
C TYR E 50 -25.46 34.33 6.76
N ALA E 51 -26.12 33.29 6.26
CA ALA E 51 -26.97 32.39 7.06
C ALA E 51 -26.46 30.99 6.76
N VAL E 52 -25.88 30.34 7.77
CA VAL E 52 -25.33 29.00 7.58
C VAL E 52 -26.46 28.00 7.79
N VAL E 53 -26.72 27.16 6.79
CA VAL E 53 -27.83 26.21 6.85
C VAL E 53 -27.34 24.83 6.47
N PRO E 54 -28.10 23.76 6.73
CA PRO E 54 -27.69 22.43 6.28
C PRO E 54 -27.62 22.32 4.76
N LEU E 55 -26.99 21.24 4.31
CA LEU E 55 -26.77 21.02 2.87
C LEU E 55 -28.10 20.93 2.11
N LEU E 56 -29.07 20.23 2.67
CA LEU E 56 -30.39 20.13 2.06
C LEU E 56 -31.27 21.34 2.37
N GLY E 57 -30.74 22.32 3.10
CA GLY E 57 -31.47 23.54 3.35
C GLY E 57 -32.48 23.40 4.47
N CYS E 58 -33.11 24.54 4.79
CA CYS E 58 -34.16 24.60 5.79
C CYS E 58 -34.94 25.90 5.57
N GLU E 59 -35.94 26.13 6.43
CA GLU E 59 -36.73 27.35 6.35
C GLU E 59 -35.91 28.52 6.90
N VAL E 60 -35.76 29.56 6.09
CA VAL E 60 -35.02 30.76 6.46
C VAL E 60 -35.98 31.92 6.35
N ASP E 61 -36.32 32.51 7.50
CA ASP E 61 -37.26 33.62 7.57
C ASP E 61 -36.59 34.95 7.92
N VAL E 62 -35.27 34.99 8.07
CA VAL E 62 -34.57 36.22 8.40
C VAL E 62 -33.77 36.66 7.20
N THR E 63 -33.84 37.94 6.89
CA THR E 63 -33.13 38.50 5.73
C THR E 63 -31.62 38.47 5.94
N VAL E 64 -30.91 37.89 4.98
CA VAL E 64 -29.45 37.86 4.98
C VAL E 64 -28.93 38.18 3.58
N GLY E 65 -27.60 38.34 3.49
CA GLY E 65 -26.98 38.58 2.21
C GLY E 65 -26.92 37.35 1.34
N GLU E 66 -26.51 36.22 1.91
CA GLU E 66 -26.38 34.97 1.17
C GLU E 66 -26.68 33.80 2.09
N VAL E 67 -27.40 32.82 1.56
CA VAL E 67 -27.65 31.56 2.26
C VAL E 67 -26.59 30.56 1.83
N VAL E 68 -25.80 30.07 2.80
CA VAL E 68 -24.70 29.16 2.54
C VAL E 68 -24.80 27.93 3.41
N THR E 69 -24.10 26.88 2.99
CA THR E 69 -24.15 25.59 3.68
C THR E 69 -22.96 25.45 4.62
N ASN E 70 -23.08 24.46 5.52
CA ASN E 70 -21.94 24.08 6.35
C ASN E 70 -20.75 23.66 5.50
N THR E 71 -21.00 23.12 4.30
CA THR E 71 -19.91 22.70 3.43
C THR E 71 -19.06 23.89 2.99
N TRP E 72 -19.68 25.02 2.69
CA TRP E 72 -18.92 26.22 2.35
C TRP E 72 -18.09 26.70 3.54
N LEU E 73 -18.67 26.68 4.73
CA LEU E 73 -17.96 27.18 5.90
C LEU E 73 -16.72 26.34 6.17
N VAL E 74 -16.87 25.02 6.23
CA VAL E 74 -15.74 24.15 6.52
C VAL E 74 -14.71 24.22 5.38
N THR E 75 -15.16 24.39 4.14
CA THR E 75 -14.22 24.51 3.03
C THR E 75 -13.39 25.78 3.15
N CYS E 76 -13.99 26.86 3.64
CA CYS E 76 -13.23 28.09 3.86
C CYS E 76 -12.16 27.88 4.92
N ILE E 77 -12.52 27.16 5.99
CA ILE E 77 -11.60 26.92 7.09
C ILE E 77 -10.52 25.90 6.72
N ASP E 78 -10.90 24.82 6.04
CA ASP E 78 -9.91 23.82 5.66
C ASP E 78 -8.90 24.39 4.67
N ASN E 79 -9.30 25.37 3.87
CA ASN E 79 -8.43 26.01 2.89
C ASN E 79 -7.96 27.38 3.34
N GLN E 80 -8.41 27.86 4.51
CA GLN E 80 -7.97 29.13 5.07
C GLN E 80 -8.15 30.27 4.06
N THR E 81 -9.26 30.23 3.34
CA THR E 81 -9.56 31.21 2.30
C THR E 81 -11.06 31.42 2.24
N LEU E 82 -11.48 32.67 2.08
CA LEU E 82 -12.90 33.00 1.90
C LEU E 82 -13.30 32.69 0.46
N VAL E 83 -13.89 31.51 0.25
CA VAL E 83 -14.27 31.03 -1.07
C VAL E 83 -15.63 31.62 -1.46
N ASP E 84 -15.78 31.95 -2.75
CA ASP E 84 -17.04 32.46 -3.26
C ASP E 84 -18.14 31.40 -3.15
N PRO E 85 -19.26 31.68 -2.48
CA PRO E 85 -20.32 30.67 -2.36
C PRO E 85 -20.94 30.26 -3.68
N LYS E 86 -20.77 31.05 -4.74
CA LYS E 86 -21.34 30.71 -6.04
C LYS E 86 -20.43 29.82 -6.87
N SER E 87 -19.26 29.42 -6.36
CA SER E 87 -18.29 28.66 -7.14
C SER E 87 -18.41 27.14 -6.98
N ASN E 88 -19.42 26.66 -6.26
CA ASN E 88 -19.65 25.22 -6.12
C ASN E 88 -21.10 24.99 -5.73
N PRO E 89 -21.79 24.06 -6.39
CA PRO E 89 -23.21 23.82 -6.07
C PRO E 89 -23.43 23.33 -4.65
N LEU E 90 -22.41 22.76 -4.01
CA LEU E 90 -22.57 22.29 -2.64
C LEU E 90 -22.49 23.41 -1.61
N PHE E 91 -22.14 24.63 -2.02
CA PHE E 91 -22.00 25.73 -1.07
C PHE E 91 -23.32 26.43 -0.78
N THR E 92 -24.33 26.23 -1.60
CA THR E 92 -25.69 26.70 -1.36
C THR E 92 -26.61 25.51 -1.23
N PRO E 93 -27.78 25.68 -0.59
CA PRO E 93 -28.67 24.53 -0.38
C PRO E 93 -28.95 23.79 -1.68
N VAL E 94 -28.86 22.47 -1.63
CA VAL E 94 -29.04 21.61 -2.78
C VAL E 94 -30.46 21.05 -2.75
N SER E 95 -31.20 21.23 -3.84
CA SER E 95 -32.57 20.72 -3.92
C SER E 95 -32.54 19.23 -4.18
N VAL E 96 -33.14 18.46 -3.28
CA VAL E 96 -33.17 17.01 -3.36
C VAL E 96 -34.60 16.54 -3.12
N MET E 97 -35.13 15.75 -4.06
CA MET E 97 -36.46 15.20 -3.93
C MET E 97 -36.48 14.13 -2.84
N SER E 98 -37.32 14.32 -1.83
CA SER E 98 -37.37 13.43 -0.70
C SER E 98 -38.22 12.20 -0.98
N GLY E 99 -37.96 11.13 -0.22
CA GLY E 99 -38.75 9.93 -0.28
C GLY E 99 -38.36 8.92 -1.35
N VAL E 100 -37.35 9.22 -2.17
CA VAL E 100 -36.94 8.35 -3.27
C VAL E 100 -35.51 7.90 -3.04
N THR E 101 -35.20 6.67 -3.45
CA THR E 101 -33.85 6.13 -3.43
C THR E 101 -33.54 5.57 -4.81
N PRO E 102 -33.21 6.44 -5.77
CA PRO E 102 -33.01 5.97 -7.16
C PRO E 102 -31.69 5.25 -7.38
N LEU E 103 -30.73 5.37 -6.48
CA LEU E 103 -29.41 4.77 -6.63
C LEU E 103 -29.20 3.60 -5.68
N GLU E 104 -30.27 2.97 -5.22
CA GLU E 104 -30.15 1.91 -4.21
C GLU E 104 -29.34 0.72 -4.71
N ASP E 105 -29.32 0.49 -6.02
CA ASP E 105 -28.59 -0.63 -6.60
C ASP E 105 -27.16 -0.28 -7.01
N CYS E 106 -26.67 0.90 -6.64
CA CYS E 106 -25.40 1.40 -7.11
C CYS E 106 -24.33 1.32 -6.01
N VAL E 107 -23.08 1.18 -6.44
CA VAL E 107 -21.92 1.21 -5.55
C VAL E 107 -20.98 2.28 -6.08
N ILE E 108 -20.89 3.40 -5.39
CA ILE E 108 -20.21 4.59 -5.88
C ILE E 108 -18.87 4.73 -5.19
N SER E 109 -17.84 5.04 -5.98
CA SER E 109 -16.52 5.39 -5.48
C SER E 109 -16.16 6.77 -5.99
N PHE E 110 -15.50 7.57 -5.15
CA PHE E 110 -15.17 8.95 -5.45
C PHE E 110 -13.68 9.10 -5.71
N SER E 111 -13.34 10.06 -6.58
CA SER E 111 -11.96 10.39 -6.88
C SER E 111 -11.82 11.89 -7.05
N GLN E 112 -10.67 12.43 -6.61
CA GLN E 112 -10.35 13.85 -6.69
C GLN E 112 -11.29 14.72 -5.86
N CYS E 113 -11.91 14.15 -4.83
CA CYS E 113 -12.78 14.89 -3.92
C CYS E 113 -12.22 14.76 -2.51
N VAL E 114 -12.02 15.90 -1.85
CA VAL E 114 -11.32 15.95 -0.57
C VAL E 114 -12.11 16.79 0.42
N GLY E 115 -12.11 16.38 1.68
CA GLY E 115 -12.58 17.25 2.74
C GLY E 115 -14.09 17.34 2.80
N ALA E 116 -14.57 18.56 3.13
CA ALA E 116 -16.00 18.77 3.29
C ALA E 116 -16.77 18.51 2.00
N GLU E 117 -16.13 18.72 0.85
CA GLU E 117 -16.78 18.42 -0.42
C GLU E 117 -17.08 16.93 -0.54
N ARG E 118 -16.09 16.10 -0.24
CA ARG E 118 -16.30 14.65 -0.32
C ARG E 118 -17.30 14.17 0.73
N ASP E 119 -17.32 14.78 1.91
CA ASP E 119 -18.29 14.39 2.92
C ASP E 119 -19.72 14.65 2.45
N SER E 120 -19.95 15.81 1.83
CA SER E 120 -21.28 16.12 1.32
C SER E 120 -21.67 15.19 0.18
N LEU E 121 -20.72 14.87 -0.71
CA LEU E 121 -21.03 13.99 -1.83
C LEU E 121 -21.37 12.58 -1.34
N VAL E 122 -20.62 12.08 -0.35
CA VAL E 122 -20.94 10.78 0.21
C VAL E 122 -22.31 10.84 0.90
N PHE E 123 -22.64 11.98 1.51
CA PHE E 123 -23.94 12.14 2.15
C PHE E 123 -25.07 12.01 1.14
N LEU E 124 -24.94 12.67 -0.01
CA LEU E 124 -25.99 12.62 -1.02
C LEU E 124 -26.16 11.21 -1.58
N ALA E 125 -25.04 10.53 -1.86
CA ALA E 125 -25.12 9.18 -2.42
C ALA E 125 -25.78 8.21 -1.45
N ASN E 126 -25.43 8.28 -0.16
CA ASN E 126 -26.08 7.43 0.83
C ASN E 126 -27.54 7.83 1.02
N HIS E 127 -27.84 9.13 0.92
CA HIS E 127 -29.22 9.59 1.03
C HIS E 127 -30.09 9.09 -0.12
N LEU E 128 -29.49 8.78 -1.26
CA LEU E 128 -30.21 8.26 -2.42
C LEU E 128 -30.21 6.73 -2.47
N GLY E 129 -29.73 6.06 -1.42
CA GLY E 129 -29.76 4.62 -1.34
C GLY E 129 -28.50 3.92 -1.81
N ALA E 130 -27.52 4.67 -2.31
CA ALA E 130 -26.32 4.05 -2.86
C ALA E 130 -25.37 3.61 -1.74
N SER E 131 -24.49 2.68 -2.08
CA SER E 131 -23.46 2.20 -1.18
C SER E 131 -22.13 2.80 -1.60
N VAL E 132 -21.46 3.48 -0.66
CA VAL E 132 -20.21 4.19 -0.94
C VAL E 132 -19.07 3.41 -0.30
N GLN E 133 -18.04 3.12 -1.10
CA GLN E 133 -16.85 2.43 -0.61
C GLN E 133 -15.62 3.26 -0.96
N GLU E 134 -14.57 3.10 -0.15
CA GLU E 134 -13.36 3.89 -0.33
C GLU E 134 -12.63 3.49 -1.61
N PHE E 135 -12.31 2.21 -1.77
CA PHE E 135 -11.55 1.75 -2.92
C PHE E 135 -12.48 1.50 -4.11
N PHE E 136 -11.87 1.35 -5.27
CA PHE E 136 -12.57 1.12 -6.53
C PHE E 136 -12.24 -0.31 -6.96
N VAL E 137 -13.15 -1.25 -6.67
CA VAL E 137 -12.88 -2.67 -6.81
C VAL E 137 -13.75 -3.25 -7.92
N ARG E 138 -13.20 -4.24 -8.63
CA ARG E 138 -13.94 -4.92 -9.69
C ARG E 138 -14.86 -6.00 -9.12
N LYS E 139 -14.33 -6.85 -8.24
CA LYS E 139 -15.03 -8.04 -7.79
C LYS E 139 -15.46 -7.90 -6.34
N ALA E 140 -16.62 -8.46 -6.01
CA ALA E 140 -17.09 -8.48 -4.63
C ALA E 140 -16.22 -9.44 -3.82
N ASN E 141 -15.64 -8.94 -2.73
CA ASN E 141 -14.64 -9.67 -1.96
C ASN E 141 -15.17 -9.95 -0.57
N ALA E 142 -15.01 -11.19 -0.10
CA ALA E 142 -15.33 -11.57 1.26
C ALA E 142 -14.14 -11.48 2.20
N LYS E 143 -12.92 -11.60 1.66
CA LYS E 143 -11.72 -11.47 2.48
C LYS E 143 -11.56 -10.05 3.03
N LYS E 144 -12.15 -9.06 2.36
CA LYS E 144 -12.14 -7.69 2.85
C LYS E 144 -13.52 -7.17 3.22
N GLY E 145 -14.58 -7.75 2.66
CA GLY E 145 -15.93 -7.31 2.95
C GLY E 145 -16.42 -6.19 2.06
N MET E 146 -16.00 -6.17 0.80
CA MET E 146 -16.37 -5.14 -0.14
C MET E 146 -17.35 -5.68 -1.17
N LEU E 147 -17.86 -4.78 -1.99
CA LEU E 147 -18.76 -5.12 -3.09
C LEU E 147 -18.18 -4.58 -4.39
N ALA E 148 -18.71 -5.07 -5.51
CA ALA E 148 -18.26 -4.61 -6.82
C ALA E 148 -18.70 -3.16 -7.03
N SER E 149 -17.90 -2.43 -7.80
CA SER E 149 -18.17 -1.03 -8.07
C SER E 149 -18.98 -0.88 -9.35
N THR E 150 -19.84 0.15 -9.36
CA THR E 150 -20.69 0.44 -10.51
C THR E 150 -20.47 1.81 -11.10
N HIS E 151 -20.10 2.81 -10.30
CA HIS E 151 -19.91 4.17 -10.78
C HIS E 151 -18.69 4.80 -10.12
N LEU E 152 -18.01 5.65 -10.88
CA LEU E 152 -16.91 6.47 -10.38
C LEU E 152 -17.25 7.93 -10.65
N ILE E 153 -17.14 8.75 -9.62
CA ILE E 153 -17.45 10.18 -9.73
C ILE E 153 -16.12 10.93 -9.67
N VAL E 154 -15.73 11.52 -10.80
CA VAL E 154 -14.47 12.24 -10.91
C VAL E 154 -14.75 13.65 -11.45
N LYS E 155 -13.78 14.54 -11.22
CA LYS E 155 -13.87 15.91 -11.68
C LYS E 155 -13.27 16.09 -13.08
N GLU E 156 -12.07 15.58 -13.27
CA GLU E 156 -11.31 15.72 -14.51
C GLU E 156 -10.78 14.36 -14.94
N PRO E 157 -10.39 14.19 -16.21
CA PRO E 157 -9.73 12.95 -16.62
C PRO E 157 -8.40 12.74 -15.90
N THR E 158 -7.69 11.67 -16.28
CA THR E 158 -6.44 11.25 -15.65
C THR E 158 -6.65 10.87 -14.18
N GLY E 159 -5.66 10.20 -13.60
CA GLY E 159 -5.75 9.70 -12.25
C GLY E 159 -5.79 8.18 -12.22
N SER E 160 -5.42 7.62 -11.06
CA SER E 160 -5.33 6.17 -10.92
C SER E 160 -6.70 5.52 -11.09
N LYS E 161 -7.72 6.04 -10.40
CA LYS E 161 -9.05 5.46 -10.48
C LYS E 161 -9.70 5.71 -11.85
N TYR E 162 -9.42 6.86 -12.46
CA TYR E 162 -10.04 7.19 -13.75
C TYR E 162 -9.55 6.26 -14.85
N GLU E 163 -8.23 6.06 -14.93
CA GLU E 163 -7.69 5.19 -15.98
C GLU E 163 -8.17 3.76 -15.83
N ALA E 164 -8.47 3.33 -14.60
CA ALA E 164 -9.03 2.00 -14.40
C ALA E 164 -10.51 1.95 -14.78
N ALA E 165 -11.21 3.08 -14.69
CA ALA E 165 -12.62 3.10 -15.04
C ALA E 165 -12.82 2.89 -16.54
N LYS E 166 -11.99 3.52 -17.37
CA LYS E 166 -12.09 3.29 -18.81
C LYS E 166 -11.65 1.89 -19.18
N LYS E 167 -10.75 1.30 -18.39
CA LYS E 167 -10.28 -0.04 -18.69
C LYS E 167 -11.31 -1.11 -18.34
N TRP E 168 -12.13 -0.87 -17.33
CA TRP E 168 -13.12 -1.83 -16.88
C TRP E 168 -14.51 -1.56 -17.43
N SER E 169 -14.63 -0.64 -18.39
CA SER E 169 -15.91 -0.30 -19.01
C SER E 169 -16.93 0.14 -17.96
N LEU E 170 -16.47 0.89 -16.96
CA LEU E 170 -17.34 1.44 -15.93
C LEU E 170 -17.53 2.93 -16.14
N PRO E 171 -18.74 3.44 -15.97
CA PRO E 171 -19.01 4.86 -16.25
C PRO E 171 -18.30 5.77 -15.25
N ALA E 172 -17.50 6.69 -15.76
CA ALA E 172 -16.89 7.75 -14.97
C ALA E 172 -17.68 9.03 -15.22
N VAL E 173 -18.36 9.53 -14.18
CA VAL E 173 -19.32 10.61 -14.34
C VAL E 173 -18.91 11.81 -13.49
N ASN E 174 -19.52 12.95 -13.77
CA ASN E 174 -19.30 14.20 -13.06
C ASN E 174 -20.07 14.21 -11.74
N ILE E 175 -19.83 15.27 -10.95
CA ILE E 175 -20.65 15.51 -9.78
C ILE E 175 -22.07 15.87 -10.19
N SER E 176 -22.23 16.55 -11.33
CA SER E 176 -23.57 16.96 -11.76
C SER E 176 -24.48 15.77 -12.04
N TRP E 177 -23.91 14.60 -12.35
CA TRP E 177 -24.73 13.41 -12.48
C TRP E 177 -25.38 13.03 -11.16
N LEU E 178 -24.63 13.17 -10.06
CA LEU E 178 -25.21 12.88 -8.75
C LEU E 178 -26.24 13.93 -8.35
N LEU E 179 -25.98 15.20 -8.67
CA LEU E 179 -26.91 16.26 -8.30
C LEU E 179 -28.19 16.21 -9.12
N GLU E 180 -28.06 15.96 -10.42
CA GLU E 180 -29.25 15.85 -11.27
C GLU E 180 -30.11 14.68 -10.84
N THR E 181 -29.49 13.56 -10.46
CA THR E 181 -30.25 12.42 -9.96
C THR E 181 -31.00 12.76 -8.69
N ALA E 182 -30.35 13.47 -7.76
CA ALA E 182 -30.99 13.81 -6.50
C ALA E 182 -32.12 14.82 -6.68
N ARG E 183 -32.01 15.69 -7.70
CA ARG E 183 -33.02 16.72 -7.90
C ARG E 183 -34.28 16.16 -8.54
N ILE E 184 -34.12 15.29 -9.53
CA ILE E 184 -35.27 14.74 -10.26
C ILE E 184 -35.89 13.57 -9.50
N GLY E 185 -35.12 12.87 -8.68
CA GLY E 185 -35.59 11.66 -8.06
C GLY E 185 -35.48 10.42 -8.92
N LYS E 186 -34.94 10.53 -10.12
CA LYS E 186 -34.73 9.39 -11.00
C LYS E 186 -33.24 9.27 -11.32
N ARG E 187 -32.78 8.03 -11.51
CA ARG E 187 -31.39 7.80 -11.85
C ARG E 187 -31.08 8.40 -13.21
N ALA E 188 -30.17 9.37 -13.24
CA ALA E 188 -29.88 10.10 -14.46
C ALA E 188 -29.04 9.27 -15.42
N ASP E 189 -29.11 9.63 -16.70
CA ASP E 189 -28.36 8.94 -17.74
C ASP E 189 -26.88 9.28 -17.59
N GLU E 190 -26.05 8.25 -17.40
CA GLU E 190 -24.62 8.47 -17.18
C GLU E 190 -23.93 9.01 -18.42
N ASN E 191 -24.43 8.69 -19.61
CA ASN E 191 -23.79 9.15 -20.85
C ASN E 191 -23.82 10.67 -20.99
N HIS E 192 -24.78 11.34 -20.36
CA HIS E 192 -24.87 12.79 -20.44
C HIS E 192 -23.90 13.50 -19.49
N PHE E 193 -23.16 12.77 -18.67
CA PHE E 193 -22.29 13.38 -17.66
C PHE E 193 -20.92 12.72 -17.61
N LEU E 194 -20.48 12.13 -18.71
CA LEU E 194 -19.18 11.49 -18.76
C LEU E 194 -18.07 12.53 -18.62
N VAL E 195 -16.94 12.09 -18.05
CA VAL E 195 -15.84 13.01 -17.79
C VAL E 195 -15.08 13.33 -19.08
N ASP E 196 -15.02 12.38 -20.01
CA ASP E 196 -14.37 12.63 -21.30
C ASP E 196 -15.09 13.69 -22.11
N ASN E 197 -16.35 13.98 -21.78
CA ASN E 197 -17.13 14.97 -22.52
C ASN E 197 -17.45 16.18 -21.63
N GLU F 7 -22.63 -38.58 29.81
CA GLU F 7 -23.24 -38.84 31.10
C GLU F 7 -24.00 -40.16 31.10
N GLY F 8 -25.04 -40.25 31.93
CA GLY F 8 -25.78 -41.49 32.06
C GLY F 8 -26.55 -41.84 30.79
N LEU F 9 -26.85 -43.14 30.68
CA LEU F 9 -27.52 -43.66 29.49
C LEU F 9 -28.92 -43.06 29.32
N PHE F 10 -29.73 -43.07 30.38
CA PHE F 10 -31.06 -42.50 30.35
C PHE F 10 -31.10 -41.09 30.94
N SER F 11 -29.97 -40.40 30.97
CA SER F 11 -29.93 -39.06 31.53
C SER F 11 -30.87 -38.14 30.77
N GLN F 12 -31.55 -37.25 31.52
CA GLN F 12 -32.52 -36.33 30.95
C GLN F 12 -33.68 -37.06 30.29
N LYS F 13 -34.04 -38.24 30.80
CA LYS F 13 -35.16 -39.02 30.29
C LYS F 13 -36.09 -39.38 31.44
N SER F 14 -37.39 -39.28 31.21
CA SER F 14 -38.39 -39.62 32.21
C SER F 14 -39.17 -40.85 31.75
N PHE F 15 -39.56 -41.68 32.72
CA PHE F 15 -40.15 -42.98 32.43
C PHE F 15 -41.43 -43.22 33.22
N LEU F 16 -42.30 -44.02 32.62
CA LEU F 16 -43.43 -44.66 33.30
C LEU F 16 -43.29 -46.16 33.15
N VAL F 17 -43.64 -46.91 34.19
CA VAL F 17 -43.60 -48.37 34.18
C VAL F 17 -45.00 -48.87 34.43
N LEU F 18 -45.59 -49.53 33.43
CA LEU F 18 -46.99 -49.93 33.47
C LEU F 18 -47.14 -51.38 33.07
N GLY F 19 -48.10 -52.06 33.70
CA GLY F 19 -48.50 -53.39 33.28
C GLY F 19 -47.68 -54.54 33.83
N PHE F 20 -46.74 -54.29 34.73
CA PHE F 20 -45.89 -55.36 35.22
C PHE F 20 -46.33 -55.80 36.61
N SER F 21 -45.86 -56.98 36.99
CA SER F 21 -46.08 -57.48 38.35
C SER F 21 -45.23 -56.68 39.33
N VAL F 22 -45.44 -56.96 40.62
CA VAL F 22 -44.72 -56.25 41.67
C VAL F 22 -43.22 -56.42 41.52
N GLU F 23 -42.78 -57.67 41.32
CA GLU F 23 -41.35 -57.93 41.26
C GLU F 23 -40.72 -57.34 40.01
N ASN F 24 -41.37 -57.52 38.87
CA ASN F 24 -40.82 -57.02 37.61
C ASN F 24 -40.76 -55.50 37.59
N LYS F 25 -41.78 -54.83 38.16
CA LYS F 25 -41.77 -53.38 38.18
C LYS F 25 -40.60 -52.84 39.01
N CYS F 26 -40.33 -53.46 40.16
CA CYS F 26 -39.23 -52.98 41.00
C CYS F 26 -37.89 -53.15 40.31
N ASN F 27 -37.67 -54.29 39.65
CA ASN F 27 -36.41 -54.50 38.96
C ASN F 27 -36.22 -53.49 37.85
N ILE F 28 -37.30 -53.19 37.11
CA ILE F 28 -37.22 -52.22 36.02
C ILE F 28 -36.98 -50.82 36.57
N VAL F 29 -37.61 -50.51 37.71
CA VAL F 29 -37.48 -49.18 38.32
C VAL F 29 -36.04 -48.95 38.77
N ASP F 30 -35.46 -49.92 39.48
CA ASP F 30 -34.08 -49.76 39.93
C ASP F 30 -33.14 -49.69 38.75
N ILE F 31 -33.40 -50.51 37.73
CA ILE F 31 -32.58 -50.51 36.53
C ILE F 31 -32.56 -49.14 35.86
N ILE F 32 -33.71 -48.49 35.77
CA ILE F 32 -33.77 -47.17 35.14
C ILE F 32 -33.01 -46.14 35.96
N ARG F 33 -33.18 -46.17 37.29
CA ARG F 33 -32.49 -45.20 38.13
C ARG F 33 -30.99 -45.42 38.12
N GLU F 34 -30.55 -46.67 38.05
CA GLU F 34 -29.12 -46.95 38.01
C GLU F 34 -28.46 -46.43 36.75
N HIS F 35 -29.23 -46.03 35.74
CA HIS F 35 -28.69 -45.49 34.50
C HIS F 35 -29.15 -44.06 34.29
N ALA F 36 -29.27 -43.33 35.40
CA ALA F 36 -29.56 -41.89 35.43
C ALA F 36 -30.93 -41.53 34.90
N GLY F 37 -31.82 -42.53 34.78
CA GLY F 37 -33.16 -42.25 34.33
C GLY F 37 -34.04 -41.75 35.47
N LYS F 38 -35.02 -40.95 35.12
CA LYS F 38 -35.98 -40.41 36.08
C LYS F 38 -37.31 -41.12 35.92
N ILE F 39 -37.96 -41.39 37.04
CA ILE F 39 -39.24 -42.07 37.06
C ILE F 39 -40.30 -41.06 37.48
N VAL F 40 -41.32 -40.91 36.64
CA VAL F 40 -42.37 -39.93 36.88
C VAL F 40 -43.36 -40.49 37.90
N SER F 41 -43.59 -39.71 38.95
CA SER F 41 -44.62 -40.05 39.94
C SER F 41 -45.90 -39.41 39.44
N LEU F 42 -46.95 -40.23 39.27
CA LEU F 42 -48.09 -39.85 38.46
C LEU F 42 -48.95 -38.78 39.17
N PRO F 43 -50.28 -38.75 38.96
CA PRO F 43 -50.95 -37.46 38.78
C PRO F 43 -50.03 -36.30 38.46
N SER F 44 -49.59 -36.19 37.21
CA SER F 44 -48.70 -35.12 36.79
C SER F 44 -48.95 -34.81 35.32
N ARG F 45 -48.89 -33.53 34.97
CA ARG F 45 -49.06 -33.09 33.58
C ARG F 45 -47.78 -33.23 32.77
N ILE F 46 -46.75 -33.87 33.32
CA ILE F 46 -45.49 -34.06 32.58
C ILE F 46 -45.68 -35.19 31.58
N VAL F 47 -45.32 -34.93 30.33
CA VAL F 47 -45.32 -35.96 29.30
C VAL F 47 -44.00 -36.72 29.39
N ALA F 48 -44.05 -37.93 29.94
CA ALA F 48 -42.84 -38.73 30.07
C ALA F 48 -42.30 -39.11 28.70
N ASP F 49 -40.97 -39.28 28.62
CA ASP F 49 -40.36 -39.67 27.36
C ASP F 49 -40.76 -41.09 26.98
N TYR F 50 -40.80 -42.01 27.95
CA TYR F 50 -41.07 -43.40 27.67
C TYR F 50 -42.11 -43.95 28.65
N ALA F 51 -42.83 -44.97 28.20
CA ALA F 51 -43.68 -45.79 29.05
C ALA F 51 -43.28 -47.24 28.81
N VAL F 52 -42.68 -47.88 29.81
CA VAL F 52 -42.24 -49.25 29.67
C VAL F 52 -43.41 -50.18 29.97
N VAL F 53 -43.75 -51.02 28.99
CA VAL F 53 -44.90 -51.92 29.10
C VAL F 53 -44.45 -53.32 28.71
N PRO F 54 -45.23 -54.34 29.05
CA PRO F 54 -44.88 -55.71 28.63
C PRO F 54 -44.86 -55.84 27.12
N LEU F 55 -44.31 -56.98 26.67
CA LEU F 55 -44.16 -57.21 25.23
C LEU F 55 -45.52 -57.23 24.54
N LEU F 56 -46.51 -57.86 25.16
CA LEU F 56 -47.86 -57.89 24.60
C LEU F 56 -48.66 -56.63 24.93
N GLY F 57 -48.07 -55.67 25.65
CA GLY F 57 -48.73 -54.41 25.89
C GLY F 57 -49.74 -54.48 27.02
N CYS F 58 -50.32 -53.32 27.31
CA CYS F 58 -51.36 -53.20 28.31
C CYS F 58 -52.11 -51.89 28.07
N GLU F 59 -53.06 -51.59 28.95
CA GLU F 59 -53.81 -50.34 28.84
C GLU F 59 -52.94 -49.19 29.29
N VAL F 60 -52.78 -48.19 28.43
CA VAL F 60 -51.99 -47.00 28.72
C VAL F 60 -52.89 -45.78 28.56
N ASP F 61 -53.18 -45.11 29.67
CA ASP F 61 -54.02 -43.92 29.68
C ASP F 61 -53.24 -42.63 29.93
N VAL F 62 -51.91 -42.69 30.02
CA VAL F 62 -51.10 -41.50 30.27
C VAL F 62 -50.32 -41.16 29.01
N THR F 63 -50.30 -39.88 28.68
CA THR F 63 -49.57 -39.38 27.52
C THR F 63 -48.06 -39.53 27.71
N VAL F 64 -47.39 -40.17 26.74
CA VAL F 64 -45.93 -40.27 26.74
C VAL F 64 -45.42 -40.02 25.32
N GLY F 65 -44.10 -39.95 25.20
CA GLY F 65 -43.45 -39.78 23.92
C GLY F 65 -43.46 -41.04 23.09
N GLU F 66 -43.07 -42.16 23.69
CA GLU F 66 -43.05 -43.45 23.00
C GLU F 66 -43.37 -44.55 24.01
N VAL F 67 -44.18 -45.50 23.59
CA VAL F 67 -44.47 -46.70 24.38
C VAL F 67 -43.48 -47.77 23.96
N VAL F 68 -42.67 -48.24 24.90
CA VAL F 68 -41.60 -49.19 24.62
C VAL F 68 -41.74 -50.40 25.53
N THR F 69 -41.09 -51.49 25.12
CA THR F 69 -41.20 -52.75 25.83
C THR F 69 -40.07 -52.98 26.82
N ASN F 70 -40.29 -53.94 27.71
CA ASN F 70 -39.23 -54.41 28.59
C ASN F 70 -38.04 -54.92 27.78
N THR F 71 -38.28 -55.45 26.59
CA THR F 71 -37.20 -55.95 25.75
C THR F 71 -36.28 -54.81 25.29
N TRP F 72 -36.85 -53.66 24.96
CA TRP F 72 -36.04 -52.51 24.56
C TRP F 72 -35.18 -52.00 25.72
N LEU F 73 -35.76 -51.95 26.92
CA LEU F 73 -35.02 -51.43 28.06
C LEU F 73 -33.77 -52.27 28.34
N VAL F 74 -33.95 -53.59 28.45
CA VAL F 74 -32.81 -54.46 28.75
C VAL F 74 -31.79 -54.44 27.62
N THR F 75 -32.25 -54.32 26.37
CA THR F 75 -31.30 -54.28 25.26
C THR F 75 -30.41 -53.06 25.33
N CYS F 76 -30.95 -51.93 25.80
CA CYS F 76 -30.13 -50.74 25.99
C CYS F 76 -29.05 -50.98 27.04
N ILE F 77 -29.41 -51.66 28.11
CA ILE F 77 -28.47 -51.88 29.21
C ILE F 77 -27.42 -52.90 28.81
N ASP F 78 -27.84 -54.00 28.19
CA ASP F 78 -26.89 -55.03 27.78
C ASP F 78 -25.95 -54.52 26.70
N ASN F 79 -26.37 -53.54 25.91
CA ASN F 79 -25.53 -52.97 24.88
C ASN F 79 -24.95 -51.61 25.28
N GLN F 80 -25.35 -51.07 26.43
CA GLN F 80 -24.84 -49.80 26.95
C GLN F 80 -24.98 -48.69 25.91
N THR F 81 -26.10 -48.71 25.20
CA THR F 81 -26.39 -47.75 24.14
C THR F 81 -27.88 -47.49 24.11
N LEU F 82 -28.25 -46.23 23.93
CA LEU F 82 -29.66 -45.84 23.80
C LEU F 82 -30.09 -46.16 22.37
N VAL F 83 -30.69 -47.34 22.19
CA VAL F 83 -31.09 -47.82 20.89
C VAL F 83 -32.42 -47.21 20.48
N ASP F 84 -32.56 -46.89 19.19
CA ASP F 84 -33.80 -46.35 18.67
C ASP F 84 -34.90 -47.41 18.80
N PRO F 85 -36.01 -47.13 19.50
CA PRO F 85 -37.08 -48.12 19.63
C PRO F 85 -37.70 -48.55 18.32
N LYS F 86 -37.55 -47.76 17.26
CA LYS F 86 -38.10 -48.09 15.95
C LYS F 86 -37.17 -48.97 15.14
N SER F 87 -36.03 -49.39 15.70
CA SER F 87 -35.07 -50.21 14.98
C SER F 87 -35.29 -51.71 15.18
N ASN F 88 -36.35 -52.09 15.88
CA ASN F 88 -36.68 -53.49 16.09
C ASN F 88 -38.16 -53.62 16.47
N PRO F 89 -38.89 -54.52 15.82
CA PRO F 89 -40.32 -54.69 16.14
C PRO F 89 -40.58 -55.16 17.57
N LEU F 90 -39.61 -55.79 18.22
CA LEU F 90 -39.81 -56.24 19.59
C LEU F 90 -39.68 -55.12 20.62
N PHE F 91 -39.26 -53.92 20.21
CA PHE F 91 -39.10 -52.81 21.14
C PHE F 91 -40.40 -52.07 21.40
N THR F 92 -41.41 -52.25 20.55
CA THR F 92 -42.74 -51.71 20.76
C THR F 92 -43.72 -52.86 20.93
N PRO F 93 -44.87 -52.62 21.57
CA PRO F 93 -45.81 -53.73 21.84
C PRO F 93 -46.17 -54.48 20.57
N VAL F 94 -46.12 -55.80 20.65
CA VAL F 94 -46.40 -56.68 19.52
C VAL F 94 -47.83 -57.21 19.65
N SER F 95 -48.63 -57.02 18.61
CA SER F 95 -50.01 -57.49 18.62
C SER F 95 -50.05 -58.99 18.37
N VAL F 96 -50.67 -59.72 19.30
CA VAL F 96 -50.76 -61.18 19.24
C VAL F 96 -52.19 -61.60 19.52
N MET F 97 -52.77 -62.37 18.62
CA MET F 97 -54.12 -62.90 18.81
C MET F 97 -54.10 -63.97 19.89
N SER F 98 -54.88 -63.77 20.95
CA SER F 98 -54.89 -64.70 22.07
C SER F 98 -55.78 -65.90 21.79
N GLY F 99 -55.53 -67.00 22.50
CA GLY F 99 -56.35 -68.18 22.43
C GLY F 99 -56.04 -69.15 21.32
N VAL F 100 -55.04 -68.87 20.47
CA VAL F 100 -54.72 -69.73 19.34
C VAL F 100 -53.29 -70.24 19.50
N THR F 101 -53.07 -71.49 19.09
CA THR F 101 -51.74 -72.10 19.08
C THR F 101 -51.47 -72.69 17.69
N PRO F 102 -51.14 -71.86 16.70
CA PRO F 102 -50.97 -72.38 15.33
C PRO F 102 -49.66 -73.11 15.08
N LEU F 103 -48.66 -72.97 15.96
CA LEU F 103 -47.34 -73.57 15.78
C LEU F 103 -47.08 -74.74 16.72
N GLU F 104 -48.13 -75.40 17.20
CA GLU F 104 -47.95 -76.48 18.19
C GLU F 104 -47.15 -77.64 17.63
N ASP F 105 -47.18 -77.84 16.31
CA ASP F 105 -46.47 -78.95 15.68
C ASP F 105 -45.06 -78.58 15.22
N CYS F 106 -44.57 -77.40 15.57
CA CYS F 106 -43.28 -76.92 15.09
C CYS F 106 -42.24 -76.97 16.19
N VAL F 107 -40.98 -77.13 15.79
CA VAL F 107 -39.83 -77.11 16.69
C VAL F 107 -38.86 -76.07 16.15
N ILE F 108 -38.74 -74.95 16.84
CA ILE F 108 -37.99 -73.79 16.37
C ILE F 108 -36.65 -73.73 17.09
N SER F 109 -35.59 -73.46 16.34
CA SER F 109 -34.27 -73.21 16.88
C SER F 109 -33.82 -71.83 16.44
N PHE F 110 -33.13 -71.12 17.33
CA PHE F 110 -32.72 -69.75 17.09
C PHE F 110 -31.22 -69.66 16.87
N SER F 111 -30.81 -68.70 16.05
CA SER F 111 -29.41 -68.42 15.79
C SER F 111 -29.20 -66.92 15.66
N GLN F 112 -28.05 -66.45 16.15
CA GLN F 112 -27.67 -65.03 16.11
C GLN F 112 -28.61 -64.16 16.93
N CYS F 113 -29.29 -64.73 17.92
CA CYS F 113 -30.17 -64.00 18.82
C CYS F 113 -29.65 -64.17 20.23
N VAL F 114 -29.42 -63.05 20.93
CA VAL F 114 -28.78 -63.05 22.23
C VAL F 114 -29.60 -62.18 23.18
N GLY F 115 -29.65 -62.60 24.44
CA GLY F 115 -30.15 -61.73 25.49
C GLY F 115 -31.65 -61.56 25.51
N ALA F 116 -32.09 -60.34 25.80
CA ALA F 116 -33.53 -60.07 25.92
C ALA F 116 -34.25 -60.33 24.61
N GLU F 117 -33.58 -60.16 23.48
CA GLU F 117 -34.18 -60.48 22.19
C GLU F 117 -34.49 -61.97 22.10
N ARG F 118 -33.53 -62.82 22.50
CA ARG F 118 -33.75 -64.26 22.44
C ARG F 118 -34.82 -64.69 23.43
N ASP F 119 -34.92 -64.01 24.58
CA ASP F 119 -35.92 -64.39 25.58
C ASP F 119 -37.33 -64.03 25.11
N SER F 120 -37.50 -62.86 24.50
CA SER F 120 -38.82 -62.48 24.00
C SER F 120 -39.27 -63.40 22.88
N LEU F 121 -38.34 -63.78 21.99
CA LEU F 121 -38.70 -64.67 20.89
C LEU F 121 -39.11 -66.05 21.40
N VAL F 122 -38.39 -66.57 22.41
CA VAL F 122 -38.78 -67.83 23.01
C VAL F 122 -40.11 -67.68 23.75
N PHE F 123 -40.36 -66.50 24.32
CA PHE F 123 -41.65 -66.25 24.98
C PHE F 123 -42.80 -66.33 23.98
N LEU F 124 -42.63 -65.72 22.81
CA LEU F 124 -43.67 -65.77 21.78
C LEU F 124 -43.85 -67.19 21.23
N ALA F 125 -42.74 -67.88 20.96
CA ALA F 125 -42.80 -69.21 20.36
C ALA F 125 -43.50 -70.20 21.29
N ASN F 126 -43.18 -70.16 22.58
CA ASN F 126 -43.86 -71.04 23.52
C ASN F 126 -45.33 -70.68 23.69
N HIS F 127 -45.66 -69.39 23.57
CA HIS F 127 -47.05 -68.97 23.66
C HIS F 127 -47.90 -69.51 22.51
N LEU F 128 -47.27 -69.80 21.36
CA LEU F 128 -47.98 -70.35 20.22
C LEU F 128 -47.95 -71.88 20.15
N GLY F 129 -47.41 -72.54 21.17
CA GLY F 129 -47.40 -73.99 21.24
C GLY F 129 -46.16 -74.68 20.74
N ALA F 130 -45.19 -73.94 20.21
CA ALA F 130 -44.00 -74.57 19.64
C ALA F 130 -43.03 -74.99 20.73
N SER F 131 -42.16 -75.94 20.39
CA SER F 131 -41.12 -76.40 21.29
C SER F 131 -39.78 -75.82 20.84
N VAL F 132 -39.13 -75.08 21.73
CA VAL F 132 -37.86 -74.42 21.42
C VAL F 132 -36.75 -75.10 22.20
N GLN F 133 -35.67 -75.45 21.51
CA GLN F 133 -34.50 -76.02 22.14
C GLN F 133 -33.28 -75.19 21.77
N GLU F 134 -32.17 -75.44 22.46
CA GLU F 134 -30.97 -74.63 22.25
C GLU F 134 -30.15 -75.13 21.07
N PHE F 135 -30.24 -76.41 20.73
CA PHE F 135 -29.37 -77.03 19.74
C PHE F 135 -30.12 -77.28 18.43
N PHE F 136 -29.40 -77.12 17.33
CA PHE F 136 -29.92 -77.43 16.00
C PHE F 136 -29.51 -78.87 15.66
N VAL F 137 -30.50 -79.75 15.50
CA VAL F 137 -30.26 -81.19 15.45
C VAL F 137 -30.61 -81.73 14.06
N ARG F 138 -29.84 -82.71 13.62
CA ARG F 138 -30.13 -83.45 12.39
C ARG F 138 -31.34 -84.34 12.57
N LYS F 139 -31.10 -85.57 13.04
CA LYS F 139 -32.14 -86.60 13.10
C LYS F 139 -32.94 -86.49 14.40
N ALA F 140 -32.29 -86.79 15.54
CA ALA F 140 -32.94 -86.95 16.83
C ALA F 140 -33.96 -88.08 16.78
N ASN F 141 -34.72 -88.26 17.86
CA ASN F 141 -35.69 -89.36 17.90
C ASN F 141 -36.90 -89.00 18.76
N ALA F 142 -37.34 -89.93 19.61
CA ALA F 142 -38.52 -89.72 20.43
C ALA F 142 -38.29 -88.58 21.42
N LYS F 143 -37.53 -88.82 22.48
CA LYS F 143 -37.28 -87.78 23.47
C LYS F 143 -35.94 -88.07 24.15
N LYS F 144 -34.86 -87.58 23.54
CA LYS F 144 -33.57 -87.44 24.20
C LYS F 144 -33.39 -86.06 24.80
N GLY F 145 -34.48 -85.34 25.05
CA GLY F 145 -34.40 -83.93 25.40
C GLY F 145 -34.00 -83.08 24.21
N MET F 146 -34.57 -83.37 23.04
CA MET F 146 -34.09 -82.78 21.80
C MET F 146 -35.18 -82.70 20.74
N LEU F 147 -35.61 -83.86 20.24
CA LEU F 147 -36.59 -84.00 19.16
C LEU F 147 -36.09 -83.40 17.85
N ALA F 148 -36.73 -83.77 16.73
CA ALA F 148 -36.34 -83.26 15.43
C ALA F 148 -36.69 -81.78 15.28
N SER F 149 -35.89 -81.08 14.50
CA SER F 149 -36.11 -79.66 14.25
C SER F 149 -36.93 -79.46 12.98
N THR F 150 -37.75 -78.42 12.98
CA THR F 150 -38.59 -78.09 11.84
C THR F 150 -38.32 -76.72 11.25
N HIS F 151 -37.94 -75.73 12.07
CA HIS F 151 -37.68 -74.38 11.59
C HIS F 151 -36.44 -73.82 12.29
N LEU F 152 -35.70 -73.01 11.56
CA LEU F 152 -34.57 -72.26 12.09
C LEU F 152 -34.79 -70.78 11.82
N ILE F 153 -34.66 -69.96 12.85
CA ILE F 153 -34.87 -68.52 12.75
C ILE F 153 -33.52 -67.84 12.86
N VAL F 154 -33.08 -67.23 11.76
CA VAL F 154 -31.79 -66.54 11.70
C VAL F 154 -32.05 -65.11 11.23
N LYS F 155 -31.08 -64.24 11.54
CA LYS F 155 -31.17 -62.83 11.17
C LYS F 155 -30.57 -62.58 9.79
N GLU F 156 -29.39 -63.10 9.54
CA GLU F 156 -28.64 -62.89 8.32
C GLU F 156 -28.19 -64.24 7.78
N PRO F 157 -27.85 -64.33 6.49
CA PRO F 157 -27.26 -65.57 5.97
C PRO F 157 -25.92 -65.91 6.61
N THR F 158 -25.29 -66.99 6.16
CA THR F 158 -24.04 -67.51 6.71
C THR F 158 -24.20 -67.92 8.17
N GLY F 159 -23.22 -68.65 8.70
CA GLY F 159 -23.30 -69.16 10.05
C GLY F 159 -23.39 -70.68 10.07
N SER F 160 -23.02 -71.25 11.22
CA SER F 160 -23.01 -72.70 11.36
C SER F 160 -24.41 -73.28 11.24
N LYS F 161 -25.37 -72.70 11.97
CA LYS F 161 -26.74 -73.21 11.92
C LYS F 161 -27.40 -72.93 10.58
N TYR F 162 -27.06 -71.80 9.93
CA TYR F 162 -27.68 -71.46 8.66
C TYR F 162 -27.31 -72.46 7.58
N GLU F 163 -26.03 -72.81 7.49
CA GLU F 163 -25.61 -73.80 6.50
C GLU F 163 -26.26 -75.15 6.75
N ALA F 164 -26.61 -75.43 8.01
CA ALA F 164 -27.29 -76.68 8.35
C ALA F 164 -28.76 -76.65 7.96
N ALA F 165 -29.38 -75.46 7.89
CA ALA F 165 -30.79 -75.39 7.50
C ALA F 165 -30.97 -75.78 6.04
N LYS F 166 -30.10 -75.30 5.16
CA LYS F 166 -30.12 -75.74 3.77
C LYS F 166 -29.67 -77.19 3.64
N LYS F 167 -28.83 -77.64 4.57
CA LYS F 167 -28.28 -78.99 4.53
C LYS F 167 -29.31 -80.05 4.91
N TRP F 168 -30.24 -79.73 5.82
CA TRP F 168 -31.22 -80.67 6.33
C TRP F 168 -32.60 -80.50 5.71
N SER F 169 -32.73 -79.69 4.66
CA SER F 169 -34.02 -79.44 3.99
C SER F 169 -35.04 -78.89 4.97
N LEU F 170 -34.59 -78.03 5.88
CA LEU F 170 -35.45 -77.34 6.83
C LEU F 170 -35.56 -75.87 6.48
N PRO F 171 -36.76 -75.29 6.58
CA PRO F 171 -36.94 -73.88 6.18
C PRO F 171 -36.24 -72.95 7.17
N ALA F 172 -35.37 -72.08 6.63
CA ALA F 172 -34.72 -71.04 7.41
C ALA F 172 -35.44 -69.72 7.12
N VAL F 173 -36.08 -69.16 8.15
CA VAL F 173 -36.94 -68.00 7.99
C VAL F 173 -36.42 -66.87 8.88
N ASN F 174 -36.92 -65.67 8.62
CA ASN F 174 -36.60 -64.49 9.41
C ASN F 174 -37.41 -64.45 10.69
N ILE F 175 -37.09 -63.47 11.54
CA ILE F 175 -37.89 -63.22 12.73
C ILE F 175 -39.30 -62.78 12.34
N SER F 176 -39.44 -62.10 11.20
CA SER F 176 -40.74 -61.61 10.76
C SER F 176 -41.72 -62.74 10.47
N TRP F 177 -41.22 -63.95 10.18
CA TRP F 177 -42.11 -65.09 10.03
C TRP F 177 -42.81 -65.44 11.33
N LEU F 178 -42.10 -65.36 12.45
CA LEU F 178 -42.71 -65.63 13.74
C LEU F 178 -43.69 -64.54 14.15
N LEU F 179 -43.37 -63.28 13.84
CA LEU F 179 -44.22 -62.18 14.27
C LEU F 179 -45.53 -62.13 13.49
N GLU F 180 -45.48 -62.35 12.18
CA GLU F 180 -46.70 -62.37 11.38
C GLU F 180 -47.62 -63.51 11.80
N THR F 181 -47.04 -64.65 12.16
CA THR F 181 -47.83 -65.78 12.62
C THR F 181 -48.62 -65.43 13.88
N ALA F 182 -48.00 -64.72 14.82
CA ALA F 182 -48.67 -64.38 16.07
C ALA F 182 -49.82 -63.39 15.85
N ARG F 183 -49.72 -62.53 14.84
CA ARG F 183 -50.75 -61.52 14.63
C ARG F 183 -52.00 -62.12 14.00
N ILE F 184 -51.84 -63.00 13.01
CA ILE F 184 -53.00 -63.55 12.30
C ILE F 184 -53.61 -64.72 13.08
N GLY F 185 -52.81 -65.41 13.89
CA GLY F 185 -53.26 -66.63 14.53
C GLY F 185 -53.16 -67.87 13.67
N LYS F 186 -52.63 -67.76 12.46
CA LYS F 186 -52.42 -68.90 11.58
C LYS F 186 -50.94 -69.01 11.23
N ARG F 187 -50.49 -70.24 11.01
CA ARG F 187 -49.09 -70.48 10.64
C ARG F 187 -48.79 -69.85 9.29
N ALA F 188 -47.86 -68.89 9.28
CA ALA F 188 -47.56 -68.14 8.07
C ALA F 188 -46.75 -68.98 7.09
N ASP F 189 -46.82 -68.58 5.82
CA ASP F 189 -46.10 -69.28 4.75
C ASP F 189 -44.61 -69.04 4.90
N GLU F 190 -43.83 -70.11 5.06
CA GLU F 190 -42.39 -69.97 5.25
C GLU F 190 -41.70 -69.42 4.00
N ASN F 191 -42.22 -69.74 2.82
CA ASN F 191 -41.60 -69.28 1.58
C ASN F 191 -41.66 -67.76 1.43
N HIS F 192 -42.62 -67.10 2.09
CA HIS F 192 -42.72 -65.64 2.05
C HIS F 192 -41.74 -64.93 2.96
N PHE F 193 -40.98 -65.69 3.77
CA PHE F 193 -40.08 -65.08 4.74
C PHE F 193 -38.73 -65.79 4.76
N LEU F 194 -38.34 -66.41 3.66
CA LEU F 194 -37.06 -67.11 3.58
C LEU F 194 -35.89 -66.14 3.70
N VAL F 195 -34.77 -66.64 4.22
CA VAL F 195 -33.61 -65.79 4.42
C VAL F 195 -32.89 -65.53 3.09
N ASP F 196 -32.91 -66.50 2.17
CA ASP F 196 -32.30 -66.29 0.86
C ASP F 196 -33.02 -65.24 0.04
N ASN F 197 -34.26 -64.92 0.40
CA ASN F 197 -35.05 -63.92 -0.33
C ASN F 197 -35.30 -62.69 0.54
N GLU G 7 25.14 40.88 -34.73
CA GLU G 7 24.44 40.10 -33.72
C GLU G 7 24.41 40.86 -32.40
N GLY G 8 24.48 40.13 -31.28
CA GLY G 8 24.46 40.76 -29.98
C GLY G 8 25.76 41.51 -29.66
N LEU G 9 25.64 42.47 -28.75
CA LEU G 9 26.76 43.33 -28.39
C LEU G 9 27.92 42.52 -27.80
N PHE G 10 27.62 41.68 -26.80
CA PHE G 10 28.63 40.85 -26.16
C PHE G 10 28.62 39.43 -26.70
N SER G 11 28.12 39.23 -27.91
CA SER G 11 28.10 37.91 -28.51
C SER G 11 29.52 37.38 -28.64
N GLN G 12 29.69 36.07 -28.39
CA GLN G 12 31.00 35.43 -28.42
C GLN G 12 31.96 36.02 -27.39
N LYS G 13 31.43 36.49 -26.25
CA LYS G 13 32.25 37.02 -25.17
C LYS G 13 31.86 36.35 -23.86
N SER G 14 32.86 36.01 -23.06
CA SER G 14 32.64 35.39 -21.76
C SER G 14 33.07 36.36 -20.67
N PHE G 15 32.36 36.33 -19.54
CA PHE G 15 32.51 37.33 -18.49
C PHE G 15 32.66 36.68 -17.13
N LEU G 16 33.39 37.37 -16.25
CA LEU G 16 33.37 37.13 -14.82
C LEU G 16 32.95 38.42 -14.12
N VAL G 17 32.16 38.29 -13.06
CA VAL G 17 31.68 39.42 -12.28
C VAL G 17 32.19 39.25 -10.86
N LEU G 18 33.08 40.15 -10.43
CA LEU G 18 33.78 40.01 -9.16
C LEU G 18 33.77 41.32 -8.39
N GLY G 19 33.69 41.21 -7.06
CA GLY G 19 33.85 42.34 -6.18
C GLY G 19 32.62 43.17 -5.91
N PHE G 20 31.45 42.75 -6.36
CA PHE G 20 30.25 43.55 -6.17
C PHE G 20 29.39 42.98 -5.06
N SER G 21 28.48 43.81 -4.56
CA SER G 21 27.51 43.36 -3.59
C SER G 21 26.50 42.42 -4.25
N VAL G 22 25.63 41.85 -3.44
CA VAL G 22 24.65 40.89 -3.94
C VAL G 22 23.79 41.53 -5.03
N GLU G 23 23.30 42.73 -4.77
CA GLU G 23 22.39 43.38 -5.72
C GLU G 23 23.12 43.80 -6.99
N ASN G 24 24.28 44.43 -6.85
CA ASN G 24 24.99 44.93 -8.02
C ASN G 24 25.43 43.78 -8.92
N LYS G 25 25.84 42.65 -8.33
CA LYS G 25 26.24 41.50 -9.14
C LYS G 25 25.08 40.98 -9.96
N CYS G 26 23.88 40.92 -9.36
CA CYS G 26 22.72 40.42 -10.08
C CYS G 26 22.35 41.32 -11.24
N ASN G 27 22.40 42.63 -11.04
CA ASN G 27 22.08 43.56 -12.12
C ASN G 27 23.07 43.45 -13.26
N ILE G 28 24.36 43.28 -12.94
CA ILE G 28 25.39 43.18 -13.97
C ILE G 28 25.24 41.89 -14.76
N VAL G 29 24.90 40.79 -14.07
CA VAL G 29 24.75 39.51 -14.75
C VAL G 29 23.59 39.54 -15.75
N ASP G 30 22.44 40.06 -15.32
CA ASP G 30 21.30 40.13 -16.22
C ASP G 30 21.60 41.06 -17.39
N ILE G 31 22.26 42.18 -17.11
CA ILE G 31 22.65 43.11 -18.16
C ILE G 31 23.51 42.42 -19.20
N ILE G 32 24.45 41.59 -18.76
CA ILE G 32 25.34 40.90 -19.70
C ILE G 32 24.55 39.88 -20.53
N ARG G 33 23.66 39.12 -19.88
CA ARG G 33 22.91 38.10 -20.60
C ARG G 33 21.94 38.72 -21.59
N GLU G 34 21.36 39.87 -21.25
CA GLU G 34 20.44 40.54 -22.16
C GLU G 34 21.13 41.07 -23.42
N HIS G 35 22.46 41.10 -23.46
CA HIS G 35 23.19 41.52 -24.64
C HIS G 35 24.05 40.38 -25.19
N ALA G 36 23.54 39.16 -25.03
CA ALA G 36 24.11 37.92 -25.58
C ALA G 36 25.43 37.53 -24.95
N GLY G 37 25.76 38.10 -23.79
CA GLY G 37 26.99 37.73 -23.12
C GLY G 37 26.82 36.45 -22.31
N LYS G 38 27.94 35.72 -22.19
CA LYS G 38 27.99 34.46 -21.46
C LYS G 38 28.73 34.67 -20.14
N ILE G 39 28.27 33.98 -19.10
CA ILE G 39 28.88 34.05 -17.77
C ILE G 39 29.56 32.73 -17.50
N VAL G 40 30.86 32.79 -17.23
CA VAL G 40 31.64 31.59 -16.92
C VAL G 40 31.42 31.21 -15.47
N SER G 41 31.04 29.97 -15.23
CA SER G 41 30.89 29.46 -13.87
C SER G 41 32.20 28.86 -13.39
N LEU G 42 32.68 29.34 -12.25
CA LEU G 42 33.93 28.87 -11.67
C LEU G 42 33.67 27.64 -10.79
N PRO G 43 34.64 26.72 -10.69
CA PRO G 43 35.95 26.78 -11.36
C PRO G 43 35.88 26.36 -12.83
N SER G 44 36.73 26.96 -13.65
CA SER G 44 36.79 26.65 -15.07
C SER G 44 38.20 26.92 -15.58
N ARG G 45 38.62 26.10 -16.54
CA ARG G 45 39.90 26.34 -17.20
C ARG G 45 39.80 27.36 -18.32
N ILE G 46 38.59 27.79 -18.67
CA ILE G 46 38.39 28.78 -19.71
C ILE G 46 38.89 30.14 -19.24
N VAL G 47 39.70 30.79 -20.09
CA VAL G 47 40.13 32.15 -19.84
C VAL G 47 39.02 33.06 -20.36
N ALA G 48 38.24 33.63 -19.45
CA ALA G 48 37.13 34.48 -19.84
C ALA G 48 37.67 35.74 -20.51
N ASP G 49 36.85 36.29 -21.41
CA ASP G 49 37.27 37.49 -22.14
C ASP G 49 37.40 38.68 -21.19
N TYR G 50 36.48 38.83 -20.24
CA TYR G 50 36.44 39.98 -19.36
C TYR G 50 36.21 39.53 -17.93
N ALA G 51 36.67 40.37 -17.00
CA ALA G 51 36.33 40.30 -15.59
C ALA G 51 35.80 41.67 -15.22
N VAL G 52 34.51 41.75 -14.90
CA VAL G 52 33.89 43.01 -14.54
C VAL G 52 34.11 43.24 -13.05
N VAL G 53 34.74 44.35 -12.71
CA VAL G 53 35.11 44.66 -11.32
C VAL G 53 34.66 46.08 -10.99
N PRO G 54 34.61 46.47 -9.72
CA PRO G 54 34.28 47.86 -9.38
C PRO G 54 35.30 48.83 -9.93
N LEU G 55 34.94 50.12 -9.88
CA LEU G 55 35.79 51.17 -10.45
C LEU G 55 37.16 51.22 -9.79
N LEU G 56 37.19 51.10 -8.47
CA LEU G 56 38.46 51.10 -7.75
C LEU G 56 39.13 49.72 -7.73
N GLY G 57 38.53 48.73 -8.37
CA GLY G 57 39.15 47.42 -8.47
C GLY G 57 38.92 46.58 -7.23
N CYS G 58 39.40 45.34 -7.31
CA CYS G 58 39.34 44.39 -6.21
C CYS G 58 40.35 43.28 -6.47
N GLU G 59 40.37 42.29 -5.60
CA GLU G 59 41.28 41.15 -5.76
C GLU G 59 40.77 40.23 -6.85
N VAL G 60 41.61 39.97 -7.85
CA VAL G 60 41.27 39.10 -8.97
C VAL G 60 42.32 37.98 -9.02
N ASP G 61 41.87 36.77 -8.75
CA ASP G 61 42.73 35.59 -8.76
C ASP G 61 42.48 34.67 -9.95
N VAL G 62 41.59 35.03 -10.87
CA VAL G 62 41.29 34.21 -12.04
C VAL G 62 41.81 34.89 -13.29
N THR G 63 42.44 34.10 -14.15
CA THR G 63 42.97 34.59 -15.41
C THR G 63 41.87 34.99 -16.39
N VAL G 64 41.93 36.23 -16.88
CA VAL G 64 41.01 36.73 -17.91
C VAL G 64 41.80 37.51 -18.96
N GLY G 65 41.10 37.86 -20.03
CA GLY G 65 41.70 38.64 -21.09
C GLY G 65 41.92 40.09 -20.72
N GLU G 66 40.91 40.72 -20.12
CA GLU G 66 40.99 42.11 -19.71
C GLU G 66 40.15 42.29 -18.45
N VAL G 67 40.67 43.08 -17.52
CA VAL G 67 39.92 43.48 -16.33
C VAL G 67 39.24 44.81 -16.62
N VAL G 68 37.91 44.84 -16.54
CA VAL G 68 37.15 46.03 -16.90
C VAL G 68 36.25 46.42 -15.74
N THR G 69 35.81 47.67 -15.76
CA THR G 69 34.99 48.22 -14.69
C THR G 69 33.52 48.22 -15.06
N ASN G 70 32.69 48.39 -14.04
CA ASN G 70 31.26 48.59 -14.25
C ASN G 70 31.00 49.80 -15.14
N THR G 71 31.89 50.80 -15.11
CA THR G 71 31.71 51.98 -15.95
C THR G 71 31.85 51.61 -17.42
N TRP G 72 32.78 50.72 -17.75
CA TRP G 72 32.92 50.28 -19.13
C TRP G 72 31.68 49.52 -19.61
N LEU G 73 31.14 48.65 -18.75
CA LEU G 73 29.99 47.85 -19.13
C LEU G 73 28.77 48.72 -19.43
N VAL G 74 28.43 49.62 -18.50
CA VAL G 74 27.25 50.47 -18.70
C VAL G 74 27.45 51.41 -19.88
N THR G 75 28.68 51.89 -20.11
CA THR G 75 28.93 52.77 -21.25
C THR G 75 28.70 52.03 -22.57
N CYS G 76 29.01 50.73 -22.62
CA CYS G 76 28.72 49.95 -23.81
C CYS G 76 27.22 49.87 -24.05
N ILE G 77 26.45 49.69 -22.99
CA ILE G 77 25.00 49.51 -23.13
C ILE G 77 24.32 50.84 -23.45
N ASP G 78 24.73 51.92 -22.79
CA ASP G 78 24.11 53.21 -23.05
C ASP G 78 24.39 53.67 -24.48
N ASN G 79 25.53 53.26 -25.05
CA ASN G 79 25.90 53.64 -26.40
C ASN G 79 25.68 52.52 -27.41
N GLN G 80 25.26 51.34 -26.95
CA GLN G 80 24.97 50.20 -27.82
C GLN G 80 26.15 49.88 -28.73
N THR G 81 27.36 49.98 -28.19
CA THR G 81 28.59 49.76 -28.93
C THR G 81 29.64 49.16 -28.01
N LEU G 82 30.40 48.20 -28.54
CA LEU G 82 31.52 47.60 -27.81
C LEU G 82 32.71 48.54 -27.86
N VAL G 83 32.87 49.35 -26.82
CA VAL G 83 33.93 50.36 -26.78
C VAL G 83 35.23 49.70 -26.32
N ASP G 84 36.35 50.14 -26.88
CA ASP G 84 37.65 49.64 -26.46
C ASP G 84 37.91 50.02 -25.01
N PRO G 85 38.17 49.05 -24.12
CA PRO G 85 38.43 49.40 -22.71
C PRO G 85 39.67 50.26 -22.50
N LYS G 86 40.59 50.30 -23.46
CA LYS G 86 41.78 51.13 -23.33
C LYS G 86 41.58 52.57 -23.78
N SER G 87 40.36 52.95 -24.18
CA SER G 87 40.10 54.28 -24.70
C SER G 87 39.63 55.27 -23.63
N ASN G 88 39.63 54.87 -22.37
CA ASN G 88 39.24 55.78 -21.29
C ASN G 88 39.78 55.24 -19.97
N PRO G 89 40.42 56.08 -19.16
CA PRO G 89 40.98 55.59 -17.89
C PRO G 89 39.93 55.06 -16.93
N LEU G 90 38.68 55.47 -17.06
CA LEU G 90 37.63 54.97 -16.17
C LEU G 90 37.15 53.57 -16.53
N PHE G 91 37.57 53.03 -17.67
CA PHE G 91 37.11 51.71 -18.10
C PHE G 91 37.90 50.58 -17.46
N THR G 92 39.06 50.86 -16.91
CA THR G 92 39.87 49.89 -16.18
C THR G 92 40.04 50.37 -14.73
N PRO G 93 40.34 49.46 -13.81
CA PRO G 93 40.40 49.85 -12.39
C PRO G 93 41.36 51.01 -12.16
N VAL G 94 40.89 51.98 -11.38
CA VAL G 94 41.65 53.20 -11.07
C VAL G 94 42.29 53.04 -9.70
N SER G 95 43.61 53.21 -9.62
CA SER G 95 44.32 53.11 -8.36
C SER G 95 44.12 54.40 -7.56
N VAL G 96 43.59 54.28 -6.35
CA VAL G 96 43.31 55.41 -5.48
C VAL G 96 43.83 55.12 -4.09
N MET G 97 44.66 56.02 -3.55
CA MET G 97 45.17 55.88 -2.20
C MET G 97 44.03 56.13 -1.20
N SER G 98 43.77 55.16 -0.35
CA SER G 98 42.64 55.23 0.58
C SER G 98 43.00 56.05 1.82
N GLY G 99 41.96 56.55 2.48
CA GLY G 99 42.10 57.25 3.74
C GLY G 99 42.41 58.73 3.65
N VAL G 100 42.52 59.30 2.45
CA VAL G 100 42.90 60.69 2.28
C VAL G 100 41.76 61.44 1.59
N THR G 101 41.56 62.70 1.98
CA THR G 101 40.59 63.59 1.33
C THR G 101 41.30 64.88 0.97
N PRO G 102 42.09 64.88 -0.12
CA PRO G 102 42.86 66.08 -0.46
C PRO G 102 42.05 67.20 -1.09
N LEU G 103 40.84 66.92 -1.55
CA LEU G 103 40.00 67.91 -2.21
C LEU G 103 38.82 68.36 -1.36
N GLU G 104 38.94 68.21 -0.03
CA GLU G 104 37.81 68.55 0.85
C GLU G 104 37.45 70.02 0.75
N ASP G 105 38.39 70.88 0.41
CA ASP G 105 38.15 72.31 0.30
C ASP G 105 37.76 72.74 -1.11
N CYS G 106 37.53 71.80 -2.03
CA CYS G 106 37.26 72.11 -3.42
C CYS G 106 35.79 71.87 -3.74
N VAL G 107 35.29 72.64 -4.71
CA VAL G 107 33.93 72.49 -5.24
C VAL G 107 34.05 72.32 -6.74
N ILE G 108 33.76 71.12 -7.23
CA ILE G 108 34.01 70.74 -8.62
C ILE G 108 32.71 70.81 -9.40
N SER G 109 32.78 71.38 -10.60
CA SER G 109 31.66 71.38 -11.54
C SER G 109 32.09 70.69 -12.83
N PHE G 110 31.19 69.90 -13.41
CA PHE G 110 31.48 69.13 -14.60
C PHE G 110 30.73 69.68 -15.82
N SER G 111 31.35 69.54 -16.98
CA SER G 111 30.75 69.91 -18.25
C SER G 111 31.19 68.92 -19.31
N GLN G 112 30.29 68.63 -20.26
CA GLN G 112 30.54 67.71 -21.36
C GLN G 112 30.78 66.29 -20.88
N CYS G 113 30.24 65.94 -19.72
CA CYS G 113 30.33 64.59 -19.17
C CYS G 113 28.94 64.02 -19.01
N VAL G 114 28.72 62.83 -19.60
CA VAL G 114 27.39 62.24 -19.69
C VAL G 114 27.45 60.79 -19.25
N GLY G 115 26.40 60.34 -18.58
CA GLY G 115 26.19 58.93 -18.33
C GLY G 115 27.08 58.32 -17.27
N ALA G 116 27.51 57.07 -17.50
CA ALA G 116 28.29 56.36 -16.49
C ALA G 116 29.63 57.02 -16.23
N GLU G 117 30.20 57.71 -17.23
CA GLU G 117 31.44 58.45 -16.99
C GLU G 117 31.23 59.56 -15.98
N ARG G 118 30.11 60.28 -16.08
CA ARG G 118 29.86 61.34 -15.11
C ARG G 118 29.59 60.78 -13.72
N ASP G 119 28.96 59.62 -13.63
CA ASP G 119 28.74 59.00 -12.33
C ASP G 119 30.06 58.63 -11.66
N SER G 120 30.98 58.05 -12.42
CA SER G 120 32.28 57.67 -11.87
C SER G 120 33.08 58.89 -11.45
N LEU G 121 33.05 59.95 -12.25
CA LEU G 121 33.80 61.16 -11.92
C LEU G 121 33.25 61.82 -10.65
N VAL G 122 31.93 61.89 -10.52
CA VAL G 122 31.33 62.43 -9.30
C VAL G 122 31.64 61.50 -8.12
N PHE G 123 31.69 60.20 -8.36
CA PHE G 123 32.03 59.25 -7.30
C PHE G 123 33.45 59.50 -6.79
N LEU G 124 34.41 59.66 -7.70
CA LEU G 124 35.78 59.92 -7.31
C LEU G 124 35.93 61.26 -6.59
N ALA G 125 35.28 62.30 -7.12
CA ALA G 125 35.41 63.63 -6.53
C ALA G 125 34.86 63.66 -5.12
N ASN G 126 33.70 63.03 -4.89
CA ASN G 126 33.15 62.94 -3.54
C ASN G 126 34.02 62.07 -2.65
N HIS G 127 34.66 61.04 -3.22
CA HIS G 127 35.55 60.18 -2.45
C HIS G 127 36.77 60.95 -1.95
N LEU G 128 37.15 62.04 -2.63
CA LEU G 128 38.27 62.87 -2.21
C LEU G 128 37.84 64.05 -1.35
N GLY G 129 36.57 64.11 -0.95
CA GLY G 129 36.07 65.13 -0.06
C GLY G 129 35.43 66.33 -0.72
N ALA G 130 35.45 66.41 -2.04
CA ALA G 130 34.92 67.56 -2.74
C ALA G 130 33.40 67.50 -2.84
N SER G 131 32.79 68.67 -3.02
CA SER G 131 31.35 68.81 -3.24
C SER G 131 31.14 69.14 -4.72
N VAL G 132 30.32 68.34 -5.39
CA VAL G 132 30.11 68.47 -6.83
C VAL G 132 28.73 69.04 -7.09
N GLN G 133 28.68 70.13 -7.87
CA GLN G 133 27.45 70.74 -8.34
C GLN G 133 27.53 70.92 -9.84
N GLU G 134 26.37 70.91 -10.50
CA GLU G 134 26.35 71.10 -11.95
C GLU G 134 26.40 72.57 -12.32
N PHE G 135 25.71 73.42 -11.56
CA PHE G 135 25.65 74.83 -11.87
C PHE G 135 26.96 75.52 -11.50
N PHE G 136 27.31 76.56 -12.28
CA PHE G 136 28.57 77.29 -12.10
C PHE G 136 28.33 78.74 -12.48
N VAL G 137 27.66 79.48 -11.59
CA VAL G 137 27.37 80.89 -11.79
C VAL G 137 27.52 81.62 -10.46
N ARG G 138 28.24 82.73 -10.47
CA ARG G 138 28.35 83.65 -9.33
C ARG G 138 28.95 82.99 -8.09
N LYS G 139 28.85 83.66 -6.95
CA LYS G 139 29.49 83.20 -5.72
C LYS G 139 28.53 82.36 -4.88
N ALA G 140 28.73 82.37 -3.56
CA ALA G 140 27.98 81.52 -2.65
C ALA G 140 26.59 82.10 -2.43
N ASN G 141 25.56 81.38 -2.90
CA ASN G 141 24.17 81.77 -2.75
C ASN G 141 23.34 80.55 -2.36
N ALA G 142 22.47 80.73 -1.37
CA ALA G 142 21.62 79.65 -0.88
C ALA G 142 20.26 79.60 -1.57
N LYS G 143 20.12 80.26 -2.72
CA LYS G 143 18.84 80.26 -3.43
C LYS G 143 18.57 78.90 -4.06
N LYS G 144 19.52 78.39 -4.84
CA LYS G 144 19.37 77.07 -5.46
C LYS G 144 20.11 75.97 -4.71
N GLY G 145 21.06 76.31 -3.85
CA GLY G 145 21.70 75.30 -3.02
C GLY G 145 23.19 75.46 -2.77
N MET G 146 23.56 75.53 -1.50
CA MET G 146 24.94 75.38 -1.04
C MET G 146 25.86 76.48 -1.54
N LEU G 147 27.14 76.14 -1.75
CA LEU G 147 28.23 77.09 -1.82
C LEU G 147 28.74 77.27 -3.25
N ALA G 148 29.57 78.31 -3.40
CA ALA G 148 30.18 78.69 -4.66
C ALA G 148 31.16 77.64 -5.15
N SER G 149 31.35 77.61 -6.47
CA SER G 149 32.23 76.65 -7.12
C SER G 149 33.65 77.21 -7.22
N THR G 150 34.61 76.29 -7.17
CA THR G 150 36.03 76.63 -7.21
C THR G 150 36.79 76.04 -8.40
N HIS G 151 36.37 74.89 -8.92
CA HIS G 151 37.04 74.26 -10.04
C HIS G 151 36.01 73.75 -11.04
N LEU G 152 36.39 73.79 -12.31
CA LEU G 152 35.59 73.25 -13.40
C LEU G 152 36.42 72.22 -14.16
N ILE G 153 35.86 71.02 -14.34
CA ILE G 153 36.54 69.93 -15.04
C ILE G 153 35.83 69.74 -16.38
N VAL G 154 36.55 70.03 -17.47
CA VAL G 154 36.02 69.90 -18.81
C VAL G 154 36.95 69.00 -19.62
N LYS G 155 36.42 68.46 -20.72
CA LYS G 155 37.17 67.57 -21.58
C LYS G 155 37.92 68.33 -22.67
N GLU G 156 37.25 69.25 -23.34
CA GLU G 156 37.78 70.02 -24.44
C GLU G 156 37.48 71.49 -24.21
N PRO G 157 38.22 72.39 -24.89
CA PRO G 157 37.88 73.82 -24.81
C PRO G 157 36.49 74.12 -25.37
N THR G 158 36.12 75.41 -25.41
CA THR G 158 34.80 75.87 -25.83
C THR G 158 33.68 75.33 -24.94
N GLY G 159 32.49 75.88 -25.08
CA GLY G 159 31.36 75.52 -24.25
C GLY G 159 30.94 76.67 -23.34
N SER G 160 29.68 76.61 -22.91
CA SER G 160 29.11 77.68 -22.09
C SER G 160 29.84 77.79 -20.75
N LYS G 161 30.01 76.66 -20.07
CA LYS G 161 30.68 76.67 -18.77
C LYS G 161 32.16 76.99 -18.91
N TYR G 162 32.78 76.58 -20.01
CA TYR G 162 34.21 76.82 -20.21
C TYR G 162 34.51 78.31 -20.35
N GLU G 163 33.71 79.01 -21.16
CA GLU G 163 33.93 80.44 -21.36
C GLU G 163 33.74 81.23 -20.07
N ALA G 164 32.91 80.72 -19.15
CA ALA G 164 32.74 81.37 -17.86
C ALA G 164 33.93 81.14 -16.94
N ALA G 165 34.64 80.02 -17.11
CA ALA G 165 35.80 79.76 -16.27
C ALA G 165 36.93 80.72 -16.58
N LYS G 166 37.17 81.00 -17.86
CA LYS G 166 38.16 82.00 -18.25
C LYS G 166 37.70 83.41 -17.89
N LYS G 167 36.39 83.63 -17.87
CA LYS G 167 35.87 84.96 -17.58
C LYS G 167 35.98 85.31 -16.10
N TRP G 168 35.89 84.32 -15.21
CA TRP G 168 35.97 84.54 -13.77
C TRP G 168 37.33 84.16 -13.18
N SER G 169 38.33 83.88 -14.03
CA SER G 169 39.68 83.55 -13.61
C SER G 169 39.72 82.34 -12.66
N LEU G 170 38.89 81.33 -12.96
CA LEU G 170 38.89 80.10 -12.20
C LEU G 170 39.52 78.97 -13.02
N PRO G 171 40.32 78.10 -12.39
CA PRO G 171 41.07 77.08 -13.16
C PRO G 171 40.14 76.03 -13.75
N ALA G 172 40.24 75.86 -15.06
CA ALA G 172 39.56 74.79 -15.78
C ALA G 172 40.57 73.71 -16.14
N VAL G 173 40.39 72.50 -15.59
CA VAL G 173 41.38 71.45 -15.70
C VAL G 173 40.76 70.23 -16.39
N ASN G 174 41.64 69.31 -16.79
CA ASN G 174 41.24 68.07 -17.43
C ASN G 174 40.78 67.04 -16.41
N ILE G 175 40.29 65.91 -16.92
CA ILE G 175 39.97 64.78 -16.06
C ILE G 175 41.24 64.21 -15.43
N SER G 176 42.37 64.29 -16.14
CA SER G 176 43.62 63.75 -15.62
C SER G 176 44.08 64.46 -14.35
N TRP G 177 43.62 65.69 -14.13
CA TRP G 177 43.91 66.37 -12.87
C TRP G 177 43.22 65.67 -11.70
N LEU G 178 41.99 65.22 -11.91
CA LEU G 178 41.27 64.52 -10.85
C LEU G 178 41.86 63.14 -10.59
N LEU G 179 42.30 62.46 -11.65
CA LEU G 179 42.81 61.09 -11.49
C LEU G 179 44.18 61.10 -10.81
N GLU G 180 45.06 62.01 -11.20
CA GLU G 180 46.36 62.10 -10.56
C GLU G 180 46.23 62.45 -9.09
N THR G 181 45.26 63.32 -8.76
CA THR G 181 45.01 63.67 -7.37
C THR G 181 44.60 62.45 -6.55
N ALA G 182 43.74 61.59 -7.11
CA ALA G 182 43.28 60.42 -6.39
C ALA G 182 44.39 59.40 -6.20
N ARG G 183 45.34 59.33 -7.13
CA ARG G 183 46.40 58.33 -7.03
C ARG G 183 47.45 58.72 -6.00
N ILE G 184 47.84 60.00 -5.96
CA ILE G 184 48.90 60.43 -5.05
C ILE G 184 48.32 60.72 -3.66
N GLY G 185 47.05 61.09 -3.57
CA GLY G 185 46.46 61.53 -2.32
C GLY G 185 46.71 62.99 -1.98
N LYS G 186 47.37 63.74 -2.85
CA LYS G 186 47.59 65.16 -2.64
C LYS G 186 46.98 65.95 -3.80
N ARG G 187 46.54 67.17 -3.48
CA ARG G 187 45.94 68.03 -4.49
C ARG G 187 46.96 68.40 -5.56
N ALA G 188 46.69 67.99 -6.79
CA ALA G 188 47.62 68.19 -7.90
C ALA G 188 47.61 69.65 -8.36
N ASP G 189 48.72 70.03 -9.00
CA ASP G 189 48.86 71.40 -9.51
C ASP G 189 47.93 71.62 -10.70
N GLU G 190 47.03 72.59 -10.59
CA GLU G 190 46.06 72.85 -11.64
C GLU G 190 46.72 73.35 -12.92
N ASN G 191 47.84 74.06 -12.81
CA ASN G 191 48.52 74.60 -13.98
C ASN G 191 49.10 73.51 -14.88
N HIS G 192 49.32 72.31 -14.34
CA HIS G 192 49.85 71.20 -15.13
C HIS G 192 48.78 70.50 -15.97
N PHE G 193 47.51 70.89 -15.84
CA PHE G 193 46.43 70.20 -16.52
C PHE G 193 45.42 71.17 -17.14
N LEU G 194 45.87 72.37 -17.52
CA LEU G 194 44.97 73.36 -18.10
C LEU G 194 44.42 72.87 -19.45
N VAL G 195 43.22 73.33 -19.77
CA VAL G 195 42.54 72.88 -20.98
C VAL G 195 43.10 73.55 -22.24
N ASP G 196 43.55 74.80 -22.14
CA ASP G 196 44.08 75.49 -23.32
C ASP G 196 45.33 74.82 -23.88
N ASN G 197 46.04 74.03 -23.08
CA ASN G 197 47.23 73.33 -23.54
C ASN G 197 47.02 71.82 -23.51
N GLU H 7 8.34 -37.89 -13.02
CA GLU H 7 7.96 -38.76 -11.91
C GLU H 7 7.96 -37.98 -10.60
N GLY H 8 7.97 -38.69 -9.47
CA GLY H 8 7.93 -38.04 -8.19
C GLY H 8 9.20 -37.25 -7.89
N LEU H 9 9.05 -36.29 -6.96
CA LEU H 9 10.15 -35.41 -6.61
C LEU H 9 11.31 -36.19 -6.00
N PHE H 10 11.03 -37.04 -5.02
CA PHE H 10 12.04 -37.89 -4.40
C PHE H 10 12.05 -39.30 -4.98
N SER H 11 11.59 -39.48 -6.21
CA SER H 11 11.62 -40.78 -6.86
C SER H 11 13.06 -41.28 -6.97
N GLN H 12 13.24 -42.59 -6.74
CA GLN H 12 14.56 -43.22 -6.76
C GLN H 12 15.48 -42.63 -5.69
N LYS H 13 14.92 -42.17 -4.57
CA LYS H 13 15.70 -41.65 -3.46
C LYS H 13 15.30 -42.33 -2.17
N SER H 14 16.28 -42.69 -1.36
CA SER H 14 16.07 -43.34 -0.07
C SER H 14 16.50 -42.43 1.07
N PHE H 15 15.78 -42.50 2.18
CA PHE H 15 15.93 -41.55 3.27
C PHE H 15 16.08 -42.25 4.61
N LEU H 16 16.80 -41.58 5.51
CA LEU H 16 16.80 -41.88 6.93
C LEU H 16 16.35 -40.63 7.68
N VAL H 17 15.56 -40.81 8.74
CA VAL H 17 15.09 -39.71 9.57
C VAL H 17 15.60 -39.95 10.98
N LEU H 18 16.48 -39.05 11.45
CA LEU H 18 17.17 -39.23 12.72
C LEU H 18 17.10 -37.96 13.56
N GLY H 19 17.02 -38.14 14.88
CA GLY H 19 17.15 -37.05 15.82
C GLY H 19 15.90 -36.25 16.13
N PHE H 20 14.75 -36.65 15.63
CA PHE H 20 13.53 -35.88 15.83
C PHE H 20 12.65 -36.51 16.90
N SER H 21 11.69 -35.71 17.37
CA SER H 21 10.68 -36.21 18.28
C SER H 21 9.72 -37.12 17.54
N VAL H 22 8.81 -37.73 18.31
CA VAL H 22 7.87 -38.69 17.73
C VAL H 22 7.02 -38.03 16.65
N GLU H 23 6.49 -36.84 16.95
CA GLU H 23 5.59 -36.17 16.01
C GLU H 23 6.34 -35.69 14.77
N ASN H 24 7.50 -35.06 14.95
CA ASN H 24 8.23 -34.52 13.82
C ASN H 24 8.70 -35.63 12.88
N LYS H 25 9.12 -36.77 13.42
CA LYS H 25 9.57 -37.86 12.56
C LYS H 25 8.43 -38.37 11.69
N CYS H 26 7.23 -38.50 12.26
CA CYS H 26 6.09 -39.01 11.50
C CYS H 26 5.69 -38.04 10.39
N ASN H 27 5.68 -36.73 10.68
CA ASN H 27 5.32 -35.76 9.65
C ASN H 27 6.34 -35.78 8.53
N ILE H 28 7.63 -35.93 8.86
CA ILE H 28 8.68 -35.96 7.85
C ILE H 28 8.57 -37.24 7.03
N VAL H 29 8.24 -38.36 7.67
CA VAL H 29 8.13 -39.63 6.95
C VAL H 29 6.97 -39.56 5.96
N ASP H 30 5.82 -39.07 6.41
CA ASP H 30 4.67 -38.96 5.51
C ASP H 30 4.96 -37.96 4.39
N ILE H 31 5.65 -36.86 4.72
CA ILE H 31 6.03 -35.89 3.71
C ILE H 31 6.89 -36.53 2.64
N ILE H 32 7.85 -37.36 3.04
CA ILE H 32 8.73 -38.03 2.08
C ILE H 32 7.96 -39.03 1.24
N ARG H 33 7.08 -39.81 1.88
CA ARG H 33 6.33 -40.83 1.14
C ARG H 33 5.36 -40.21 0.15
N GLU H 34 4.75 -39.07 0.52
CA GLU H 34 3.82 -38.38 -0.36
C GLU H 34 4.49 -37.81 -1.61
N HIS H 35 5.82 -37.76 -1.64
CA HIS H 35 6.55 -37.27 -2.80
C HIS H 35 7.44 -38.37 -3.38
N ALA H 36 6.96 -39.61 -3.30
CA ALA H 36 7.57 -40.80 -3.91
C ALA H 36 8.90 -41.19 -3.28
N GLY H 37 9.21 -40.65 -2.10
CA GLY H 37 10.45 -41.01 -1.45
C GLY H 37 10.33 -42.33 -0.69
N LYS H 38 11.46 -43.01 -0.56
CA LYS H 38 11.54 -44.29 0.13
C LYS H 38 12.24 -44.10 1.47
N ILE H 39 11.75 -44.80 2.48
CA ILE H 39 12.30 -44.73 3.85
C ILE H 39 12.97 -46.05 4.14
N VAL H 40 14.26 -46.00 4.47
CA VAL H 40 15.00 -47.21 4.78
C VAL H 40 14.69 -47.60 6.23
N SER H 41 14.19 -48.82 6.42
CA SER H 41 13.89 -49.34 7.74
C SER H 41 15.07 -50.15 8.29
N LEU H 42 15.10 -50.28 9.62
CA LEU H 42 15.94 -51.25 10.32
C LEU H 42 17.41 -51.07 9.90
N PRO H 43 18.29 -52.05 10.14
CA PRO H 43 19.51 -52.10 9.34
C PRO H 43 19.30 -52.88 8.07
N SER H 44 19.99 -52.44 7.01
CA SER H 44 19.85 -53.07 5.71
C SER H 44 21.11 -52.95 4.86
N ARG H 45 22.17 -52.30 5.34
CA ARG H 45 23.43 -52.10 4.63
C ARG H 45 23.27 -51.19 3.42
N ILE H 46 22.03 -50.94 3.00
CA ILE H 46 21.79 -49.98 1.92
C ILE H 46 22.27 -48.62 2.38
N VAL H 47 23.09 -47.98 1.55
CA VAL H 47 23.54 -46.61 1.81
C VAL H 47 22.44 -45.68 1.31
N ALA H 48 21.67 -45.12 2.25
CA ALA H 48 20.59 -44.23 1.87
C ALA H 48 21.16 -42.97 1.22
N ASP H 49 20.39 -42.41 0.31
CA ASP H 49 20.82 -41.18 -0.36
C ASP H 49 20.89 -40.02 0.61
N TYR H 50 19.92 -39.91 1.52
CA TYR H 50 19.84 -38.79 2.44
C TYR H 50 19.59 -39.28 3.85
N ALA H 51 20.03 -38.48 4.82
CA ALA H 51 19.68 -38.65 6.22
C ALA H 51 19.15 -37.30 6.71
N VAL H 52 17.86 -37.24 7.02
CA VAL H 52 17.25 -35.99 7.48
C VAL H 52 17.47 -35.85 8.98
N VAL H 53 18.13 -34.77 9.38
CA VAL H 53 18.46 -34.52 10.78
C VAL H 53 18.02 -33.10 11.13
N PRO H 54 17.93 -32.78 12.42
CA PRO H 54 17.59 -31.42 12.82
C PRO H 54 18.62 -30.40 12.35
N LEU H 55 18.22 -29.13 12.46
CA LEU H 55 19.08 -28.04 11.99
C LEU H 55 20.41 -28.02 12.73
N LEU H 56 20.39 -28.23 14.05
CA LEU H 56 21.61 -28.27 14.84
C LEU H 56 22.30 -29.63 14.78
N GLY H 57 21.75 -30.58 14.03
CA GLY H 57 22.39 -31.87 13.85
C GLY H 57 22.13 -32.81 15.01
N CYS H 58 22.63 -34.03 14.85
CA CYS H 58 22.54 -35.05 15.89
C CYS H 58 23.57 -36.13 15.59
N GLU H 59 23.56 -37.19 16.40
CA GLU H 59 24.49 -38.30 16.19
C GLU H 59 24.03 -39.13 14.99
N VAL H 60 24.92 -39.31 14.03
CA VAL H 60 24.65 -40.10 12.83
C VAL H 60 25.72 -41.18 12.75
N ASP H 61 25.31 -42.43 12.97
CA ASP H 61 26.22 -43.57 12.92
C ASP H 61 25.96 -44.48 11.72
N VAL H 62 25.04 -44.12 10.82
CA VAL H 62 24.74 -44.93 9.66
C VAL H 62 25.21 -44.20 8.42
N THR H 63 25.86 -44.95 7.52
CA THR H 63 26.39 -44.39 6.29
C THR H 63 25.28 -43.96 5.34
N VAL H 64 25.35 -42.70 4.89
CA VAL H 64 24.41 -42.16 3.90
C VAL H 64 25.20 -41.37 2.85
N GLY H 65 24.47 -40.93 1.83
CA GLY H 65 25.09 -40.12 0.79
C GLY H 65 25.35 -38.69 1.23
N GLU H 66 24.34 -38.05 1.82
CA GLU H 66 24.43 -36.68 2.30
C GLU H 66 23.56 -36.53 3.54
N VAL H 67 24.09 -35.83 4.53
CA VAL H 67 23.33 -35.48 5.73
C VAL H 67 22.71 -34.11 5.48
N VAL H 68 21.38 -34.05 5.52
CA VAL H 68 20.64 -32.83 5.23
C VAL H 68 19.70 -32.51 6.38
N THR H 69 19.25 -31.26 6.42
CA THR H 69 18.39 -30.78 7.49
C THR H 69 16.93 -30.83 7.07
N ASN H 70 16.05 -30.74 8.07
CA ASN H 70 14.63 -30.59 7.81
C ASN H 70 14.34 -29.34 6.99
N THR H 71 15.17 -28.31 7.11
CA THR H 71 14.98 -27.09 6.33
C THR H 71 15.16 -27.36 4.84
N TRP H 72 16.12 -28.20 4.48
CA TRP H 72 16.27 -28.59 3.08
C TRP H 72 15.07 -29.37 2.59
N LEU H 73 14.55 -30.27 3.42
CA LEU H 73 13.42 -31.09 3.00
C LEU H 73 12.20 -30.22 2.69
N VAL H 74 11.80 -29.37 3.64
CA VAL H 74 10.62 -28.54 3.45
C VAL H 74 10.79 -27.57 2.27
N THR H 75 12.02 -27.08 2.06
CA THR H 75 12.26 -26.19 0.93
C THR H 75 12.05 -26.89 -0.40
N CYS H 76 12.38 -28.18 -0.49
CA CYS H 76 12.11 -28.93 -1.71
C CYS H 76 10.61 -29.01 -1.99
N ILE H 77 9.82 -29.26 -0.94
CA ILE H 77 8.38 -29.39 -1.14
C ILE H 77 7.74 -28.04 -1.40
N ASP H 78 8.17 -27.00 -0.68
CA ASP H 78 7.59 -25.68 -0.88
C ASP H 78 7.89 -25.13 -2.27
N ASN H 79 9.00 -25.54 -2.87
CA ASN H 79 9.39 -25.09 -4.20
C ASN H 79 9.15 -26.17 -5.26
N GLN H 80 8.70 -27.36 -4.86
CA GLN H 80 8.42 -28.46 -5.78
C GLN H 80 9.61 -28.74 -6.69
N THR H 81 10.82 -28.66 -6.11
CA THR H 81 12.05 -28.84 -6.87
C THR H 81 13.08 -29.45 -5.93
N LEU H 82 13.86 -30.40 -6.46
CA LEU H 82 14.95 -31.03 -5.72
C LEU H 82 16.15 -30.08 -5.70
N VAL H 83 16.27 -29.30 -4.63
CA VAL H 83 17.30 -28.29 -4.51
C VAL H 83 18.62 -28.94 -4.07
N ASP H 84 19.73 -28.43 -4.58
CA ASP H 84 21.05 -28.92 -4.20
C ASP H 84 21.30 -28.64 -2.71
N PRO H 85 21.59 -29.65 -1.90
CA PRO H 85 21.85 -29.40 -0.47
C PRO H 85 23.08 -28.53 -0.19
N LYS H 86 24.00 -28.41 -1.15
CA LYS H 86 25.20 -27.60 -0.96
C LYS H 86 25.00 -26.13 -1.32
N SER H 87 23.78 -25.75 -1.70
CA SER H 87 23.49 -24.39 -2.13
C SER H 87 23.01 -23.48 -1.02
N ASN H 88 23.00 -23.95 0.23
CA ASN H 88 22.59 -23.13 1.37
C ASN H 88 23.13 -23.73 2.65
N PRO H 89 23.74 -22.91 3.53
CA PRO H 89 24.27 -23.45 4.79
C PRO H 89 23.21 -24.03 5.71
N LEU H 90 21.95 -23.62 5.56
CA LEU H 90 20.88 -24.18 6.38
C LEU H 90 20.42 -25.55 5.92
N PHE H 91 20.88 -26.01 4.76
CA PHE H 91 20.47 -27.32 4.25
C PHE H 91 21.30 -28.46 4.81
N THR H 92 22.46 -28.17 5.39
CA THR H 92 23.28 -29.14 6.09
C THR H 92 23.41 -28.71 7.55
N PRO H 93 23.67 -29.65 8.46
CA PRO H 93 23.71 -29.29 9.89
C PRO H 93 24.67 -28.15 10.17
N VAL H 94 24.19 -27.18 10.95
CA VAL H 94 24.95 -26.00 11.31
C VAL H 94 25.50 -26.19 12.71
N SER H 95 26.82 -26.04 12.86
CA SER H 95 27.45 -26.16 14.17
C SER H 95 27.21 -24.90 14.98
N VAL H 96 26.61 -25.05 16.16
CA VAL H 96 26.28 -23.94 17.03
C VAL H 96 26.74 -24.27 18.44
N MET H 97 27.54 -23.37 19.02
CA MET H 97 28.00 -23.55 20.38
C MET H 97 26.85 -23.34 21.37
N SER H 98 26.56 -24.36 22.17
CA SER H 98 25.45 -24.32 23.10
C SER H 98 25.82 -23.60 24.38
N GLY H 99 24.80 -23.12 25.09
CA GLY H 99 24.97 -22.50 26.40
C GLY H 99 25.30 -21.03 26.39
N VAL H 100 25.42 -20.40 25.23
CA VAL H 100 25.79 -18.99 25.13
C VAL H 100 24.67 -18.23 24.46
N THR H 101 24.44 -16.98 24.90
CA THR H 101 23.49 -16.07 24.27
C THR H 101 24.19 -14.76 23.98
N PRO H 102 25.02 -14.71 22.92
CA PRO H 102 25.81 -13.49 22.66
C PRO H 102 25.02 -12.35 22.06
N LEU H 103 23.82 -12.59 21.52
CA LEU H 103 23.05 -11.56 20.85
C LEU H 103 21.82 -11.11 21.65
N GLU H 104 21.84 -11.28 22.97
CA GLU H 104 20.66 -10.94 23.77
C GLU H 104 20.35 -9.45 23.69
N ASP H 105 21.35 -8.61 23.44
CA ASP H 105 21.17 -7.17 23.33
C ASP H 105 20.90 -6.72 21.89
N CYS H 106 20.71 -7.65 20.97
CA CYS H 106 20.56 -7.34 19.56
C CYS H 106 19.11 -7.52 19.13
N VAL H 107 18.73 -6.77 18.10
CA VAL H 107 17.39 -6.85 17.49
C VAL H 107 17.55 -7.09 16.00
N ILE H 108 17.17 -8.28 15.55
CA ILE H 108 17.42 -8.71 14.17
C ILE H 108 16.12 -8.60 13.39
N SER H 109 16.21 -8.05 12.18
CA SER H 109 15.10 -8.00 11.25
C SER H 109 15.50 -8.70 9.95
N PHE H 110 14.56 -9.42 9.35
CA PHE H 110 14.83 -10.21 8.16
C PHE H 110 14.17 -9.59 6.94
N SER H 111 14.82 -9.75 5.79
CA SER H 111 14.28 -9.29 4.52
C SER H 111 14.69 -10.26 3.42
N GLN H 112 13.79 -10.43 2.43
CA GLN H 112 14.02 -11.31 1.29
C GLN H 112 14.18 -12.77 1.70
N CYS H 113 13.58 -13.14 2.83
CA CYS H 113 13.61 -14.51 3.33
C CYS H 113 12.19 -15.04 3.39
N VAL H 114 11.98 -16.23 2.81
CA VAL H 114 10.66 -16.81 2.64
C VAL H 114 10.70 -18.26 3.10
N GLY H 115 9.60 -18.70 3.72
CA GLY H 115 9.38 -20.12 3.98
C GLY H 115 10.17 -20.73 5.12
N ALA H 116 10.62 -21.97 4.91
CA ALA H 116 11.32 -22.71 5.96
C ALA H 116 12.62 -22.03 6.35
N GLU H 117 13.25 -21.30 5.43
CA GLU H 117 14.46 -20.56 5.78
C GLU H 117 14.18 -19.49 6.83
N ARG H 118 12.99 -18.88 6.80
CA ARG H 118 12.61 -17.95 7.86
C ARG H 118 12.54 -18.65 9.21
N ASP H 119 11.97 -19.87 9.24
CA ASP H 119 11.78 -20.56 10.51
C ASP H 119 13.12 -20.93 11.14
N SER H 120 14.06 -21.44 10.33
CA SER H 120 15.36 -21.81 10.85
C SER H 120 16.15 -20.58 11.31
N LEU H 121 16.08 -19.49 10.55
CA LEU H 121 16.80 -18.28 10.93
C LEU H 121 16.24 -17.66 12.21
N VAL H 122 14.90 -17.62 12.33
CA VAL H 122 14.30 -17.14 13.56
C VAL H 122 14.60 -18.09 14.71
N PHE H 123 14.69 -19.39 14.43
CA PHE H 123 15.04 -20.36 15.46
C PHE H 123 16.44 -20.09 16.02
N LEU H 124 17.40 -19.86 15.13
CA LEU H 124 18.77 -19.58 15.55
C LEU H 124 18.86 -18.25 16.31
N ALA H 125 18.19 -17.21 15.81
CA ALA H 125 18.29 -15.89 16.44
C ALA H 125 17.73 -15.91 17.86
N ASN H 126 16.59 -16.58 18.06
CA ASN H 126 16.06 -16.72 19.41
C ASN H 126 16.95 -17.63 20.26
N HIS H 127 17.59 -18.61 19.64
CA HIS H 127 18.52 -19.48 20.35
C HIS H 127 19.73 -18.72 20.89
N LEU H 128 20.08 -17.60 20.28
CA LEU H 128 21.19 -16.77 20.72
C LEU H 128 20.75 -15.63 21.65
N GLY H 129 19.49 -15.61 22.07
CA GLY H 129 19.00 -14.64 23.03
C GLY H 129 18.38 -13.38 22.46
N ALA H 130 18.40 -13.21 21.14
CA ALA H 130 17.89 -11.99 20.53
C ALA H 130 16.36 -12.03 20.46
N SER H 131 15.75 -10.84 20.37
CA SER H 131 14.31 -10.71 20.19
C SER H 131 14.03 -10.33 18.74
N VAL H 132 13.28 -11.18 18.04
CA VAL H 132 12.95 -10.99 16.63
C VAL H 132 11.46 -10.70 16.53
N GLN H 133 11.11 -9.66 15.78
CA GLN H 133 9.70 -9.34 15.56
C GLN H 133 9.43 -9.31 14.05
N GLU H 134 8.21 -8.89 13.70
CA GLU H 134 7.70 -9.09 12.35
C GLU H 134 8.13 -8.00 11.37
N PHE H 135 7.28 -6.99 11.18
CA PHE H 135 7.45 -6.04 10.08
C PHE H 135 8.60 -5.09 10.37
N PHE H 136 8.72 -4.05 9.54
CA PHE H 136 9.85 -3.14 9.59
C PHE H 136 9.76 -2.24 10.82
N VAL H 137 10.94 -1.92 11.38
CA VAL H 137 11.04 -1.18 12.63
C VAL H 137 11.94 0.03 12.44
N ARG H 138 11.60 1.14 13.08
CA ARG H 138 12.43 2.33 13.08
C ARG H 138 12.56 2.90 14.49
N LYS H 139 11.43 3.18 15.13
CA LYS H 139 11.42 3.81 16.43
C LYS H 139 11.60 2.77 17.54
N ALA H 140 11.51 3.22 18.78
CA ALA H 140 11.60 2.35 19.96
C ALA H 140 10.40 2.66 20.83
N ASN H 141 9.31 1.91 20.64
CA ASN H 141 8.05 2.17 21.33
C ASN H 141 7.50 0.88 21.93
N ALA H 142 6.65 1.04 22.94
CA ALA H 142 5.91 -0.08 23.53
C ALA H 142 4.49 -0.16 23.00
N LYS H 143 4.27 0.31 21.77
CA LYS H 143 2.94 0.36 21.18
C LYS H 143 2.41 -1.02 20.83
N LYS H 144 3.29 -1.99 20.61
CA LYS H 144 2.86 -3.34 20.28
C LYS H 144 3.95 -4.34 20.66
N GLY H 145 4.71 -4.02 21.70
CA GLY H 145 5.85 -4.84 22.07
C GLY H 145 7.06 -4.62 21.20
N MET H 146 7.22 -3.42 20.65
CA MET H 146 8.32 -3.12 19.74
C MET H 146 9.57 -2.75 20.52
N LEU H 147 10.70 -2.72 19.81
CA LEU H 147 11.98 -2.37 20.40
C LEU H 147 12.83 -1.69 19.34
N ALA H 148 13.90 -1.03 19.79
CA ALA H 148 14.80 -0.34 18.87
C ALA H 148 15.53 -1.36 18.01
N SER H 149 15.86 -0.96 16.79
CA SER H 149 16.52 -1.87 15.86
C SER H 149 18.03 -1.74 15.97
N THR H 150 18.71 -2.88 15.83
CA THR H 150 20.17 -2.92 15.87
C THR H 150 20.79 -3.54 14.63
N HIS H 151 20.15 -4.54 14.02
CA HIS H 151 20.70 -5.22 12.86
C HIS H 151 19.59 -5.54 11.86
N LEU H 152 19.94 -5.49 10.58
CA LEU H 152 19.07 -5.94 9.50
C LEU H 152 19.82 -6.98 8.68
N ILE H 153 19.20 -8.13 8.48
CA ILE H 153 19.81 -9.24 7.74
C ILE H 153 19.09 -9.36 6.40
N VAL H 154 19.80 -9.07 5.32
CA VAL H 154 19.27 -9.15 3.97
C VAL H 154 20.19 -10.04 3.14
N LYS H 155 19.64 -10.57 2.05
CA LYS H 155 20.38 -11.45 1.15
C LYS H 155 21.09 -10.68 0.04
N GLU H 156 20.38 -9.76 -0.61
CA GLU H 156 20.88 -9.01 -1.75
C GLU H 156 20.62 -7.53 -1.52
N PRO H 157 21.34 -6.65 -2.24
CA PRO H 157 21.01 -5.21 -2.17
C PRO H 157 19.62 -4.90 -2.70
N THR H 158 19.27 -3.62 -2.73
CA THR H 158 17.94 -3.14 -3.14
C THR H 158 16.84 -3.68 -2.23
N GLY H 159 15.66 -3.12 -2.34
CA GLY H 159 14.55 -3.50 -1.49
C GLY H 159 14.15 -2.38 -0.54
N SER H 160 12.90 -2.46 -0.07
CA SER H 160 12.36 -1.42 0.80
C SER H 160 13.13 -1.33 2.11
N LYS H 161 13.35 -2.48 2.75
CA LYS H 161 14.06 -2.49 4.02
C LYS H 161 15.54 -2.13 3.85
N TYR H 162 16.14 -2.49 2.71
CA TYR H 162 17.54 -2.22 2.48
C TYR H 162 17.82 -0.73 2.33
N GLU H 163 17.02 -0.03 1.52
CA GLU H 163 17.25 1.39 1.31
C GLU H 163 17.07 2.21 2.58
N ALA H 164 16.21 1.76 3.49
CA ALA H 164 16.04 2.44 4.76
C ALA H 164 17.18 2.17 5.73
N ALA H 165 17.85 1.02 5.59
CA ALA H 165 18.96 0.69 6.48
C ALA H 165 20.15 1.62 6.24
N LYS H 166 20.45 1.91 4.98
CA LYS H 166 21.51 2.86 4.68
C LYS H 166 21.12 4.28 5.06
N LYS H 167 19.81 4.59 5.03
CA LYS H 167 19.34 5.92 5.35
C LYS H 167 19.36 6.19 6.85
N TRP H 168 19.17 5.16 7.67
CA TRP H 168 19.13 5.31 9.12
C TRP H 168 20.45 4.93 9.79
N SER H 169 21.51 4.70 9.01
CA SER H 169 22.84 4.38 9.54
C SER H 169 22.79 3.14 10.43
N LEU H 170 22.01 2.13 10.00
CA LEU H 170 21.95 0.87 10.73
C LEU H 170 22.69 -0.22 9.96
N PRO H 171 23.45 -1.07 10.66
CA PRO H 171 24.27 -2.08 9.97
C PRO H 171 23.39 -3.16 9.34
N ALA H 172 23.56 -3.35 8.03
CA ALA H 172 22.90 -4.42 7.30
C ALA H 172 23.91 -5.53 7.03
N VAL H 173 23.66 -6.72 7.59
CA VAL H 173 24.63 -7.80 7.54
C VAL H 173 24.01 -9.00 6.82
N ASN H 174 24.87 -9.94 6.44
CA ASN H 174 24.45 -11.16 5.77
C ASN H 174 23.95 -12.19 6.77
N ILE H 175 23.41 -13.29 6.24
CA ILE H 175 23.05 -14.43 7.08
C ILE H 175 24.29 -15.04 7.71
N SER H 176 25.44 -14.96 7.01
CA SER H 176 26.67 -15.53 7.54
C SER H 176 27.12 -14.86 8.83
N TRP H 177 26.69 -13.61 9.07
CA TRP H 177 26.97 -12.97 10.35
C TRP H 177 26.27 -13.68 11.50
N LEU H 178 25.02 -14.12 11.28
CA LEU H 178 24.30 -14.85 12.32
C LEU H 178 24.89 -16.23 12.54
N LEU H 179 25.31 -16.90 11.46
CA LEU H 179 25.84 -18.25 11.59
C LEU H 179 27.21 -18.25 12.26
N GLU H 180 28.07 -17.30 11.90
CA GLU H 180 29.37 -17.21 12.53
C GLU H 180 29.24 -16.87 14.01
N THR H 181 28.28 -16.01 14.36
CA THR H 181 28.03 -15.70 15.76
C THR H 181 27.59 -16.93 16.53
N ALA H 182 26.70 -17.74 15.95
CA ALA H 182 26.20 -18.92 16.65
C ALA H 182 27.30 -19.98 16.79
N ARG H 183 28.23 -20.04 15.86
CA ARG H 183 29.28 -21.05 15.92
C ARG H 183 30.35 -20.71 16.96
N ILE H 184 30.76 -19.45 17.01
CA ILE H 184 31.82 -19.05 17.94
C ILE H 184 31.26 -18.77 19.32
N GLY H 185 29.98 -18.38 19.41
CA GLY H 185 29.41 -17.94 20.66
C GLY H 185 29.66 -16.50 21.02
N LYS H 186 30.31 -15.72 20.15
CA LYS H 186 30.54 -14.31 20.35
C LYS H 186 29.92 -13.51 19.23
N ARG H 187 29.48 -12.29 19.55
CA ARG H 187 28.90 -11.40 18.55
C ARG H 187 29.94 -11.03 17.51
N ALA H 188 29.69 -11.42 16.26
CA ALA H 188 30.66 -11.20 15.19
C ALA H 188 30.69 -9.73 14.79
N ASP H 189 31.82 -9.34 14.18
CA ASP H 189 32.01 -7.96 13.74
C ASP H 189 31.09 -7.69 12.54
N GLU H 190 30.22 -6.68 12.69
CA GLU H 190 29.28 -6.36 11.62
C GLU H 190 29.97 -5.85 10.37
N ASN H 191 31.11 -5.18 10.52
CA ASN H 191 31.83 -4.65 9.36
C ASN H 191 32.37 -5.75 8.46
N HIS H 192 32.57 -6.96 8.99
CA HIS H 192 33.06 -8.07 8.19
C HIS H 192 31.96 -8.75 7.38
N PHE H 193 30.69 -8.36 7.56
CA PHE H 193 29.59 -9.04 6.88
C PHE H 193 28.57 -8.05 6.34
N LEU H 194 28.97 -6.82 6.04
CA LEU H 194 28.06 -5.83 5.51
C LEU H 194 27.56 -6.23 4.12
N VAL H 195 26.35 -5.77 3.80
CA VAL H 195 25.75 -6.14 2.52
C VAL H 195 26.35 -5.31 1.38
N ASP H 196 26.74 -4.06 1.65
CA ASP H 196 27.36 -3.24 0.61
C ASP H 196 28.71 -3.80 0.16
N ASN H 197 29.32 -4.66 0.97
CA ASN H 197 30.61 -5.25 0.62
C ASN H 197 30.47 -6.76 0.43
N PHE I 4 14.54 18.09 -18.18
CA PHE I 4 13.65 17.98 -17.02
C PHE I 4 14.28 17.11 -15.93
N VAL I 5 14.52 17.70 -14.78
CA VAL I 5 15.13 16.98 -13.66
C VAL I 5 14.06 16.16 -12.96
N PRO I 6 14.27 14.87 -12.76
CA PRO I 6 13.28 14.05 -12.04
C PRO I 6 13.24 14.44 -10.56
N PRO I 7 12.16 14.08 -9.85
CA PRO I 7 12.08 14.40 -8.42
C PRO I 7 13.00 13.52 -7.58
N SEP I 8 13.46 14.06 -6.45
CA SEP I 8 14.36 13.35 -5.55
CB SEP I 8 15.00 14.33 -4.57
OG SEP I 8 15.53 15.44 -5.27
C SEP I 8 13.61 12.26 -4.78
O SEP I 8 12.50 12.49 -4.30
P SEP I 8 15.17 16.81 -4.51
O1P SEP I 8 13.74 17.35 -5.04
O2P SEP I 8 15.09 16.56 -2.92
O3P SEP I 8 16.30 17.91 -4.82
N PRO I 9 14.23 11.08 -4.67
CA PRO I 9 13.63 9.94 -3.96
C PRO I 9 13.47 10.19 -2.46
N PHE J 4 -2.30 -60.99 3.73
CA PHE J 4 -3.22 -61.06 4.85
C PHE J 4 -2.64 -61.93 5.98
N VAL J 5 -2.40 -61.33 7.12
CA VAL J 5 -1.82 -62.06 8.26
C VAL J 5 -2.94 -62.85 8.95
N PRO J 6 -2.77 -64.15 9.17
CA PRO J 6 -3.78 -64.92 9.89
C PRO J 6 -3.81 -64.53 11.35
N PRO J 7 -4.89 -64.85 12.08
CA PRO J 7 -4.95 -64.52 13.51
C PRO J 7 -4.05 -65.41 14.36
N SEP J 8 -3.53 -64.85 15.45
CA SEP J 8 -2.66 -65.60 16.35
CB SEP J 8 -1.96 -64.65 17.32
OG SEP J 8 -1.38 -63.55 16.63
C SEP J 8 -3.43 -66.66 17.12
O SEP J 8 -4.55 -66.41 17.58
P SEP J 8 -1.68 -62.18 17.42
O1P SEP J 8 -3.09 -61.58 16.93
O2P SEP J 8 -1.75 -62.46 19.00
O3P SEP J 8 -0.51 -61.12 17.11
N PRO J 9 -2.85 -67.85 17.28
CA PRO J 9 -3.48 -68.96 17.99
C PRO J 9 -3.66 -68.69 19.49
N PHE K 4 24.04 79.47 -46.17
CA PHE K 4 23.73 78.57 -45.06
C PHE K 4 22.29 78.75 -44.58
N VAL K 5 21.52 77.66 -44.62
CA VAL K 5 20.12 77.69 -44.22
C VAL K 5 20.01 77.49 -42.71
N PRO K 6 19.35 78.39 -41.99
CA PRO K 6 19.20 78.21 -40.54
C PRO K 6 18.30 77.03 -40.24
N PRO K 7 18.44 76.41 -39.07
CA PRO K 7 17.57 75.30 -38.67
C PRO K 7 16.11 75.73 -38.63
N SEP K 8 15.19 74.79 -38.80
CA SEP K 8 13.76 75.08 -38.81
CB SEP K 8 12.97 73.88 -39.30
OG SEP K 8 13.19 73.66 -40.69
C SEP K 8 13.25 75.52 -37.44
O SEP K 8 14.02 75.97 -36.59
P SEP K 8 13.29 72.08 -40.98
O1P SEP K 8 13.33 71.87 -42.58
O2P SEP K 8 12.01 71.33 -40.38
O3P SEP K 8 14.64 71.51 -40.32
N PHE L 4 7.69 0.87 -23.59
CA PHE L 4 7.41 -0.03 -22.48
C PHE L 4 5.98 0.17 -21.96
N VAL L 5 5.23 -0.93 -21.90
CA VAL L 5 3.83 -0.89 -21.48
C VAL L 5 3.73 -1.12 -19.97
N PRO L 6 3.02 -0.25 -19.25
CA PRO L 6 2.83 -0.48 -17.81
C PRO L 6 1.93 -1.68 -17.58
N PRO L 7 2.07 -2.34 -16.43
CA PRO L 7 1.18 -3.47 -16.09
C PRO L 7 -0.27 -3.03 -15.92
N SEP L 8 -1.18 -3.97 -16.06
CA SEP L 8 -2.60 -3.72 -15.83
CB SEP L 8 -3.42 -4.99 -16.09
OG SEP L 8 -3.63 -5.18 -17.48
C SEP L 8 -2.83 -3.23 -14.39
O SEP L 8 -2.03 -3.51 -13.50
P SEP L 8 -2.87 -6.48 -18.03
O1P SEP L 8 -3.80 -7.77 -17.81
O2P SEP L 8 -1.49 -6.66 -17.21
O3P SEP L 8 -2.55 -6.31 -19.60
N PRO L 9 -3.91 -2.45 -14.17
CA PRO L 9 -4.19 -2.00 -12.81
C PRO L 9 -4.63 -3.13 -11.91
N GLU L 10 -4.38 -2.98 -10.62
CA GLU L 10 -4.82 -3.98 -9.65
C GLU L 10 -6.34 -4.06 -9.64
N GLU L 11 -6.85 -5.14 -9.05
CA GLU L 11 -8.29 -5.28 -8.89
C GLU L 11 -8.85 -4.47 -7.74
N ILE L 12 -8.00 -3.72 -7.03
CA ILE L 12 -8.42 -2.88 -5.91
C ILE L 12 -7.63 -1.58 -5.96
N ILE L 13 -8.33 -0.47 -6.14
CA ILE L 13 -7.72 0.86 -6.11
C ILE L 13 -8.51 1.77 -5.19
#